data_9KBA
#
_entry.id   9KBA
#
_entity_poly.entity_id   1
_entity_poly.type   'polypeptide(L)'
_entity_poly.pdbx_seq_one_letter_code
;MDPFLIKLIGFAAATCTTVAYAPQFIKVLKTRSARDISLGMFLVMVLGLALWLIYGLLSGDAPLIASNAVTMLLAGGILV
MKLRYG
;
_entity_poly.pdbx_strand_id   A,B
#
# COMPACT_ATOMS: atom_id res chain seq x y z
N MET A 1 7.93 26.85 3.75
CA MET A 1 8.75 25.77 4.34
C MET A 1 7.89 24.54 4.58
N ASP A 2 7.44 23.91 3.49
CA ASP A 2 6.60 22.73 3.59
C ASP A 2 5.56 22.88 4.70
N PRO A 3 4.55 23.69 4.48
CA PRO A 3 3.48 23.92 5.50
C PRO A 3 2.83 22.62 5.96
N PHE A 4 2.60 22.52 7.25
CA PHE A 4 1.97 21.34 7.83
C PHE A 4 0.54 21.19 7.33
N LEU A 5 -0.05 22.29 6.89
CA LEU A 5 -1.42 22.26 6.41
C LEU A 5 -1.54 21.25 5.25
N ILE A 6 -0.48 21.13 4.45
CA ILE A 6 -0.49 20.21 3.32
C ILE A 6 -0.66 18.77 3.80
N LYS A 7 0.08 18.41 4.86
CA LYS A 7 0.00 17.06 5.41
C LYS A 7 -1.43 16.74 5.84
N LEU A 8 -2.07 17.72 6.48
CA LEU A 8 -3.43 17.53 6.97
C LEU A 8 -4.38 17.24 5.82
N ILE A 9 -4.26 17.97 4.73
CA ILE A 9 -5.14 17.77 3.58
C ILE A 9 -4.94 16.37 3.01
N GLY A 10 -3.68 15.96 2.88
CA GLY A 10 -3.36 14.65 2.33
C GLY A 10 -3.96 13.54 3.18
N PHE A 11 -3.84 13.68 4.49
CA PHE A 11 -4.39 12.68 5.41
C PHE A 11 -5.90 12.58 5.25
N ALA A 12 -6.56 13.72 5.17
CA ALA A 12 -8.01 13.73 5.01
C ALA A 12 -8.43 12.88 3.82
N ALA A 13 -7.75 13.04 2.69
CA ALA A 13 -8.08 12.26 1.50
C ALA A 13 -7.67 10.80 1.67
N ALA A 14 -6.44 10.60 2.13
CA ALA A 14 -5.90 9.26 2.35
C ALA A 14 -6.69 8.51 3.43
N THR A 15 -7.49 9.26 4.17
CA THR A 15 -8.29 8.68 5.25
C THR A 15 -9.21 7.58 4.70
N CYS A 16 -9.71 7.79 3.50
CA CYS A 16 -10.61 6.83 2.89
C CYS A 16 -9.95 5.46 2.80
N THR A 17 -8.76 5.42 2.20
CA THR A 17 -8.03 4.16 2.08
C THR A 17 -7.48 3.70 3.43
N THR A 18 -6.94 4.64 4.20
CA THR A 18 -6.37 4.29 5.49
C THR A 18 -7.42 3.65 6.39
N VAL A 19 -8.60 4.27 6.47
CA VAL A 19 -9.67 3.75 7.30
C VAL A 19 -10.16 2.42 6.77
N ALA A 20 -10.32 2.33 5.44
CA ALA A 20 -10.78 1.09 4.79
C ALA A 20 -9.69 0.03 4.78
N TYR A 21 -8.44 0.47 4.65
CA TYR A 21 -7.31 -0.45 4.62
C TYR A 21 -7.16 -1.25 5.92
N ALA A 22 -7.34 -0.57 7.06
CA ALA A 22 -7.18 -1.25 8.34
C ALA A 22 -8.10 -2.50 8.44
N PRO A 23 -9.40 -2.35 8.27
CA PRO A 23 -10.34 -3.52 8.32
C PRO A 23 -10.08 -4.51 7.18
N GLN A 24 -9.60 -3.99 6.05
CA GLN A 24 -9.31 -4.84 4.90
C GLN A 24 -8.17 -5.79 5.23
N PHE A 25 -7.25 -5.32 6.08
CA PHE A 25 -6.11 -6.14 6.46
C PHE A 25 -6.58 -7.41 7.18
N ILE A 26 -7.54 -7.24 8.09
CA ILE A 26 -8.06 -8.37 8.85
C ILE A 26 -8.75 -9.36 7.90
N LYS A 27 -9.52 -8.83 6.96
CA LYS A 27 -10.24 -9.68 6.01
C LYS A 27 -9.27 -10.55 5.22
N VAL A 28 -8.10 -10.01 4.90
CA VAL A 28 -7.10 -10.77 4.16
C VAL A 28 -6.71 -12.03 4.93
N LEU A 29 -6.72 -11.94 6.25
CA LEU A 29 -6.37 -13.08 7.08
C LEU A 29 -7.35 -14.24 6.88
N LYS A 30 -8.62 -13.90 6.71
CA LYS A 30 -9.66 -14.91 6.50
C LYS A 30 -9.73 -15.34 5.03
N THR A 31 -8.79 -14.84 4.23
CA THR A 31 -8.77 -15.16 2.81
C THR A 31 -8.35 -16.61 2.59
N ARG A 32 -8.15 -17.34 3.68
CA ARG A 32 -7.73 -18.73 3.60
C ARG A 32 -6.39 -18.86 2.88
N SER A 33 -5.38 -18.15 3.40
CA SER A 33 -4.06 -18.18 2.78
C SER A 33 -3.32 -19.46 3.18
N ALA A 34 -2.41 -19.90 2.32
CA ALA A 34 -1.63 -21.11 2.57
C ALA A 34 -0.22 -20.79 3.07
N ARG A 35 0.37 -21.73 3.77
CA ARG A 35 1.72 -21.58 4.29
C ARG A 35 2.72 -21.51 3.14
N ASP A 36 2.34 -22.08 2.01
CA ASP A 36 3.23 -22.13 0.85
C ASP A 36 3.39 -20.75 0.22
N ILE A 37 2.83 -19.74 0.88
CA ILE A 37 2.94 -18.37 0.39
C ILE A 37 4.27 -17.77 0.84
N SER A 38 4.94 -17.08 -0.08
CA SER A 38 6.23 -16.48 0.22
C SER A 38 6.08 -15.28 1.16
N LEU A 39 6.33 -15.52 2.43
CA LEU A 39 6.23 -14.47 3.44
C LEU A 39 7.28 -13.40 3.19
N GLY A 40 8.32 -13.75 2.44
CA GLY A 40 9.40 -12.83 2.14
C GLY A 40 8.86 -11.57 1.46
N MET A 41 7.80 -11.73 0.68
CA MET A 41 7.21 -10.60 -0.02
C MET A 41 6.70 -9.56 0.98
N PHE A 42 6.05 -10.04 2.03
CA PHE A 42 5.52 -9.15 3.06
C PHE A 42 6.64 -8.49 3.84
N LEU A 43 7.72 -9.25 4.08
CA LEU A 43 8.86 -8.72 4.82
C LEU A 43 9.47 -7.54 4.08
N VAL A 44 9.59 -7.65 2.76
CA VAL A 44 10.16 -6.58 1.95
C VAL A 44 9.28 -5.34 2.04
N MET A 45 7.96 -5.53 1.97
CA MET A 45 7.01 -4.42 2.03
C MET A 45 7.22 -3.64 3.32
N VAL A 46 7.43 -4.35 4.42
CA VAL A 46 7.64 -3.71 5.71
C VAL A 46 8.89 -2.85 5.67
N LEU A 47 9.94 -3.36 5.04
CA LEU A 47 11.20 -2.62 4.96
C LEU A 47 10.99 -1.28 4.25
N GLY A 48 10.22 -1.31 3.16
CA GLY A 48 9.96 -0.08 2.42
C GLY A 48 9.18 0.91 3.27
N LEU A 49 8.24 0.39 4.06
CA LEU A 49 7.44 1.24 4.94
C LEU A 49 8.32 1.96 5.96
N ALA A 50 9.28 1.23 6.53
CA ALA A 50 10.17 1.82 7.51
C ALA A 50 10.94 2.99 6.90
N LEU A 51 11.41 2.80 5.68
CA LEU A 51 12.16 3.84 4.98
C LEU A 51 11.23 4.99 4.58
N TRP A 52 10.00 4.64 4.20
CA TRP A 52 9.01 5.65 3.80
C TRP A 52 8.80 6.64 4.93
N LEU A 53 8.92 6.16 6.18
CA LEU A 53 8.73 7.04 7.32
C LEU A 53 9.72 8.20 7.27
N ILE A 54 10.97 7.88 6.95
CA ILE A 54 12.01 8.91 6.87
C ILE A 54 11.69 9.88 5.73
N TYR A 55 11.33 9.34 4.58
CA TYR A 55 11.00 10.16 3.43
C TYR A 55 9.77 11.00 3.74
N GLY A 56 8.81 10.39 4.42
CA GLY A 56 7.58 11.07 4.78
C GLY A 56 7.87 12.29 5.66
N LEU A 57 8.77 12.12 6.62
CA LEU A 57 9.14 13.22 7.51
C LEU A 57 9.79 14.34 6.71
N LEU A 58 10.62 13.95 5.75
CA LEU A 58 11.32 14.94 4.93
C LEU A 58 10.31 15.79 4.16
N SER A 59 9.20 15.18 3.75
CA SER A 59 8.17 15.89 3.02
C SER A 59 7.15 16.50 3.98
N GLY A 60 7.18 16.04 5.23
CA GLY A 60 6.26 16.54 6.24
C GLY A 60 4.84 16.03 6.01
N ASP A 61 4.73 14.96 5.22
CA ASP A 61 3.44 14.37 4.90
C ASP A 61 2.94 13.48 6.03
N ALA A 62 1.64 13.56 6.33
CA ALA A 62 1.03 12.77 7.39
C ALA A 62 0.63 11.37 6.89
N PRO A 63 0.05 11.26 5.71
CA PRO A 63 -0.39 9.92 5.20
C PRO A 63 0.72 8.87 5.30
N LEU A 64 1.95 9.23 4.90
CA LEU A 64 3.04 8.27 4.97
C LEU A 64 3.37 7.94 6.44
N ILE A 65 3.42 8.97 7.28
CA ILE A 65 3.72 8.77 8.70
C ILE A 65 2.63 7.99 9.40
N ALA A 66 1.38 8.40 9.18
CA ALA A 66 0.24 7.73 9.81
C ALA A 66 0.10 6.32 9.27
N SER A 67 0.34 6.15 7.98
CA SER A 67 0.24 4.84 7.35
C SER A 67 1.24 3.87 7.98
N ASN A 68 2.46 4.34 8.21
CA ASN A 68 3.49 3.51 8.80
C ASN A 68 3.08 3.05 10.20
N ALA A 69 2.55 3.97 10.99
CA ALA A 69 2.12 3.64 12.35
C ALA A 69 0.94 2.68 12.33
N VAL A 70 -0.05 2.99 11.49
CA VAL A 70 -1.24 2.15 11.39
C VAL A 70 -0.88 0.77 10.86
N THR A 71 -0.04 0.73 9.84
CA THR A 71 0.38 -0.52 9.24
C THR A 71 1.08 -1.40 10.27
N MET A 72 1.96 -0.79 11.07
CA MET A 72 2.68 -1.55 12.08
C MET A 72 1.72 -2.23 13.04
N LEU A 73 0.71 -1.51 13.49
CA LEU A 73 -0.26 -2.07 14.43
C LEU A 73 -1.14 -3.13 13.75
N LEU A 74 -1.71 -2.76 12.60
CA LEU A 74 -2.55 -3.67 11.83
C LEU A 74 -1.75 -4.86 11.30
N ALA A 75 -0.51 -4.60 10.95
CA ALA A 75 0.37 -5.65 10.43
C ALA A 75 0.39 -6.84 11.38
N GLY A 76 0.14 -6.59 12.66
CA GLY A 76 0.14 -7.66 13.67
C GLY A 76 -0.45 -8.96 13.11
N GLY A 77 -1.27 -8.84 12.07
CA GLY A 77 -1.89 -10.01 11.45
C GLY A 77 -0.82 -10.97 10.90
N ILE A 78 0.45 -10.58 11.06
CA ILE A 78 1.57 -11.41 10.60
C ILE A 78 1.58 -12.72 11.37
N LEU A 79 1.33 -12.65 12.67
CA LEU A 79 1.33 -13.83 13.51
C LEU A 79 0.29 -14.83 13.00
N VAL A 80 -0.86 -14.32 12.58
CA VAL A 80 -1.91 -15.18 12.05
C VAL A 80 -1.41 -15.92 10.81
N MET A 81 -0.75 -15.19 9.92
CA MET A 81 -0.23 -15.80 8.69
C MET A 81 0.87 -16.82 9.02
N LYS A 82 1.71 -16.48 10.00
CA LYS A 82 2.80 -17.37 10.41
C LYS A 82 2.24 -18.67 10.99
N LEU A 83 1.01 -18.62 11.49
CA LEU A 83 0.38 -19.79 12.07
C LEU A 83 0.28 -20.90 11.04
N ARG A 84 0.07 -20.53 9.79
CA ARG A 84 -0.07 -21.50 8.71
C ARG A 84 1.19 -22.34 8.61
N TYR A 85 2.34 -21.74 8.92
CA TYR A 85 3.60 -22.46 8.86
C TYR A 85 3.61 -23.62 9.83
N GLY A 86 4.11 -24.77 9.37
CA GLY A 86 4.16 -25.96 10.21
C GLY A 86 2.76 -26.45 10.56
N MET B 1 13.22 24.55 -4.51
CA MET B 1 11.86 24.35 -5.09
C MET B 1 11.60 22.85 -5.29
N ASP B 2 11.50 22.13 -4.18
CA ASP B 2 11.27 20.69 -4.23
C ASP B 2 12.10 20.04 -5.34
N PRO B 3 13.38 19.92 -5.13
CA PRO B 3 14.29 19.30 -6.13
C PRO B 3 13.84 17.91 -6.56
N PHE B 4 13.93 17.64 -7.85
CA PHE B 4 13.54 16.34 -8.40
C PHE B 4 14.45 15.24 -7.87
N LEU B 5 15.64 15.62 -7.47
CA LEU B 5 16.59 14.64 -6.96
C LEU B 5 15.99 13.87 -5.77
N ILE B 6 15.16 14.56 -4.99
CA ILE B 6 14.53 13.92 -3.83
C ILE B 6 13.63 12.77 -4.27
N LYS B 7 12.85 13.00 -5.33
CA LYS B 7 11.95 11.98 -5.83
C LYS B 7 12.73 10.74 -6.25
N LEU B 8 13.86 10.97 -6.91
CA LEU B 8 14.69 9.86 -7.38
C LEU B 8 15.18 9.00 -6.22
N ILE B 9 15.62 9.64 -5.15
CA ILE B 9 16.11 8.91 -3.99
C ILE B 9 14.99 8.08 -3.37
N GLY B 10 13.82 8.67 -3.25
CA GLY B 10 12.67 7.97 -2.66
C GLY B 10 12.31 6.74 -3.49
N PHE B 11 12.31 6.90 -4.81
CA PHE B 11 11.98 5.78 -5.69
C PHE B 11 12.98 4.64 -5.51
N ALA B 12 14.26 4.99 -5.45
CA ALA B 12 15.30 4.00 -5.28
C ALA B 12 15.01 3.12 -4.07
N ALA B 13 14.66 3.74 -2.94
CA ALA B 13 14.36 2.98 -1.73
C ALA B 13 13.03 2.23 -1.87
N ALA B 14 12.00 2.93 -2.33
CA ALA B 14 10.68 2.36 -2.52
C ALA B 14 10.70 1.25 -3.58
N THR B 15 11.79 1.19 -4.33
CA THR B 15 11.93 0.19 -5.38
C THR B 15 11.83 -1.21 -4.80
N CYS B 16 12.34 -1.39 -3.60
CA CYS B 16 12.32 -2.69 -2.95
C CYS B 16 10.87 -3.19 -2.84
N THR B 17 10.01 -2.38 -2.26
CA THR B 17 8.61 -2.75 -2.10
C THR B 17 7.88 -2.73 -3.44
N THR B 18 8.15 -1.70 -4.24
CA THR B 18 7.49 -1.58 -5.53
C THR B 18 7.78 -2.79 -6.41
N VAL B 19 9.05 -3.17 -6.49
CA VAL B 19 9.44 -4.33 -7.30
C VAL B 19 8.85 -5.61 -6.72
N ALA B 20 8.91 -5.75 -5.39
CA ALA B 20 8.39 -6.94 -4.71
C ALA B 20 6.85 -6.92 -4.68
N TYR B 21 6.28 -5.73 -4.58
CA TYR B 21 4.83 -5.58 -4.53
C TYR B 21 4.15 -6.07 -5.81
N ALA B 22 4.73 -5.75 -6.96
CA ALA B 22 4.13 -6.16 -8.23
C ALA B 22 3.91 -7.69 -8.28
N PRO B 23 4.93 -8.50 -8.11
CA PRO B 23 4.79 -9.99 -8.11
C PRO B 23 3.92 -10.48 -6.95
N GLN B 24 3.95 -9.75 -5.85
CA GLN B 24 3.16 -10.12 -4.68
C GLN B 24 1.68 -10.00 -4.99
N PHE B 25 1.34 -9.04 -5.86
CA PHE B 25 -0.05 -8.83 -6.24
C PHE B 25 -0.61 -10.07 -6.92
N ILE B 26 0.17 -10.66 -7.82
CA ILE B 26 -0.26 -11.85 -8.55
C ILE B 26 -0.45 -13.01 -7.56
N LYS B 27 0.48 -13.15 -6.63
CA LYS B 27 0.41 -14.23 -5.66
C LYS B 27 -0.89 -14.15 -4.86
N VAL B 28 -1.34 -12.94 -4.57
CA VAL B 28 -2.57 -12.75 -3.81
C VAL B 28 -3.74 -13.39 -4.54
N LEU B 29 -3.69 -13.36 -5.87
CA LEU B 29 -4.75 -13.95 -6.68
C LEU B 29 -4.87 -15.46 -6.43
N LYS B 30 -3.72 -16.11 -6.25
CA LYS B 30 -3.69 -17.56 -6.02
C LYS B 30 -3.92 -17.87 -4.54
N THR B 31 -4.24 -16.84 -3.76
CA THR B 31 -4.47 -17.01 -2.33
C THR B 31 -5.79 -17.74 -2.08
N ARG B 32 -6.45 -18.15 -3.15
CA ARG B 32 -7.72 -18.84 -3.03
C ARG B 32 -8.75 -17.96 -2.32
N SER B 33 -8.98 -16.77 -2.88
CA SER B 33 -9.94 -15.84 -2.27
C SER B 33 -11.36 -16.24 -2.65
N ALA B 34 -12.31 -15.88 -1.79
CA ALA B 34 -13.72 -16.21 -2.02
C ALA B 34 -14.50 -15.00 -2.53
N ARG B 35 -15.59 -15.28 -3.23
CA ARG B 35 -16.45 -14.22 -3.76
C ARG B 35 -17.10 -13.45 -2.62
N ASP B 36 -17.22 -14.09 -1.47
CA ASP B 36 -17.88 -13.47 -0.31
C ASP B 36 -17.01 -12.36 0.27
N ILE B 37 -15.90 -12.05 -0.41
CA ILE B 37 -15.01 -10.99 0.05
C ILE B 37 -15.54 -9.64 -0.43
N SER B 38 -15.53 -8.65 0.46
CA SER B 38 -16.02 -7.33 0.13
C SER B 38 -15.09 -6.61 -0.82
N LEU B 39 -15.45 -6.63 -2.10
CA LEU B 39 -14.64 -5.98 -3.13
C LEU B 39 -14.64 -4.47 -2.92
N GLY B 40 -15.61 -3.98 -2.17
CA GLY B 40 -15.73 -2.56 -1.91
C GLY B 40 -14.46 -2.03 -1.26
N MET B 41 -13.80 -2.86 -0.46
CA MET B 41 -12.58 -2.46 0.22
C MET B 41 -11.49 -2.10 -0.81
N PHE B 42 -11.38 -2.93 -1.83
CA PHE B 42 -10.39 -2.70 -2.88
C PHE B 42 -10.74 -1.46 -3.69
N LEU B 43 -12.04 -1.24 -3.92
CA LEU B 43 -12.49 -0.09 -4.69
C LEU B 43 -12.07 1.21 -3.99
N VAL B 44 -12.23 1.23 -2.67
CA VAL B 44 -11.86 2.41 -1.89
C VAL B 44 -10.37 2.68 -1.99
N MET B 45 -9.58 1.61 -1.90
CA MET B 45 -8.13 1.74 -1.99
C MET B 45 -7.72 2.41 -3.30
N VAL B 46 -8.39 2.02 -4.38
CA VAL B 46 -8.10 2.59 -5.69
C VAL B 46 -8.38 4.08 -5.70
N LEU B 47 -9.48 4.48 -5.06
CA LEU B 47 -9.86 5.89 -5.01
C LEU B 47 -8.76 6.71 -4.32
N GLY B 48 -8.21 6.18 -3.23
CA GLY B 48 -7.16 6.88 -2.52
C GLY B 48 -5.92 7.02 -3.39
N LEU B 49 -5.62 5.97 -4.16
CA LEU B 49 -4.46 5.98 -5.04
C LEU B 49 -4.60 7.09 -6.09
N ALA B 50 -5.79 7.22 -6.65
CA ALA B 50 -6.03 8.26 -7.66
C ALA B 50 -5.74 9.64 -7.09
N LEU B 51 -6.21 9.87 -5.87
CA LEU B 51 -5.99 11.14 -5.20
C LEU B 51 -4.52 11.31 -4.83
N TRP B 52 -3.88 10.22 -4.42
CA TRP B 52 -2.48 10.25 -4.04
C TRP B 52 -1.64 10.77 -5.20
N LEU B 53 -2.07 10.49 -6.42
CA LEU B 53 -1.33 10.95 -7.60
C LEU B 53 -1.23 12.48 -7.58
N ILE B 54 -2.32 13.14 -7.27
CA ILE B 54 -2.34 14.60 -7.22
C ILE B 54 -1.42 15.10 -6.10
N TYR B 55 -1.54 14.49 -4.93
CA TYR B 55 -0.71 14.87 -3.80
C TYR B 55 0.76 14.59 -4.12
N GLY B 56 1.00 13.46 -4.77
CA GLY B 56 2.36 13.07 -5.14
C GLY B 56 2.99 14.12 -6.05
N LEU B 57 2.22 14.60 -7.02
CA LEU B 57 2.73 15.61 -7.94
C LEU B 57 3.06 16.89 -7.17
N LEU B 58 2.20 17.25 -6.22
CA LEU B 58 2.42 18.45 -5.43
C LEU B 58 3.73 18.36 -4.66
N SER B 59 4.09 17.16 -4.24
CA SER B 59 5.35 16.96 -3.51
C SER B 59 6.49 16.65 -4.48
N GLY B 60 6.12 16.30 -5.72
CA GLY B 60 7.12 15.99 -6.73
C GLY B 60 7.76 14.64 -6.47
N ASP B 61 7.10 13.82 -5.65
CA ASP B 61 7.62 12.50 -5.30
C ASP B 61 7.33 11.49 -6.41
N ALA B 62 8.31 10.63 -6.68
CA ALA B 62 8.17 9.60 -7.73
C ALA B 62 7.48 8.35 -7.19
N PRO B 63 7.83 7.88 -6.00
CA PRO B 63 7.21 6.65 -5.45
C PRO B 63 5.68 6.67 -5.53
N LEU B 64 5.06 7.79 -5.15
CA LEU B 64 3.61 7.88 -5.22
C LEU B 64 3.13 7.84 -6.67
N ILE B 65 3.80 8.59 -7.53
CA ILE B 65 3.42 8.63 -8.96
C ILE B 65 3.66 7.28 -9.63
N ALA B 66 4.83 6.71 -9.41
CA ALA B 66 5.17 5.41 -10.00
C ALA B 66 4.27 4.32 -9.43
N SER B 67 4.00 4.40 -8.14
CA SER B 67 3.16 3.42 -7.48
C SER B 67 1.76 3.41 -8.09
N ASN B 68 1.23 4.60 -8.35
CA ASN B 68 -0.11 4.72 -8.93
C ASN B 68 -0.15 4.07 -10.31
N ALA B 69 0.87 4.34 -11.12
CA ALA B 69 0.92 3.76 -12.46
C ALA B 69 1.09 2.24 -12.41
N VAL B 70 2.02 1.79 -11.57
CA VAL B 70 2.27 0.36 -11.44
C VAL B 70 1.05 -0.35 -10.87
N THR B 71 0.45 0.24 -9.85
CA THR B 71 -0.74 -0.34 -9.23
C THR B 71 -1.87 -0.50 -10.24
N MET B 72 -2.07 0.53 -11.06
CA MET B 72 -3.12 0.48 -12.06
C MET B 72 -2.94 -0.70 -13.00
N LEU B 73 -1.71 -0.93 -13.46
CA LEU B 73 -1.42 -2.03 -14.36
C LEU B 73 -1.54 -3.37 -13.64
N LEU B 74 -0.86 -3.49 -12.50
CA LEU B 74 -0.90 -4.71 -11.71
C LEU B 74 -2.30 -4.97 -11.16
N ALA B 75 -3.00 -3.90 -10.83
CA ALA B 75 -4.34 -4.02 -10.29
C ALA B 75 -5.21 -4.88 -11.20
N GLY B 76 -4.87 -4.91 -12.49
CA GLY B 76 -5.63 -5.69 -13.47
C GLY B 76 -6.12 -7.02 -12.88
N GLY B 77 -5.44 -7.48 -11.82
CA GLY B 77 -5.82 -8.73 -11.17
C GLY B 77 -7.25 -8.64 -10.61
N ILE B 78 -7.88 -7.48 -10.79
CA ILE B 78 -9.26 -7.27 -10.31
C ILE B 78 -10.20 -8.22 -11.05
N LEU B 79 -9.98 -8.37 -12.36
CA LEU B 79 -10.82 -9.23 -13.17
C LEU B 79 -10.78 -10.66 -12.61
N VAL B 80 -9.60 -11.09 -12.20
CA VAL B 80 -9.45 -12.44 -11.64
C VAL B 80 -10.32 -12.58 -10.39
N MET B 81 -10.26 -11.58 -9.52
CA MET B 81 -11.05 -11.60 -8.29
C MET B 81 -12.55 -11.57 -8.59
N LYS B 82 -12.92 -10.77 -9.59
CA LYS B 82 -14.31 -10.64 -9.99
C LYS B 82 -14.84 -11.96 -10.53
N LEU B 83 -13.94 -12.80 -11.02
CA LEU B 83 -14.32 -14.10 -11.56
C LEU B 83 -15.02 -14.94 -10.50
N ARG B 84 -14.59 -14.79 -9.26
CA ARG B 84 -15.16 -15.54 -8.15
C ARG B 84 -16.66 -15.25 -8.05
N TYR B 85 -17.05 -14.03 -8.38
CA TYR B 85 -18.45 -13.64 -8.32
C TYR B 85 -19.29 -14.50 -9.27
N GLY B 86 -20.45 -14.94 -8.78
CA GLY B 86 -21.33 -15.78 -9.59
C GLY B 86 -20.67 -17.12 -9.91
N MET A 1 6.14 22.96 11.58
CA MET A 1 4.94 22.87 12.44
C MET A 1 3.70 23.25 11.63
N ASP A 2 3.65 24.50 11.19
CA ASP A 2 2.51 24.98 10.40
C ASP A 2 2.40 24.16 9.11
N PRO A 3 3.49 23.97 8.41
CA PRO A 3 3.49 23.21 7.12
C PRO A 3 2.86 21.83 7.28
N PHE A 4 3.18 21.16 8.37
CA PHE A 4 2.64 19.83 8.64
C PHE A 4 1.14 19.91 8.86
N LEU A 5 0.70 20.97 9.52
CA LEU A 5 -0.72 21.14 9.81
C LEU A 5 -1.51 21.17 8.51
N ILE A 6 -1.02 21.89 7.52
CA ILE A 6 -1.71 21.99 6.23
C ILE A 6 -1.75 20.63 5.53
N LYS A 7 -0.60 19.98 5.46
CA LYS A 7 -0.50 18.69 4.81
C LYS A 7 -1.32 17.65 5.56
N LEU A 8 -1.53 17.90 6.84
CA LEU A 8 -2.29 16.98 7.68
C LEU A 8 -3.68 16.75 7.09
N ILE A 9 -4.22 17.78 6.47
CA ILE A 9 -5.55 17.68 5.87
C ILE A 9 -5.62 16.46 4.95
N GLY A 10 -4.53 16.20 4.24
CA GLY A 10 -4.48 15.06 3.33
C GLY A 10 -4.82 13.77 4.07
N PHE A 11 -4.63 13.77 5.37
CA PHE A 11 -4.93 12.59 6.18
C PHE A 11 -6.41 12.23 6.07
N ALA A 12 -7.27 13.24 6.08
CA ALA A 12 -8.70 13.00 5.99
C ALA A 12 -9.03 12.13 4.79
N ALA A 13 -8.50 12.50 3.62
CA ALA A 13 -8.74 11.73 2.40
C ALA A 13 -7.99 10.40 2.45
N ALA A 14 -6.77 10.43 2.97
CA ALA A 14 -5.94 9.24 3.07
C ALA A 14 -6.57 8.22 4.01
N THR A 15 -7.56 8.68 4.78
CA THR A 15 -8.23 7.80 5.72
C THR A 15 -8.87 6.63 5.01
N CYS A 16 -9.41 6.90 3.81
CA CYS A 16 -10.05 5.85 3.03
C CYS A 16 -9.06 4.75 2.70
N THR A 17 -7.82 5.14 2.41
CA THR A 17 -6.80 4.15 2.08
C THR A 17 -6.55 3.23 3.26
N THR A 18 -6.29 3.81 4.43
CA THR A 18 -6.03 3.02 5.63
C THR A 18 -7.30 2.26 6.05
N VAL A 19 -8.42 2.96 6.03
CA VAL A 19 -9.69 2.35 6.41
C VAL A 19 -10.01 1.19 5.50
N ALA A 20 -9.64 1.31 4.22
CA ALA A 20 -9.89 0.25 3.24
C ALA A 20 -8.94 -0.93 3.47
N TYR A 21 -7.74 -0.63 3.94
CA TYR A 21 -6.75 -1.68 4.21
C TYR A 21 -7.19 -2.63 5.32
N ALA A 22 -7.76 -2.10 6.40
CA ALA A 22 -8.17 -2.96 7.52
C ALA A 22 -9.13 -4.07 7.02
N PRO A 23 -10.20 -3.74 6.34
CA PRO A 23 -11.14 -4.74 5.79
C PRO A 23 -10.41 -5.79 4.95
N GLN A 24 -9.42 -5.36 4.16
CA GLN A 24 -8.69 -6.28 3.32
C GLN A 24 -7.98 -7.34 4.16
N PHE A 25 -7.37 -6.90 5.26
CA PHE A 25 -6.66 -7.81 6.15
C PHE A 25 -7.64 -8.77 6.82
N ILE A 26 -8.82 -8.26 7.16
CA ILE A 26 -9.84 -9.07 7.79
C ILE A 26 -10.36 -10.15 6.84
N LYS A 27 -10.60 -9.76 5.59
CA LYS A 27 -11.13 -10.69 4.60
C LYS A 27 -10.18 -11.87 4.38
N VAL A 28 -8.90 -11.58 4.19
CA VAL A 28 -7.93 -12.64 3.97
C VAL A 28 -7.82 -13.53 5.21
N LEU A 29 -7.96 -12.91 6.37
CA LEU A 29 -7.87 -13.67 7.61
C LEU A 29 -9.00 -14.69 7.71
N LYS A 30 -10.21 -14.26 7.39
CA LYS A 30 -11.36 -15.16 7.44
C LYS A 30 -11.39 -16.06 6.21
N THR A 31 -10.56 -15.73 5.24
CA THR A 31 -10.49 -16.53 4.02
C THR A 31 -9.76 -17.83 4.27
N ARG A 32 -9.13 -17.95 5.45
CA ARG A 32 -8.41 -19.17 5.79
C ARG A 32 -7.29 -19.44 4.80
N SER A 33 -6.35 -18.50 4.70
CA SER A 33 -5.25 -18.64 3.76
C SER A 33 -4.22 -19.64 4.30
N ALA A 34 -3.53 -20.32 3.39
CA ALA A 34 -2.55 -21.31 3.76
C ALA A 34 -1.33 -20.69 4.44
N ARG A 35 -0.83 -21.36 5.46
CA ARG A 35 0.34 -20.91 6.17
C ARG A 35 1.58 -21.00 5.29
N ASP A 36 1.50 -21.86 4.28
CA ASP A 36 2.63 -22.10 3.39
C ASP A 36 2.93 -20.87 2.54
N ILE A 37 2.27 -19.75 2.85
CA ILE A 37 2.51 -18.51 2.14
C ILE A 37 3.76 -17.83 2.72
N SER A 38 4.65 -17.43 1.83
CA SER A 38 5.88 -16.77 2.24
C SER A 38 5.60 -15.35 2.74
N LEU A 39 5.54 -15.21 4.05
CA LEU A 39 5.31 -13.92 4.68
C LEU A 39 6.48 -12.99 4.40
N GLY A 40 7.61 -13.58 4.01
CA GLY A 40 8.81 -12.79 3.75
C GLY A 40 8.54 -11.71 2.71
N MET A 41 7.57 -11.97 1.84
CA MET A 41 7.21 -11.00 0.80
C MET A 41 6.69 -9.72 1.45
N PHE A 42 5.85 -9.88 2.47
CA PHE A 42 5.29 -8.73 3.18
C PHE A 42 6.39 -8.00 3.94
N LEU A 43 7.34 -8.77 4.47
CA LEU A 43 8.44 -8.18 5.23
C LEU A 43 9.25 -7.24 4.34
N VAL A 44 9.50 -7.68 3.11
CA VAL A 44 10.27 -6.87 2.18
C VAL A 44 9.52 -5.59 1.85
N MET A 45 8.21 -5.70 1.68
CA MET A 45 7.38 -4.55 1.37
C MET A 45 7.53 -3.49 2.45
N VAL A 46 7.57 -3.93 3.70
CA VAL A 46 7.72 -3.02 4.82
C VAL A 46 9.07 -2.31 4.75
N LEU A 47 10.10 -3.06 4.38
CA LEU A 47 11.45 -2.49 4.28
C LEU A 47 11.46 -1.33 3.29
N GLY A 48 10.77 -1.51 2.16
CA GLY A 48 10.73 -0.46 1.15
C GLY A 48 10.07 0.79 1.70
N LEU A 49 8.98 0.60 2.43
CA LEU A 49 8.26 1.72 3.02
C LEU A 49 9.15 2.43 4.04
N ALA A 50 9.87 1.64 4.84
CA ALA A 50 10.73 2.20 5.86
C ALA A 50 11.76 3.12 5.22
N LEU A 51 12.37 2.66 4.14
CA LEU A 51 13.37 3.47 3.45
C LEU A 51 12.73 4.70 2.82
N TRP A 52 11.54 4.51 2.25
CA TRP A 52 10.81 5.60 1.62
C TRP A 52 10.49 6.68 2.66
N LEU A 53 10.48 6.28 3.93
CA LEU A 53 10.16 7.20 5.00
C LEU A 53 11.14 8.38 4.98
N ILE A 54 12.40 8.09 4.68
CA ILE A 54 13.41 9.14 4.64
C ILE A 54 13.02 10.20 3.61
N TYR A 55 12.63 9.76 2.42
CA TYR A 55 12.21 10.68 1.37
C TYR A 55 10.95 11.41 1.80
N GLY A 56 10.08 10.71 2.52
CA GLY A 56 8.84 11.32 2.99
C GLY A 56 9.13 12.54 3.86
N LEU A 57 10.18 12.44 4.66
CA LEU A 57 10.58 13.54 5.53
C LEU A 57 10.99 14.73 4.69
N LEU A 58 11.69 14.47 3.60
CA LEU A 58 12.13 15.55 2.73
C LEU A 58 10.92 16.29 2.17
N SER A 59 9.85 15.57 1.94
CA SER A 59 8.63 16.17 1.42
C SER A 59 7.86 16.85 2.53
N GLY A 60 8.18 16.51 3.77
CA GLY A 60 7.50 17.08 4.92
C GLY A 60 6.07 16.60 4.97
N ASP A 61 5.80 15.43 4.41
CA ASP A 61 4.46 14.89 4.42
C ASP A 61 4.01 14.62 5.85
N ALA A 62 2.84 15.12 6.21
CA ALA A 62 2.27 14.92 7.55
C ALA A 62 1.51 13.58 7.62
N PRO A 63 0.53 13.36 6.75
CA PRO A 63 -0.30 12.12 6.76
C PRO A 63 0.53 10.86 6.57
N LEU A 64 1.63 10.99 5.86
CA LEU A 64 2.48 9.85 5.62
C LEU A 64 3.00 9.27 6.93
N ILE A 65 3.38 10.14 7.86
CA ILE A 65 3.91 9.68 9.13
C ILE A 65 2.86 8.88 9.91
N ALA A 66 1.67 9.43 10.01
CA ALA A 66 0.59 8.76 10.71
C ALA A 66 0.17 7.48 9.99
N SER A 67 0.12 7.55 8.67
CA SER A 67 -0.28 6.39 7.87
C SER A 67 0.73 5.25 8.05
N ASN A 68 2.01 5.61 8.11
CA ASN A 68 3.06 4.59 8.26
C ASN A 68 2.90 3.85 9.58
N ALA A 69 2.66 4.58 10.67
CA ALA A 69 2.50 3.96 11.97
C ALA A 69 1.26 3.05 12.00
N VAL A 70 0.15 3.58 11.50
CA VAL A 70 -1.09 2.81 11.47
C VAL A 70 -0.97 1.64 10.50
N THR A 71 -0.38 1.90 9.34
CA THR A 71 -0.23 0.87 8.32
C THR A 71 0.56 -0.32 8.89
N MET A 72 1.63 -0.02 9.60
CA MET A 72 2.45 -1.07 10.19
C MET A 72 1.62 -1.91 11.14
N LEU A 73 0.77 -1.26 11.92
CA LEU A 73 -0.06 -1.99 12.88
C LEU A 73 -0.97 -2.99 12.17
N LEU A 74 -1.65 -2.53 11.12
CA LEU A 74 -2.56 -3.39 10.36
C LEU A 74 -1.78 -4.51 9.67
N ALA A 75 -0.58 -4.20 9.21
CA ALA A 75 0.23 -5.17 8.52
C ALA A 75 0.38 -6.44 9.37
N GLY A 76 0.31 -6.28 10.69
CA GLY A 76 0.44 -7.42 11.60
C GLY A 76 -0.68 -8.43 11.39
N GLY A 77 -1.66 -8.06 10.57
CA GLY A 77 -2.79 -8.93 10.29
C GLY A 77 -2.33 -10.22 9.63
N ILE A 78 -1.26 -10.12 8.83
CA ILE A 78 -0.73 -11.30 8.14
C ILE A 78 -0.19 -12.31 9.15
N LEU A 79 0.48 -11.81 10.18
CA LEU A 79 1.05 -12.69 11.19
C LEU A 79 -0.05 -13.47 11.90
N VAL A 80 -1.13 -12.77 12.24
CA VAL A 80 -2.24 -13.40 12.93
C VAL A 80 -2.90 -14.43 12.02
N MET A 81 -3.07 -14.08 10.75
CA MET A 81 -3.69 -14.99 9.79
C MET A 81 -2.94 -16.30 9.70
N LYS A 82 -1.61 -16.21 9.63
CA LYS A 82 -0.79 -17.42 9.54
C LYS A 82 -0.97 -18.28 10.78
N LEU A 83 -0.93 -17.65 11.94
CA LEU A 83 -1.08 -18.39 13.20
C LEU A 83 -2.47 -19.01 13.28
N ARG A 84 -3.48 -18.24 12.90
CA ARG A 84 -4.86 -18.73 12.96
C ARG A 84 -5.03 -19.97 12.10
N TYR A 85 -4.47 -19.92 10.89
CA TYR A 85 -4.58 -21.05 9.97
C TYR A 85 -3.92 -22.29 10.56
N GLY A 86 -2.72 -22.10 11.13
CA GLY A 86 -1.99 -23.21 11.73
C GLY A 86 -2.48 -23.48 13.14
N MET B 1 11.66 20.33 -12.22
CA MET B 1 12.44 19.40 -13.08
C MET B 1 13.60 18.82 -12.27
N ASP B 2 14.52 19.69 -11.85
CA ASP B 2 15.67 19.24 -11.06
C ASP B 2 15.20 18.62 -9.75
N PRO B 3 14.29 19.27 -9.06
CA PRO B 3 13.77 18.76 -7.76
C PRO B 3 13.25 17.33 -7.86
N PHE B 4 12.53 17.05 -8.95
CA PHE B 4 11.98 15.72 -9.17
C PHE B 4 13.09 14.72 -9.39
N LEU B 5 14.15 15.15 -10.07
CA LEU B 5 15.28 14.26 -10.34
C LEU B 5 15.87 13.75 -9.03
N ILE B 6 16.03 14.64 -8.06
CA ILE B 6 16.61 14.25 -6.79
C ILE B 6 15.70 13.28 -6.04
N LYS B 7 14.43 13.63 -5.97
CA LYS B 7 13.45 12.80 -5.29
C LYS B 7 13.30 11.46 -5.99
N LEU B 8 13.60 11.46 -7.29
CA LEU B 8 13.49 10.25 -8.10
C LEU B 8 14.32 9.13 -7.50
N ILE B 9 15.44 9.48 -6.89
CA ILE B 9 16.32 8.50 -6.28
C ILE B 9 15.52 7.61 -5.32
N GLY B 10 14.56 8.21 -4.61
CA GLY B 10 13.74 7.46 -3.67
C GLY B 10 13.06 6.28 -4.37
N PHE B 11 12.92 6.38 -5.68
CA PHE B 11 12.30 5.32 -6.46
C PHE B 11 13.09 4.02 -6.32
N ALA B 12 14.42 4.14 -6.36
CA ALA B 12 15.27 2.96 -6.25
C ALA B 12 14.89 2.14 -5.01
N ALA B 13 14.80 2.80 -3.86
CA ALA B 13 14.45 2.12 -2.63
C ALA B 13 12.98 1.69 -2.64
N ALA B 14 12.13 2.57 -3.18
CA ALA B 14 10.69 2.30 -3.25
C ALA B 14 10.42 1.11 -4.16
N THR B 15 11.42 0.72 -4.93
CA THR B 15 11.28 -0.40 -5.86
C THR B 15 10.92 -1.67 -5.09
N CYS B 16 11.49 -1.82 -3.90
CA CYS B 16 11.23 -2.99 -3.09
C CYS B 16 9.75 -3.07 -2.74
N THR B 17 9.15 -1.92 -2.46
CA THR B 17 7.74 -1.89 -2.12
C THR B 17 6.89 -2.40 -3.28
N THR B 18 7.11 -1.83 -4.47
CA THR B 18 6.36 -2.25 -5.65
C THR B 18 6.71 -3.68 -6.04
N VAL B 19 8.00 -3.98 -6.02
CA VAL B 19 8.48 -5.31 -6.38
C VAL B 19 7.89 -6.34 -5.43
N ALA B 20 7.74 -5.97 -4.16
CA ALA B 20 7.17 -6.86 -3.16
C ALA B 20 5.67 -7.04 -3.36
N TYR B 21 5.02 -6.00 -3.85
CA TYR B 21 3.57 -6.05 -4.10
C TYR B 21 3.20 -7.07 -5.18
N ALA B 22 3.97 -7.12 -6.27
CA ALA B 22 3.64 -8.05 -7.37
C ALA B 22 3.55 -9.49 -6.84
N PRO B 23 4.56 -9.99 -6.15
CA PRO B 23 4.52 -11.35 -5.55
C PRO B 23 3.27 -11.56 -4.70
N GLN B 24 2.89 -10.55 -3.93
CA GLN B 24 1.71 -10.67 -3.07
C GLN B 24 0.47 -10.93 -3.90
N PHE B 25 0.32 -10.21 -5.01
CA PHE B 25 -0.83 -10.39 -5.89
C PHE B 25 -0.81 -11.78 -6.52
N ILE B 26 0.38 -12.24 -6.86
CA ILE B 26 0.53 -13.57 -7.47
C ILE B 26 0.15 -14.68 -6.48
N LYS B 27 0.61 -14.53 -5.24
CA LYS B 27 0.34 -15.55 -4.22
C LYS B 27 -1.16 -15.70 -3.98
N VAL B 28 -1.86 -14.60 -3.81
CA VAL B 28 -3.30 -14.66 -3.57
C VAL B 28 -4.00 -15.25 -4.78
N LEU B 29 -3.50 -14.94 -5.97
CA LEU B 29 -4.11 -15.44 -7.18
C LEU B 29 -4.03 -16.97 -7.24
N LYS B 30 -2.85 -17.50 -6.92
CA LYS B 30 -2.67 -18.94 -6.94
C LYS B 30 -3.27 -19.58 -5.69
N THR B 31 -3.62 -18.74 -4.73
CA THR B 31 -4.21 -19.23 -3.49
C THR B 31 -5.65 -19.64 -3.73
N ARG B 32 -6.19 -19.32 -4.90
CA ARG B 32 -7.57 -19.70 -5.22
C ARG B 32 -8.55 -19.07 -4.23
N SER B 33 -8.55 -17.73 -4.16
CA SER B 33 -9.43 -17.03 -3.23
C SER B 33 -10.86 -17.02 -3.76
N ALA B 34 -11.81 -17.00 -2.83
CA ALA B 34 -13.22 -17.02 -3.19
C ALA B 34 -13.65 -15.74 -3.89
N ARG B 35 -14.49 -15.90 -4.90
CA ARG B 35 -15.02 -14.76 -5.64
C ARG B 35 -15.95 -13.94 -4.76
N ASP B 36 -16.49 -14.58 -3.73
CA ASP B 36 -17.46 -13.93 -2.84
C ASP B 36 -16.79 -12.83 -2.03
N ILE B 37 -15.54 -12.51 -2.36
CA ILE B 37 -14.83 -11.44 -1.68
C ILE B 37 -15.24 -10.10 -2.29
N SER B 38 -15.58 -9.16 -1.42
CA SER B 38 -16.00 -7.83 -1.86
C SER B 38 -14.81 -7.04 -2.39
N LEU B 39 -14.69 -7.02 -3.71
CA LEU B 39 -13.61 -6.27 -4.36
C LEU B 39 -13.79 -4.78 -4.13
N GLY B 40 -14.99 -4.39 -3.74
CA GLY B 40 -15.30 -2.98 -3.51
C GLY B 40 -14.33 -2.38 -2.49
N MET B 41 -13.82 -3.22 -1.60
CA MET B 41 -12.87 -2.77 -0.59
C MET B 41 -11.60 -2.25 -1.27
N PHE B 42 -11.13 -2.97 -2.27
CA PHE B 42 -9.94 -2.56 -3.00
C PHE B 42 -10.22 -1.29 -3.79
N LEU B 43 -11.43 -1.18 -4.31
CA LEU B 43 -11.81 -0.01 -5.10
C LEU B 43 -11.72 1.25 -4.24
N VAL B 44 -12.19 1.15 -3.00
CA VAL B 44 -12.15 2.28 -2.09
C VAL B 44 -10.72 2.68 -1.79
N MET B 45 -9.86 1.68 -1.61
CA MET B 45 -8.46 1.92 -1.31
C MET B 45 -7.83 2.76 -2.43
N VAL B 46 -8.18 2.44 -3.66
CA VAL B 46 -7.66 3.17 -4.81
C VAL B 46 -8.12 4.61 -4.77
N LEU B 47 -9.38 4.82 -4.39
CA LEU B 47 -9.93 6.18 -4.32
C LEU B 47 -9.11 7.02 -3.36
N GLY B 48 -8.74 6.44 -2.22
CA GLY B 48 -7.96 7.18 -1.24
C GLY B 48 -6.62 7.60 -1.82
N LEU B 49 -5.98 6.67 -2.53
CA LEU B 49 -4.69 6.96 -3.14
C LEU B 49 -4.84 8.05 -4.19
N ALA B 50 -5.91 7.97 -4.98
CA ALA B 50 -6.13 8.96 -6.02
C ALA B 50 -6.21 10.35 -5.41
N LEU B 51 -6.97 10.49 -4.32
CA LEU B 51 -7.09 11.77 -3.65
C LEU B 51 -5.77 12.21 -3.06
N TRP B 52 -5.06 11.26 -2.48
CA TRP B 52 -3.76 11.54 -1.87
C TRP B 52 -2.79 12.05 -2.93
N LEU B 53 -3.07 11.73 -4.18
CA LEU B 53 -2.21 12.14 -5.28
C LEU B 53 -2.07 13.66 -5.31
N ILE B 54 -3.16 14.35 -5.01
CA ILE B 54 -3.15 15.81 -4.99
C ILE B 54 -2.11 16.31 -4.00
N TYR B 55 -2.14 15.75 -2.80
CA TYR B 55 -1.18 16.13 -1.77
C TYR B 55 0.23 15.75 -2.20
N GLY B 56 0.35 14.63 -2.89
CA GLY B 56 1.65 14.17 -3.37
C GLY B 56 2.29 15.23 -4.26
N LEU B 57 1.46 15.88 -5.07
CA LEU B 57 1.94 16.91 -5.98
C LEU B 57 2.51 18.07 -5.17
N LEU B 58 1.84 18.41 -4.09
CA LEU B 58 2.29 19.50 -3.24
C LEU B 58 3.68 19.20 -2.69
N SER B 59 3.94 17.92 -2.43
CA SER B 59 5.22 17.51 -1.91
C SER B 59 6.25 17.42 -3.04
N GLY B 60 5.76 17.38 -4.27
CA GLY B 60 6.63 17.28 -5.42
C GLY B 60 7.32 15.93 -5.45
N ASP B 61 6.67 14.92 -4.86
CA ASP B 61 7.26 13.60 -4.84
C ASP B 61 7.37 13.05 -6.27
N ALA B 62 8.56 12.57 -6.62
CA ALA B 62 8.79 12.00 -7.94
C ALA B 62 8.41 10.50 -7.98
N PRO B 63 8.95 9.69 -7.10
CA PRO B 63 8.66 8.23 -7.06
C PRO B 63 7.19 7.92 -6.85
N LEU B 64 6.51 8.80 -6.16
CA LEU B 64 5.10 8.59 -5.89
C LEU B 64 4.31 8.51 -7.20
N ILE B 65 4.65 9.37 -8.15
CA ILE B 65 3.93 9.40 -9.42
C ILE B 65 4.10 8.07 -10.15
N ALA B 66 5.34 7.61 -10.26
CA ALA B 66 5.62 6.36 -10.95
C ALA B 66 5.03 5.18 -10.19
N SER B 67 5.13 5.22 -8.87
CA SER B 67 4.60 4.14 -8.03
C SER B 67 3.09 4.04 -8.19
N ASN B 68 2.42 5.18 -8.28
CA ASN B 68 0.97 5.21 -8.41
C ASN B 68 0.54 4.53 -9.71
N ALA B 69 1.21 4.85 -10.80
CA ALA B 69 0.88 4.26 -12.09
C ALA B 69 1.11 2.75 -12.08
N VAL B 70 2.28 2.36 -11.59
CA VAL B 70 2.63 0.94 -11.53
C VAL B 70 1.73 0.22 -10.54
N THR B 71 1.51 0.84 -9.38
CA THR B 71 0.68 0.24 -8.35
C THR B 71 -0.72 -0.05 -8.87
N MET B 72 -1.28 0.89 -9.62
CA MET B 72 -2.61 0.71 -10.18
C MET B 72 -2.63 -0.50 -11.11
N LEU B 73 -1.57 -0.66 -11.90
CA LEU B 73 -1.50 -1.78 -12.82
C LEU B 73 -1.55 -3.12 -12.07
N LEU B 74 -0.73 -3.24 -11.04
CA LEU B 74 -0.68 -4.46 -10.25
C LEU B 74 -2.01 -4.70 -9.53
N ALA B 75 -2.64 -3.62 -9.09
CA ALA B 75 -3.90 -3.74 -8.38
C ALA B 75 -4.90 -4.55 -9.20
N GLY B 76 -4.75 -4.52 -10.52
CA GLY B 76 -5.67 -5.26 -11.41
C GLY B 76 -5.57 -6.76 -11.16
N GLY B 77 -4.60 -7.16 -10.34
CA GLY B 77 -4.42 -8.57 -10.03
C GLY B 77 -5.65 -9.14 -9.33
N ILE B 78 -6.32 -8.31 -8.56
CA ILE B 78 -7.51 -8.75 -7.84
C ILE B 78 -8.62 -9.11 -8.82
N LEU B 79 -8.77 -8.31 -9.87
CA LEU B 79 -9.80 -8.56 -10.86
C LEU B 79 -9.57 -9.90 -11.54
N VAL B 80 -8.32 -10.17 -11.89
CA VAL B 80 -7.97 -11.43 -12.56
C VAL B 80 -8.22 -12.60 -11.62
N MET B 81 -7.84 -12.43 -10.35
CA MET B 81 -8.02 -13.49 -9.37
C MET B 81 -9.49 -13.89 -9.24
N LYS B 82 -10.37 -12.90 -9.20
CA LYS B 82 -11.80 -13.17 -9.07
C LYS B 82 -12.29 -13.95 -10.30
N LEU B 83 -11.89 -13.50 -11.48
CA LEU B 83 -12.31 -14.16 -12.71
C LEU B 83 -11.77 -15.58 -12.76
N ARG B 84 -10.50 -15.74 -12.38
CA ARG B 84 -9.87 -17.05 -12.42
C ARG B 84 -10.61 -18.03 -11.53
N TYR B 85 -10.96 -17.58 -10.33
CA TYR B 85 -11.66 -18.42 -9.38
C TYR B 85 -13.02 -18.85 -9.95
N GLY B 86 -13.73 -17.89 -10.53
CA GLY B 86 -15.04 -18.17 -11.11
C GLY B 86 -14.90 -18.76 -12.51
N MET A 1 10.04 25.17 5.19
CA MET A 1 9.30 25.71 4.01
C MET A 1 8.20 24.73 3.62
N ASP A 2 7.70 23.98 4.59
CA ASP A 2 6.64 23.02 4.33
C ASP A 2 6.02 22.55 5.64
N PRO A 3 5.21 23.38 6.25
CA PRO A 3 4.52 23.06 7.53
C PRO A 3 3.77 21.73 7.47
N PHE A 4 3.96 20.91 8.49
CA PHE A 4 3.30 19.60 8.56
C PHE A 4 1.79 19.77 8.52
N LEU A 5 1.31 20.95 8.92
CA LEU A 5 -0.12 21.20 8.96
C LEU A 5 -0.73 21.00 7.57
N ILE A 6 -0.05 21.49 6.54
CA ILE A 6 -0.55 21.36 5.19
C ILE A 6 -0.63 19.89 4.78
N LYS A 7 0.45 19.17 5.04
CA LYS A 7 0.53 17.76 4.69
C LYS A 7 -0.51 16.94 5.46
N LEU A 8 -0.88 17.44 6.63
CA LEU A 8 -1.85 16.76 7.47
C LEU A 8 -3.16 16.58 6.70
N ILE A 9 -3.50 17.58 5.90
CA ILE A 9 -4.74 17.52 5.12
C ILE A 9 -4.69 16.31 4.18
N GLY A 10 -3.53 16.08 3.57
CA GLY A 10 -3.36 14.97 2.65
C GLY A 10 -3.65 13.65 3.35
N PHE A 11 -3.21 13.55 4.60
CA PHE A 11 -3.43 12.32 5.37
C PHE A 11 -4.93 12.06 5.53
N ALA A 12 -5.68 13.11 5.86
CA ALA A 12 -7.12 12.96 6.04
C ALA A 12 -7.75 12.34 4.80
N ALA A 13 -7.39 12.87 3.62
CA ALA A 13 -7.92 12.34 2.38
C ALA A 13 -7.36 10.95 2.09
N ALA A 14 -6.07 10.78 2.35
CA ALA A 14 -5.40 9.50 2.13
C ALA A 14 -5.96 8.44 3.08
N THR A 15 -6.69 8.88 4.09
CA THR A 15 -7.27 7.97 5.07
C THR A 15 -8.22 6.99 4.38
N CYS A 16 -8.90 7.45 3.35
CA CYS A 16 -9.84 6.60 2.63
C CYS A 16 -9.13 5.34 2.13
N THR A 17 -7.86 5.47 1.77
CA THR A 17 -7.10 4.32 1.29
C THR A 17 -7.02 3.24 2.38
N THR A 18 -6.70 3.65 3.60
CA THR A 18 -6.61 2.71 4.72
C THR A 18 -7.99 2.12 5.03
N VAL A 19 -9.01 2.94 4.88
CA VAL A 19 -10.38 2.49 5.14
C VAL A 19 -10.78 1.38 4.17
N ALA A 20 -10.31 1.49 2.94
CA ALA A 20 -10.63 0.49 1.92
C ALA A 20 -9.95 -0.85 2.24
N TYR A 21 -8.69 -0.77 2.65
CA TYR A 21 -7.91 -1.97 2.97
C TYR A 21 -8.20 -2.46 4.39
N ALA A 22 -8.77 -1.59 5.21
CA ALA A 22 -9.09 -1.94 6.59
C ALA A 22 -9.93 -3.23 6.64
N PRO A 23 -11.03 -3.30 5.92
CA PRO A 23 -11.90 -4.50 5.90
C PRO A 23 -11.16 -5.74 5.42
N GLN A 24 -10.22 -5.55 4.51
CA GLN A 24 -9.44 -6.66 3.98
C GLN A 24 -8.56 -7.25 5.07
N PHE A 25 -7.98 -6.38 5.88
CA PHE A 25 -7.12 -6.81 6.97
C PHE A 25 -7.91 -7.64 7.98
N ILE A 26 -9.12 -7.18 8.29
CA ILE A 26 -9.96 -7.87 9.26
C ILE A 26 -10.25 -9.29 8.78
N LYS A 27 -10.57 -9.45 7.51
CA LYS A 27 -10.87 -10.76 6.98
C LYS A 27 -9.69 -11.70 7.16
N VAL A 28 -8.51 -11.23 6.80
CA VAL A 28 -7.30 -12.02 6.94
C VAL A 28 -6.99 -12.24 8.41
N LEU A 29 -7.12 -11.19 9.20
CA LEU A 29 -6.84 -11.26 10.63
C LEU A 29 -7.76 -12.28 11.29
N LYS A 30 -8.94 -12.46 10.73
CA LYS A 30 -9.90 -13.40 11.28
C LYS A 30 -9.33 -14.81 11.30
N THR A 31 -8.56 -15.15 10.27
CA THR A 31 -7.95 -16.48 10.18
C THR A 31 -6.49 -16.45 10.61
N ARG A 32 -5.91 -15.25 10.60
CA ARG A 32 -4.52 -15.08 10.98
C ARG A 32 -3.63 -16.06 10.23
N SER A 33 -3.94 -16.27 8.94
CA SER A 33 -3.17 -17.20 8.12
C SER A 33 -2.91 -16.61 6.74
N ALA A 34 -1.69 -16.75 6.23
CA ALA A 34 -1.36 -16.24 4.92
C ALA A 34 -1.62 -17.31 3.87
N ARG A 35 -2.69 -17.14 3.10
CA ARG A 35 -3.01 -18.11 2.05
C ARG A 35 -2.11 -17.99 0.83
N ASP A 36 -2.12 -16.78 0.23
CA ASP A 36 -1.32 -16.49 -0.96
C ASP A 36 -0.12 -15.61 -0.64
N ILE A 37 -0.07 -15.12 0.59
CA ILE A 37 1.03 -14.23 1.00
C ILE A 37 2.24 -15.05 1.42
N SER A 38 3.38 -14.77 0.80
CA SER A 38 4.61 -15.50 1.12
C SER A 38 5.27 -14.92 2.36
N LEU A 39 6.00 -15.75 3.09
CA LEU A 39 6.68 -15.29 4.30
C LEU A 39 7.80 -14.31 3.97
N GLY A 40 8.58 -14.63 2.95
CA GLY A 40 9.71 -13.81 2.55
C GLY A 40 9.28 -12.42 2.12
N MET A 41 8.10 -12.32 1.52
CA MET A 41 7.61 -11.04 1.04
C MET A 41 7.51 -10.04 2.19
N PHE A 42 7.21 -10.53 3.38
CA PHE A 42 7.06 -9.67 4.53
C PHE A 42 8.37 -8.95 4.84
N LEU A 43 9.46 -9.70 4.79
CA LEU A 43 10.77 -9.12 5.09
C LEU A 43 11.13 -8.05 4.08
N VAL A 44 10.85 -8.32 2.82
CA VAL A 44 11.14 -7.34 1.76
C VAL A 44 10.28 -6.10 1.93
N MET A 45 9.01 -6.30 2.25
CA MET A 45 8.09 -5.18 2.43
C MET A 45 8.57 -4.27 3.55
N VAL A 46 9.08 -4.87 4.62
CA VAL A 46 9.57 -4.11 5.76
C VAL A 46 10.72 -3.20 5.34
N LEU A 47 11.64 -3.74 4.56
CA LEU A 47 12.78 -2.97 4.11
C LEU A 47 12.33 -1.75 3.31
N GLY A 48 11.35 -1.95 2.44
CA GLY A 48 10.84 -0.85 1.63
C GLY A 48 10.16 0.20 2.50
N LEU A 49 9.39 -0.25 3.47
CA LEU A 49 8.69 0.66 4.36
C LEU A 49 9.67 1.50 5.16
N ALA A 50 10.72 0.86 5.64
CA ALA A 50 11.73 1.56 6.44
C ALA A 50 12.34 2.71 5.63
N LEU A 51 12.69 2.43 4.39
CA LEU A 51 13.28 3.43 3.52
C LEU A 51 12.28 4.54 3.25
N TRP A 52 11.02 4.14 3.10
CA TRP A 52 9.96 5.11 2.82
C TRP A 52 9.76 6.02 4.04
N LEU A 53 9.78 5.43 5.22
CA LEU A 53 9.56 6.21 6.44
C LEU A 53 10.59 7.32 6.58
N ILE A 54 11.85 6.96 6.45
CA ILE A 54 12.91 7.95 6.57
C ILE A 54 12.83 8.98 5.45
N TYR A 55 12.57 8.50 4.24
CA TYR A 55 12.47 9.38 3.09
C TYR A 55 11.31 10.35 3.26
N GLY A 56 10.19 9.83 3.76
CA GLY A 56 9.00 10.66 3.96
C GLY A 56 9.31 11.80 4.92
N LEU A 57 10.11 11.52 5.94
CA LEU A 57 10.47 12.55 6.90
C LEU A 57 11.23 13.67 6.22
N LEU A 58 12.14 13.29 5.33
CA LEU A 58 12.94 14.29 4.63
C LEU A 58 12.05 15.20 3.79
N SER A 59 10.98 14.64 3.25
CA SER A 59 10.06 15.42 2.43
C SER A 59 9.12 16.24 3.31
N GLY A 60 9.24 16.05 4.62
CA GLY A 60 8.41 16.78 5.57
C GLY A 60 6.94 16.39 5.41
N ASP A 61 6.72 15.25 4.78
CA ASP A 61 5.37 14.78 4.57
C ASP A 61 4.80 14.19 5.87
N ALA A 62 3.59 14.60 6.21
CA ALA A 62 2.91 14.09 7.39
C ALA A 62 2.22 12.75 7.10
N PRO A 63 1.59 12.58 5.93
CA PRO A 63 0.86 11.30 5.60
C PRO A 63 1.78 10.10 5.56
N LEU A 64 2.95 10.28 4.96
CA LEU A 64 3.90 9.19 4.85
C LEU A 64 4.34 8.71 6.21
N ILE A 65 4.62 9.65 7.11
CA ILE A 65 5.06 9.29 8.45
C ILE A 65 3.94 8.60 9.21
N ALA A 66 2.76 9.21 9.20
CA ALA A 66 1.59 8.65 9.89
C ALA A 66 1.14 7.35 9.24
N SER A 67 1.14 7.34 7.91
CA SER A 67 0.73 6.17 7.16
C SER A 67 1.61 4.97 7.51
N ASN A 68 2.92 5.20 7.60
CA ASN A 68 3.84 4.12 7.91
C ASN A 68 3.55 3.53 9.29
N ALA A 69 3.36 4.41 10.27
CA ALA A 69 3.07 3.95 11.63
C ALA A 69 1.70 3.26 11.69
N VAL A 70 0.70 3.90 11.09
CA VAL A 70 -0.65 3.35 11.08
C VAL A 70 -0.69 2.07 10.26
N THR A 71 -0.05 2.10 9.10
CA THR A 71 -0.03 0.93 8.22
C THR A 71 0.65 -0.24 8.90
N MET A 72 1.79 0.02 9.54
CA MET A 72 2.51 -1.04 10.23
C MET A 72 1.66 -1.66 11.32
N LEU A 73 1.01 -0.82 12.11
CA LEU A 73 0.15 -1.31 13.19
C LEU A 73 -1.11 -1.94 12.64
N LEU A 74 -1.71 -1.28 11.67
CA LEU A 74 -2.94 -1.77 11.05
C LEU A 74 -2.67 -3.09 10.34
N ALA A 75 -1.54 -3.14 9.62
CA ALA A 75 -1.18 -4.34 8.88
C ALA A 75 -1.08 -5.54 9.82
N GLY A 76 -0.38 -5.35 10.93
CA GLY A 76 -0.21 -6.43 11.90
C GLY A 76 0.00 -7.77 11.22
N GLY A 77 0.49 -7.72 9.97
CA GLY A 77 0.73 -8.93 9.20
C GLY A 77 1.75 -9.83 9.90
N ILE A 78 2.31 -9.32 11.00
CA ILE A 78 3.30 -10.08 11.75
C ILE A 78 2.68 -11.36 12.31
N LEU A 79 1.47 -11.24 12.85
CA LEU A 79 0.78 -12.38 13.43
C LEU A 79 0.51 -13.43 12.35
N VAL A 80 0.14 -12.97 11.17
CA VAL A 80 -0.17 -13.87 10.07
C VAL A 80 1.06 -14.70 9.71
N MET A 81 2.21 -14.04 9.65
CA MET A 81 3.46 -14.72 9.30
C MET A 81 3.77 -15.81 10.32
N LYS A 82 3.51 -15.53 11.59
CA LYS A 82 3.78 -16.49 12.65
C LYS A 82 2.92 -17.74 12.45
N LEU A 83 1.86 -17.62 11.68
CA LEU A 83 0.98 -18.76 11.46
C LEU A 83 1.73 -19.88 10.74
N ARG A 84 2.46 -19.51 9.69
CA ARG A 84 3.21 -20.49 8.92
C ARG A 84 4.52 -20.84 9.61
N TYR A 85 5.11 -19.84 10.25
CA TYR A 85 6.37 -20.04 10.96
C TYR A 85 6.14 -20.04 12.47
N GLY A 86 6.51 -21.13 13.11
CA GLY A 86 6.35 -21.27 14.57
C GLY A 86 7.67 -21.03 15.28
N MET B 1 10.52 24.81 -5.94
CA MET B 1 11.44 24.71 -4.78
C MET B 1 11.54 23.25 -4.34
N ASP B 2 11.35 22.34 -5.29
CA ASP B 2 11.42 20.91 -5.00
C ASP B 2 11.53 20.11 -6.29
N PRO B 3 12.69 20.12 -6.90
CA PRO B 3 12.93 19.38 -8.18
C PRO B 3 12.53 17.90 -8.06
N PHE B 4 11.80 17.41 -9.06
CA PHE B 4 11.36 16.03 -9.09
C PHE B 4 12.56 15.08 -9.04
N LEU B 5 13.71 15.58 -9.47
CA LEU B 5 14.91 14.75 -9.50
C LEU B 5 15.21 14.21 -8.10
N ILE B 6 15.09 15.07 -7.10
CA ILE B 6 15.37 14.66 -5.73
C ILE B 6 14.40 13.57 -5.28
N LYS B 7 13.11 13.81 -5.53
CA LYS B 7 12.07 12.87 -5.15
C LYS B 7 12.22 11.54 -5.89
N LEU B 8 12.83 11.60 -7.07
CA LEU B 8 13.03 10.41 -7.87
C LEU B 8 13.84 9.38 -7.09
N ILE B 9 14.80 9.87 -6.31
CA ILE B 9 15.64 8.99 -5.52
C ILE B 9 14.76 8.19 -4.55
N GLY B 10 13.79 8.86 -3.95
CA GLY B 10 12.89 8.20 -3.00
C GLY B 10 12.16 7.04 -3.67
N PHE B 11 11.77 7.25 -4.91
CA PHE B 11 11.06 6.21 -5.65
C PHE B 11 11.93 4.97 -5.79
N ALA B 12 13.20 5.17 -6.14
CA ALA B 12 14.12 4.06 -6.29
C ALA B 12 14.14 3.20 -5.03
N ALA B 13 14.27 3.86 -3.87
CA ALA B 13 14.29 3.14 -2.60
C ALA B 13 12.91 2.55 -2.29
N ALA B 14 11.87 3.33 -2.56
CA ALA B 14 10.50 2.90 -2.32
C ALA B 14 10.14 1.72 -3.22
N THR B 15 10.96 1.50 -4.24
CA THR B 15 10.72 0.41 -5.19
C THR B 15 10.72 -0.93 -4.47
N CYS B 16 11.53 -1.06 -3.44
CA CYS B 16 11.61 -2.29 -2.69
C CYS B 16 10.23 -2.68 -2.17
N THR B 17 9.42 -1.68 -1.82
CA THR B 17 8.07 -1.96 -1.33
C THR B 17 7.25 -2.70 -2.39
N THR B 18 7.29 -2.21 -3.62
CA THR B 18 6.55 -2.85 -4.71
C THR B 18 7.11 -4.24 -5.00
N VAL B 19 8.42 -4.38 -4.85
CA VAL B 19 9.08 -5.66 -5.09
C VAL B 19 8.59 -6.69 -4.09
N ALA B 20 8.35 -6.27 -2.86
CA ALA B 20 7.88 -7.18 -1.82
C ALA B 20 6.45 -7.64 -2.10
N TYR B 21 5.60 -6.72 -2.53
CA TYR B 21 4.20 -7.04 -2.83
C TYR B 21 4.06 -7.62 -4.24
N ALA B 22 5.07 -7.43 -5.07
CA ALA B 22 5.03 -7.94 -6.44
C ALA B 22 4.72 -9.45 -6.44
N PRO B 23 5.46 -10.25 -5.71
CA PRO B 23 5.23 -11.72 -5.65
C PRO B 23 3.82 -12.06 -5.16
N GLN B 24 3.31 -11.24 -4.25
CA GLN B 24 1.98 -11.47 -3.70
C GLN B 24 0.93 -11.30 -4.78
N PHE B 25 1.12 -10.29 -5.62
CA PHE B 25 0.19 -10.02 -6.71
C PHE B 25 0.17 -11.19 -7.69
N ILE B 26 1.34 -11.72 -8.00
CA ILE B 26 1.44 -12.83 -8.94
C ILE B 26 0.66 -14.03 -8.44
N LYS B 27 0.79 -14.33 -7.15
CA LYS B 27 0.09 -15.46 -6.58
C LYS B 27 -1.43 -15.30 -6.74
N VAL B 28 -1.92 -14.12 -6.42
CA VAL B 28 -3.34 -13.85 -6.55
C VAL B 28 -3.75 -13.82 -8.02
N LEU B 29 -2.91 -13.19 -8.83
CA LEU B 29 -3.17 -13.08 -10.26
C LEU B 29 -3.24 -14.46 -10.88
N LYS B 30 -2.52 -15.41 -10.30
CA LYS B 30 -2.51 -16.77 -10.82
C LYS B 30 -3.90 -17.37 -10.81
N THR B 31 -4.68 -17.04 -9.79
CA THR B 31 -6.05 -17.56 -9.66
C THR B 31 -7.07 -16.52 -10.11
N ARG B 32 -6.63 -15.26 -10.13
CA ARG B 32 -7.51 -14.17 -10.55
C ARG B 32 -8.82 -14.22 -9.77
N SER B 33 -8.74 -14.55 -8.48
CA SER B 33 -9.94 -14.66 -7.63
C SER B 33 -9.69 -14.02 -6.27
N ALA B 34 -10.66 -13.25 -5.78
CA ALA B 34 -10.50 -12.61 -4.48
C ALA B 34 -11.06 -13.53 -3.40
N ARG B 35 -10.17 -14.14 -2.63
CA ARG B 35 -10.62 -15.03 -1.55
C ARG B 35 -11.15 -14.27 -0.34
N ASP B 36 -10.31 -13.41 0.23
CA ASP B 36 -10.65 -12.61 1.40
C ASP B 36 -10.90 -11.15 1.04
N ILE B 37 -10.59 -10.79 -0.20
CA ILE B 37 -10.75 -9.41 -0.64
C ILE B 37 -12.19 -9.15 -1.06
N SER B 38 -12.80 -8.14 -0.46
CA SER B 38 -14.18 -7.78 -0.77
C SER B 38 -14.26 -6.94 -2.03
N LEU B 39 -15.37 -7.04 -2.73
CA LEU B 39 -15.54 -6.27 -3.97
C LEU B 39 -15.64 -4.78 -3.69
N GLY B 40 -16.42 -4.43 -2.67
CA GLY B 40 -16.63 -3.04 -2.30
C GLY B 40 -15.36 -2.34 -1.89
N MET B 41 -14.44 -3.08 -1.29
CA MET B 41 -13.19 -2.51 -0.84
C MET B 41 -12.42 -1.90 -2.01
N PHE B 42 -12.57 -2.50 -3.18
CA PHE B 42 -11.86 -2.01 -4.36
C PHE B 42 -12.30 -0.60 -4.69
N LEU B 43 -13.60 -0.35 -4.64
CA LEU B 43 -14.14 0.97 -4.96
C LEU B 43 -13.61 2.02 -3.99
N VAL B 44 -13.59 1.66 -2.71
CA VAL B 44 -13.11 2.58 -1.70
C VAL B 44 -11.62 2.86 -1.88
N MET B 45 -10.86 1.81 -2.18
CA MET B 45 -9.42 1.95 -2.38
C MET B 45 -9.13 2.91 -3.53
N VAL B 46 -9.92 2.81 -4.59
CA VAL B 46 -9.74 3.67 -5.75
C VAL B 46 -9.92 5.13 -5.37
N LEU B 47 -10.94 5.42 -4.58
CA LEU B 47 -11.22 6.78 -4.17
C LEU B 47 -10.02 7.35 -3.39
N GLY B 48 -9.46 6.55 -2.52
CA GLY B 48 -8.32 6.99 -1.72
C GLY B 48 -7.10 7.23 -2.61
N LEU B 49 -6.88 6.34 -3.56
CA LEU B 49 -5.75 6.47 -4.47
C LEU B 49 -5.87 7.74 -5.30
N ALA B 50 -7.07 8.02 -5.79
CA ALA B 50 -7.30 9.20 -6.60
C ALA B 50 -6.92 10.46 -5.84
N LEU B 51 -7.36 10.54 -4.58
CA LEU B 51 -7.06 11.70 -3.75
C LEU B 51 -5.56 11.78 -3.49
N TRP B 52 -4.94 10.63 -3.33
CA TRP B 52 -3.51 10.58 -3.06
C TRP B 52 -2.74 11.04 -4.30
N LEU B 53 -3.18 10.60 -5.47
CA LEU B 53 -2.49 10.97 -6.70
C LEU B 53 -2.44 12.48 -6.88
N ILE B 54 -3.59 13.12 -6.75
CA ILE B 54 -3.65 14.57 -6.91
C ILE B 54 -2.86 15.27 -5.81
N TYR B 55 -2.99 14.78 -4.60
CA TYR B 55 -2.30 15.37 -3.47
C TYR B 55 -0.79 15.22 -3.65
N GLY B 56 -0.35 14.06 -4.12
CA GLY B 56 1.05 13.81 -4.33
C GLY B 56 1.64 14.81 -5.32
N LEU B 57 0.86 15.14 -6.34
CA LEU B 57 1.31 16.10 -7.34
C LEU B 57 1.57 17.45 -6.69
N LEU B 58 0.66 17.85 -5.80
CA LEU B 58 0.80 19.13 -5.13
C LEU B 58 2.08 19.18 -4.31
N SER B 59 2.47 18.04 -3.75
CA SER B 59 3.68 17.97 -2.94
C SER B 59 4.91 17.87 -3.83
N GLY B 60 4.68 17.79 -5.13
CA GLY B 60 5.77 17.69 -6.08
C GLY B 60 6.53 16.40 -5.91
N ASP B 61 5.90 15.44 -5.24
CA ASP B 61 6.53 14.16 -5.01
C ASP B 61 6.51 13.32 -6.29
N ALA B 62 7.66 12.74 -6.62
CA ALA B 62 7.78 11.86 -7.78
C ALA B 62 7.32 10.43 -7.45
N PRO B 63 7.66 9.90 -6.27
CA PRO B 63 7.29 8.50 -5.90
C PRO B 63 5.78 8.29 -5.83
N LEU B 64 5.09 9.25 -5.26
CA LEU B 64 3.65 9.15 -5.12
C LEU B 64 2.98 9.08 -6.49
N ILE B 65 3.43 9.93 -7.41
CA ILE B 65 2.86 9.94 -8.74
C ILE B 65 3.15 8.64 -9.48
N ALA B 66 4.42 8.25 -9.46
CA ALA B 66 4.85 7.01 -10.13
C ALA B 66 4.27 5.79 -9.44
N SER B 67 4.26 5.82 -8.11
CA SER B 67 3.74 4.71 -7.33
C SER B 67 2.27 4.47 -7.64
N ASN B 68 1.51 5.55 -7.77
CA ASN B 68 0.09 5.43 -8.05
C ASN B 68 -0.13 4.77 -9.41
N ALA B 69 0.60 5.23 -10.42
CA ALA B 69 0.48 4.67 -11.76
C ALA B 69 0.97 3.22 -11.78
N VAL B 70 2.13 2.99 -11.20
CA VAL B 70 2.71 1.65 -11.15
C VAL B 70 1.84 0.72 -10.30
N THR B 71 1.42 1.23 -9.14
CA THR B 71 0.59 0.44 -8.24
C THR B 71 -0.73 0.06 -8.90
N MET B 72 -1.35 1.03 -9.56
CA MET B 72 -2.63 0.78 -10.22
C MET B 72 -2.46 -0.31 -11.29
N LEU B 73 -1.41 -0.19 -12.09
CA LEU B 73 -1.17 -1.17 -13.15
C LEU B 73 -0.71 -2.49 -12.56
N LEU B 74 0.20 -2.41 -11.60
CA LEU B 74 0.72 -3.61 -10.97
C LEU B 74 -0.38 -4.33 -10.22
N ALA B 75 -1.21 -3.57 -9.52
CA ALA B 75 -2.30 -4.14 -8.75
C ALA B 75 -3.22 -4.94 -9.66
N GLY B 76 -3.61 -4.35 -10.79
CA GLY B 76 -4.50 -5.02 -11.73
C GLY B 76 -5.59 -5.81 -11.00
N GLY B 77 -5.88 -5.39 -9.77
CA GLY B 77 -6.90 -6.07 -8.98
C GLY B 77 -8.26 -5.99 -9.66
N ILE B 78 -8.31 -5.28 -10.78
CA ILE B 78 -9.57 -5.14 -11.52
C ILE B 78 -10.03 -6.50 -12.04
N LEU B 79 -9.09 -7.27 -12.57
CA LEU B 79 -9.40 -8.58 -13.11
C LEU B 79 -9.94 -9.49 -12.00
N VAL B 80 -9.33 -9.40 -10.83
CA VAL B 80 -9.74 -10.23 -9.70
C VAL B 80 -11.20 -9.94 -9.33
N MET B 81 -11.55 -8.66 -9.30
CA MET B 81 -12.91 -8.26 -8.95
C MET B 81 -13.90 -8.84 -9.95
N LYS B 82 -13.53 -8.84 -11.22
CA LYS B 82 -14.41 -9.37 -12.25
C LYS B 82 -14.68 -10.85 -12.02
N LEU B 83 -13.83 -11.50 -11.23
CA LEU B 83 -14.01 -12.93 -10.98
C LEU B 83 -15.32 -13.18 -10.24
N ARG B 84 -15.58 -12.37 -9.21
CA ARG B 84 -16.78 -12.52 -8.43
C ARG B 84 -17.97 -11.88 -9.12
N TYR B 85 -17.70 -10.76 -9.79
CA TYR B 85 -18.74 -10.03 -10.51
C TYR B 85 -18.59 -10.22 -12.01
N GLY B 86 -19.63 -10.76 -12.63
CA GLY B 86 -19.62 -11.02 -14.08
C GLY B 86 -20.40 -9.93 -14.82
N MET A 1 -0.26 29.43 2.37
CA MET A 1 0.07 28.06 1.88
C MET A 1 1.40 27.65 2.45
N ASP A 2 1.46 26.46 3.06
CA ASP A 2 2.71 25.97 3.65
C ASP A 2 2.75 24.44 3.63
N PRO A 3 3.91 23.83 3.42
CA PRO A 3 4.04 22.34 3.39
C PRO A 3 3.24 21.66 4.50
N PHE A 4 3.15 22.32 5.65
CA PHE A 4 2.43 21.76 6.78
C PHE A 4 0.96 21.57 6.43
N LEU A 5 0.42 22.52 5.69
CA LEU A 5 -0.98 22.45 5.28
C LEU A 5 -1.20 21.29 4.32
N ILE A 6 -0.25 21.11 3.40
CA ILE A 6 -0.37 20.03 2.40
C ILE A 6 -0.47 18.68 3.06
N LYS A 7 0.44 18.42 3.98
CA LYS A 7 0.45 17.14 4.66
C LYS A 7 -0.85 16.90 5.39
N LEU A 8 -1.35 17.93 6.07
CA LEU A 8 -2.57 17.80 6.83
C LEU A 8 -3.76 17.54 5.90
N ILE A 9 -3.87 18.33 4.84
CA ILE A 9 -4.95 18.18 3.89
C ILE A 9 -4.83 16.85 3.15
N GLY A 10 -3.61 16.53 2.72
CA GLY A 10 -3.37 15.28 2.01
C GLY A 10 -3.65 14.08 2.90
N PHE A 11 -3.32 14.21 4.17
CA PHE A 11 -3.54 13.13 5.13
C PHE A 11 -5.03 12.79 5.21
N ALA A 12 -5.86 13.81 5.29
CA ALA A 12 -7.30 13.59 5.41
C ALA A 12 -7.78 12.63 4.31
N ALA A 13 -7.37 12.91 3.07
CA ALA A 13 -7.77 12.06 1.95
C ALA A 13 -7.09 10.70 2.04
N ALA A 14 -5.79 10.70 2.31
CA ALA A 14 -5.02 9.46 2.42
C ALA A 14 -5.51 8.60 3.58
N THR A 15 -6.26 9.23 4.48
CA THR A 15 -6.79 8.51 5.64
C THR A 15 -7.69 7.37 5.19
N CYS A 16 -8.46 7.60 4.13
CA CYS A 16 -9.36 6.58 3.63
C CYS A 16 -8.57 5.33 3.24
N THR A 17 -7.42 5.52 2.61
CA THR A 17 -6.60 4.38 2.20
C THR A 17 -6.13 3.57 3.39
N THR A 18 -5.53 4.25 4.37
CA THR A 18 -5.03 3.56 5.55
C THR A 18 -6.16 2.87 6.31
N VAL A 19 -7.29 3.57 6.43
CA VAL A 19 -8.43 3.02 7.13
C VAL A 19 -8.95 1.79 6.41
N ALA A 20 -8.97 1.86 5.07
CA ALA A 20 -9.43 0.75 4.25
C ALA A 20 -8.40 -0.38 4.21
N TYR A 21 -7.13 -0.02 4.30
CA TYR A 21 -6.05 -1.01 4.23
C TYR A 21 -6.14 -2.00 5.41
N ALA A 22 -6.37 -1.50 6.60
CA ALA A 22 -6.45 -2.37 7.78
C ALA A 22 -7.51 -3.49 7.60
N PRO A 23 -8.75 -3.15 7.36
CA PRO A 23 -9.84 -4.15 7.14
C PRO A 23 -9.58 -5.03 5.92
N GLN A 24 -8.89 -4.47 4.93
CA GLN A 24 -8.58 -5.22 3.73
C GLN A 24 -7.69 -6.41 4.07
N PHE A 25 -6.74 -6.18 4.98
CA PHE A 25 -5.83 -7.24 5.38
C PHE A 25 -6.58 -8.33 6.14
N ILE A 26 -7.55 -7.91 6.95
CA ILE A 26 -8.34 -8.87 7.71
C ILE A 26 -9.04 -9.84 6.77
N LYS A 27 -9.57 -9.32 5.67
CA LYS A 27 -10.25 -10.16 4.68
C LYS A 27 -9.27 -11.17 4.10
N VAL A 28 -8.04 -10.74 3.87
CA VAL A 28 -7.04 -11.64 3.32
C VAL A 28 -6.89 -12.86 4.22
N LEU A 29 -6.79 -12.64 5.52
CA LEU A 29 -6.68 -13.76 6.46
C LEU A 29 -7.94 -14.61 6.44
N LYS A 30 -9.10 -13.95 6.35
CA LYS A 30 -10.37 -14.67 6.33
C LYS A 30 -10.49 -15.52 5.05
N THR A 31 -9.60 -15.25 4.10
CA THR A 31 -9.62 -16.00 2.84
C THR A 31 -9.18 -17.45 3.06
N ARG A 32 -8.90 -17.79 4.31
CA ARG A 32 -8.45 -19.14 4.63
C ARG A 32 -7.13 -19.44 3.92
N SER A 33 -6.13 -18.61 4.16
CA SER A 33 -4.83 -18.78 3.54
C SER A 33 -4.05 -19.87 4.27
N ALA A 34 -3.27 -20.63 3.51
CA ALA A 34 -2.47 -21.72 4.09
C ALA A 34 -1.06 -21.25 4.43
N ARG A 35 -0.38 -22.06 5.23
CA ARG A 35 1.00 -21.78 5.64
C ARG A 35 1.90 -21.64 4.41
N ASP A 36 1.46 -22.21 3.29
CA ASP A 36 2.23 -22.19 2.06
C ASP A 36 2.33 -20.79 1.50
N ILE A 37 1.87 -19.81 2.28
CA ILE A 37 1.94 -18.41 1.85
C ILE A 37 3.32 -17.85 2.17
N SER A 38 3.96 -17.24 1.17
CA SER A 38 5.30 -16.69 1.36
C SER A 38 5.24 -15.30 1.99
N LEU A 39 5.44 -15.26 3.30
CA LEU A 39 5.44 -14.00 4.05
C LEU A 39 6.62 -13.14 3.63
N GLY A 40 7.61 -13.77 3.00
CA GLY A 40 8.80 -13.05 2.57
C GLY A 40 8.43 -11.90 1.66
N MET A 41 7.36 -12.05 0.89
CA MET A 41 6.93 -10.99 -0.01
C MET A 41 6.56 -9.74 0.78
N PHE A 42 5.82 -9.92 1.87
CA PHE A 42 5.41 -8.81 2.71
C PHE A 42 6.61 -8.17 3.39
N LEU A 43 7.55 -9.02 3.83
CA LEU A 43 8.74 -8.53 4.53
C LEU A 43 9.57 -7.63 3.60
N VAL A 44 9.69 -8.02 2.35
CA VAL A 44 10.45 -7.23 1.38
C VAL A 44 9.80 -5.86 1.20
N MET A 45 8.47 -5.86 1.09
CA MET A 45 7.73 -4.61 0.92
C MET A 45 7.98 -3.68 2.11
N VAL A 46 8.06 -4.26 3.30
CA VAL A 46 8.29 -3.47 4.50
C VAL A 46 9.64 -2.76 4.42
N LEU A 47 10.65 -3.48 3.94
CA LEU A 47 11.99 -2.90 3.84
C LEU A 47 11.97 -1.66 2.96
N GLY A 48 11.33 -1.76 1.80
CA GLY A 48 11.25 -0.63 0.89
C GLY A 48 10.48 0.51 1.54
N LEU A 49 9.40 0.16 2.21
CA LEU A 49 8.56 1.13 2.90
C LEU A 49 9.33 1.77 4.06
N ALA A 50 10.10 0.96 4.77
CA ALA A 50 10.85 1.45 5.91
C ALA A 50 11.73 2.61 5.49
N LEU A 51 12.44 2.46 4.38
CA LEU A 51 13.29 3.55 3.91
C LEU A 51 12.44 4.75 3.47
N TRP A 52 11.38 4.48 2.73
CA TRP A 52 10.51 5.55 2.26
C TRP A 52 9.94 6.35 3.43
N LEU A 53 9.84 5.71 4.59
CA LEU A 53 9.31 6.36 5.77
C LEU A 53 10.16 7.55 6.18
N ILE A 54 11.48 7.38 6.13
CA ILE A 54 12.38 8.46 6.51
C ILE A 54 12.25 9.62 5.54
N TYR A 55 12.14 9.28 4.25
CA TYR A 55 11.99 10.31 3.22
C TYR A 55 10.68 11.06 3.40
N GLY A 56 9.63 10.36 3.81
CA GLY A 56 8.34 11.01 4.02
C GLY A 56 8.46 12.10 5.07
N LEU A 57 9.15 11.79 6.17
CA LEU A 57 9.33 12.75 7.24
C LEU A 57 10.15 13.94 6.74
N LEU A 58 11.14 13.66 5.91
CA LEU A 58 12.00 14.72 5.38
C LEU A 58 11.18 15.75 4.61
N SER A 59 10.13 15.29 3.94
CA SER A 59 9.26 16.18 3.17
C SER A 59 8.22 16.81 4.09
N GLY A 60 8.25 16.43 5.36
CA GLY A 60 7.29 16.96 6.32
C GLY A 60 5.91 16.39 6.07
N ASP A 61 5.87 15.22 5.46
CA ASP A 61 4.61 14.57 5.15
C ASP A 61 4.00 13.93 6.41
N ALA A 62 2.74 14.25 6.64
CA ALA A 62 1.98 13.71 7.77
C ALA A 62 1.30 12.38 7.43
N PRO A 63 0.85 12.20 6.21
CA PRO A 63 0.16 10.93 5.81
C PRO A 63 0.96 9.69 6.18
N LEU A 64 2.27 9.77 6.00
CA LEU A 64 3.14 8.64 6.32
C LEU A 64 3.10 8.32 7.81
N ILE A 65 3.09 9.35 8.63
CA ILE A 65 3.07 9.16 10.08
C ILE A 65 1.79 8.43 10.50
N ALA A 66 0.66 8.87 9.97
CA ALA A 66 -0.62 8.25 10.30
C ALA A 66 -0.63 6.81 9.80
N SER A 67 -0.09 6.60 8.62
CA SER A 67 -0.03 5.27 8.03
C SER A 67 0.85 4.35 8.88
N ASN A 68 1.95 4.90 9.38
CA ASN A 68 2.87 4.13 10.20
C ASN A 68 2.15 3.54 11.41
N ALA A 69 1.33 4.35 12.06
CA ALA A 69 0.58 3.86 13.22
C ALA A 69 -0.44 2.80 12.81
N VAL A 70 -1.11 3.04 11.68
CA VAL A 70 -2.11 2.11 11.17
C VAL A 70 -1.44 0.79 10.77
N THR A 71 -0.28 0.90 10.11
CA THR A 71 0.45 -0.28 9.69
C THR A 71 0.80 -1.15 10.88
N MET A 72 1.22 -0.52 11.97
CA MET A 72 1.58 -1.25 13.17
C MET A 72 0.40 -2.11 13.64
N LEU A 73 -0.79 -1.52 13.65
CA LEU A 73 -1.98 -2.26 14.06
C LEU A 73 -2.26 -3.41 13.07
N LEU A 74 -2.11 -3.12 11.79
CA LEU A 74 -2.34 -4.11 10.74
C LEU A 74 -1.39 -5.29 10.90
N ALA A 75 -0.20 -5.02 11.39
CA ALA A 75 0.80 -6.07 11.55
C ALA A 75 0.22 -7.25 12.31
N GLY A 76 -0.80 -6.99 13.13
CA GLY A 76 -1.43 -8.06 13.90
C GLY A 76 -1.69 -9.28 13.02
N GLY A 77 -2.06 -9.04 11.77
CA GLY A 77 -2.33 -10.15 10.84
C GLY A 77 -1.06 -10.96 10.60
N ILE A 78 0.07 -10.27 10.52
CA ILE A 78 1.35 -10.93 10.30
C ILE A 78 1.72 -11.80 11.49
N LEU A 79 1.48 -11.29 12.69
CA LEU A 79 1.83 -12.03 13.90
C LEU A 79 1.11 -13.37 13.93
N VAL A 80 -0.19 -13.37 13.66
CA VAL A 80 -0.97 -14.61 13.66
C VAL A 80 -0.59 -15.51 12.48
N MET A 81 -0.37 -14.90 11.32
CA MET A 81 0.01 -15.62 10.12
C MET A 81 1.33 -16.35 10.31
N LYS A 82 2.23 -15.74 11.06
CA LYS A 82 3.55 -16.32 11.29
C LYS A 82 3.44 -17.70 11.92
N LEU A 83 2.38 -17.93 12.70
CA LEU A 83 2.20 -19.23 13.34
C LEU A 83 2.01 -20.32 12.29
N ARG A 84 1.20 -20.02 11.28
CA ARG A 84 0.94 -20.99 10.23
C ARG A 84 2.20 -21.26 9.43
N TYR A 85 2.92 -20.19 9.10
CA TYR A 85 4.15 -20.31 8.33
C TYR A 85 5.18 -21.14 9.08
N GLY A 86 5.33 -20.86 10.37
CA GLY A 86 6.29 -21.60 11.20
C GLY A 86 7.71 -21.18 10.87
N MET B 1 20.87 20.65 -3.12
CA MET B 1 19.68 19.93 -2.60
C MET B 1 18.42 20.55 -3.17
N ASP B 2 17.54 19.74 -3.76
CA ASP B 2 16.30 20.26 -4.34
C ASP B 2 15.20 19.19 -4.28
N PRO B 3 13.95 19.59 -4.07
CA PRO B 3 12.81 18.63 -4.00
C PRO B 3 12.89 17.55 -5.08
N PHE B 4 13.40 17.92 -6.25
CA PHE B 4 13.50 16.99 -7.37
C PHE B 4 14.42 15.83 -6.99
N LEU B 5 15.48 16.14 -6.26
CA LEU B 5 16.43 15.12 -5.84
C LEU B 5 15.79 14.17 -4.84
N ILE B 6 14.99 14.72 -3.93
CA ILE B 6 14.33 13.91 -2.91
C ILE B 6 13.44 12.86 -3.54
N LYS B 7 12.60 13.29 -4.46
CA LYS B 7 11.69 12.37 -5.10
C LYS B 7 12.44 11.27 -5.81
N LEU B 8 13.50 11.63 -6.52
CA LEU B 8 14.28 10.65 -7.25
C LEU B 8 14.95 9.66 -6.31
N ILE B 9 15.59 10.18 -5.28
CA ILE B 9 16.27 9.33 -4.31
C ILE B 9 15.25 8.49 -3.53
N GLY B 10 14.17 9.12 -3.11
CA GLY B 10 13.13 8.43 -2.36
C GLY B 10 12.46 7.36 -3.22
N PHE B 11 12.31 7.64 -4.50
CA PHE B 11 11.70 6.70 -5.42
C PHE B 11 12.52 5.42 -5.49
N ALA B 12 13.82 5.55 -5.59
CA ALA B 12 14.69 4.38 -5.68
C ALA B 12 14.37 3.40 -4.55
N ALA B 13 14.29 3.90 -3.33
CA ALA B 13 13.99 3.05 -2.18
C ALA B 13 12.54 2.56 -2.24
N ALA B 14 11.62 3.47 -2.53
CA ALA B 14 10.19 3.13 -2.60
C ALA B 14 9.93 2.15 -3.74
N THR B 15 10.89 2.03 -4.65
CA THR B 15 10.75 1.13 -5.78
C THR B 15 10.60 -0.30 -5.29
N CYS B 16 11.32 -0.65 -4.24
CA CYS B 16 11.24 -2.00 -3.69
C CYS B 16 9.80 -2.34 -3.28
N THR B 17 9.12 -1.37 -2.67
CA THR B 17 7.74 -1.59 -2.23
C THR B 17 6.83 -1.86 -3.42
N THR B 18 6.87 -0.99 -4.41
CA THR B 18 6.02 -1.15 -5.59
C THR B 18 6.33 -2.46 -6.31
N VAL B 19 7.62 -2.75 -6.45
CA VAL B 19 8.05 -3.97 -7.12
C VAL B 19 7.55 -5.19 -6.36
N ALA B 20 7.64 -5.12 -5.03
CA ALA B 20 7.19 -6.21 -4.16
C ALA B 20 5.65 -6.29 -4.12
N TYR B 21 5.00 -5.14 -4.22
CA TYR B 21 3.55 -5.08 -4.15
C TYR B 21 2.90 -5.88 -5.28
N ALA B 22 3.41 -5.71 -6.50
CA ALA B 22 2.84 -6.42 -7.66
C ALA B 22 2.80 -7.96 -7.43
N PRO B 23 3.92 -8.58 -7.17
CA PRO B 23 4.00 -10.06 -6.93
C PRO B 23 3.21 -10.46 -5.69
N GLN B 24 3.12 -9.55 -4.72
CA GLN B 24 2.38 -9.84 -3.50
C GLN B 24 0.90 -10.06 -3.83
N PHE B 25 0.38 -9.26 -4.75
CA PHE B 25 -1.01 -9.38 -5.13
C PHE B 25 -1.25 -10.71 -5.86
N ILE B 26 -0.28 -11.11 -6.66
CA ILE B 26 -0.40 -12.37 -7.40
C ILE B 26 -0.58 -13.53 -6.42
N LYS B 27 0.18 -13.50 -5.33
CA LYS B 27 0.09 -14.54 -4.31
C LYS B 27 -1.31 -14.56 -3.72
N VAL B 28 -1.89 -13.38 -3.51
CA VAL B 28 -3.22 -13.31 -2.95
C VAL B 28 -4.20 -14.08 -3.81
N LEU B 29 -4.12 -13.91 -5.12
CA LEU B 29 -5.00 -14.63 -6.04
C LEU B 29 -4.69 -16.13 -5.97
N LYS B 30 -3.42 -16.48 -5.89
CA LYS B 30 -3.02 -17.87 -5.84
C LYS B 30 -3.52 -18.52 -4.55
N THR B 31 -3.95 -17.70 -3.61
CA THR B 31 -4.44 -18.21 -2.33
C THR B 31 -5.78 -18.92 -2.52
N ARG B 32 -6.24 -19.01 -3.76
CA ARG B 32 -7.51 -19.66 -4.04
C ARG B 32 -8.64 -18.93 -3.34
N SER B 33 -8.77 -17.63 -3.62
CA SER B 33 -9.82 -16.83 -3.01
C SER B 33 -11.14 -17.06 -3.72
N ALA B 34 -12.23 -17.05 -2.95
CA ALA B 34 -13.56 -17.27 -3.51
C ALA B 34 -14.25 -15.96 -3.87
N ARG B 35 -15.30 -16.06 -4.67
CA ARG B 35 -16.09 -14.91 -5.09
C ARG B 35 -16.61 -14.15 -3.87
N ASP B 36 -16.69 -14.84 -2.74
CA ASP B 36 -17.22 -14.25 -1.53
C ASP B 36 -16.29 -13.16 -1.00
N ILE B 37 -15.28 -12.81 -1.78
CA ILE B 37 -14.35 -11.77 -1.39
C ILE B 37 -14.94 -10.40 -1.75
N SER B 38 -14.95 -9.49 -0.77
CA SER B 38 -15.52 -8.16 -0.99
C SER B 38 -14.51 -7.23 -1.66
N LEU B 39 -14.63 -7.10 -2.97
CA LEU B 39 -13.76 -6.22 -3.75
C LEU B 39 -13.99 -4.77 -3.36
N GLY B 40 -15.13 -4.51 -2.74
CA GLY B 40 -15.47 -3.14 -2.33
C GLY B 40 -14.37 -2.56 -1.44
N MET B 41 -13.72 -3.41 -0.66
CA MET B 41 -12.66 -2.93 0.22
C MET B 41 -11.52 -2.32 -0.60
N PHE B 42 -11.14 -3.00 -1.67
CA PHE B 42 -10.07 -2.52 -2.54
C PHE B 42 -10.49 -1.24 -3.26
N LEU B 43 -11.74 -1.19 -3.68
CA LEU B 43 -12.26 -0.03 -4.39
C LEU B 43 -12.20 1.21 -3.51
N VAL B 44 -12.56 1.05 -2.24
CA VAL B 44 -12.52 2.17 -1.31
C VAL B 44 -11.10 2.69 -1.15
N MET B 45 -10.15 1.77 -1.04
CA MET B 45 -8.75 2.14 -0.88
C MET B 45 -8.29 2.95 -2.10
N VAL B 46 -8.76 2.55 -3.27
CA VAL B 46 -8.38 3.24 -4.50
C VAL B 46 -8.84 4.71 -4.45
N LEU B 47 -10.06 4.92 -3.97
CA LEU B 47 -10.59 6.27 -3.89
C LEU B 47 -9.71 7.16 -3.03
N GLY B 48 -9.31 6.67 -1.86
CA GLY B 48 -8.45 7.45 -0.99
C GLY B 48 -7.10 7.70 -1.66
N LEU B 49 -6.59 6.65 -2.31
CA LEU B 49 -5.32 6.75 -3.01
C LEU B 49 -5.42 7.71 -4.19
N ALA B 50 -6.55 7.66 -4.89
CA ALA B 50 -6.75 8.51 -6.06
C ALA B 50 -6.55 9.97 -5.68
N LEU B 51 -7.15 10.39 -4.57
CA LEU B 51 -6.99 11.77 -4.14
C LEU B 51 -5.54 12.04 -3.72
N TRP B 52 -4.96 11.12 -2.97
CA TRP B 52 -3.58 11.27 -2.51
C TRP B 52 -2.64 11.41 -3.70
N LEU B 53 -3.03 10.85 -4.83
CA LEU B 53 -2.20 10.91 -6.03
C LEU B 53 -1.98 12.35 -6.48
N ILE B 54 -3.04 13.16 -6.44
CA ILE B 54 -2.92 14.56 -6.86
C ILE B 54 -1.99 15.30 -5.90
N TYR B 55 -2.14 15.02 -4.61
CA TYR B 55 -1.31 15.67 -3.60
C TYR B 55 0.16 15.28 -3.79
N GLY B 56 0.40 14.04 -4.18
CA GLY B 56 1.77 13.58 -4.38
C GLY B 56 2.44 14.41 -5.47
N LEU B 57 1.73 14.64 -6.55
CA LEU B 57 2.26 15.44 -7.66
C LEU B 57 2.52 16.87 -7.20
N LEU B 58 1.63 17.39 -6.37
CA LEU B 58 1.77 18.75 -5.88
C LEU B 58 3.09 18.93 -5.13
N SER B 59 3.52 17.88 -4.44
CA SER B 59 4.77 17.93 -3.69
C SER B 59 5.95 17.61 -4.60
N GLY B 60 5.65 17.34 -5.86
CA GLY B 60 6.69 17.02 -6.83
C GLY B 60 7.26 15.64 -6.55
N ASP B 61 6.46 14.80 -5.91
CA ASP B 61 6.93 13.46 -5.57
C ASP B 61 6.90 12.55 -6.81
N ALA B 62 8.01 11.86 -7.03
CA ALA B 62 8.16 10.93 -8.14
C ALA B 62 7.71 9.53 -7.76
N PRO B 63 7.92 9.10 -6.53
CA PRO B 63 7.52 7.73 -6.09
C PRO B 63 6.07 7.41 -6.43
N LEU B 64 5.19 8.38 -6.27
CA LEU B 64 3.78 8.18 -6.57
C LEU B 64 3.56 7.89 -8.05
N ILE B 65 4.29 8.60 -8.90
CA ILE B 65 4.16 8.40 -10.34
C ILE B 65 4.54 6.98 -10.73
N ALA B 66 5.67 6.51 -10.20
CA ALA B 66 6.13 5.17 -10.50
C ALA B 66 5.14 4.13 -9.96
N SER B 67 4.61 4.40 -8.78
CA SER B 67 3.64 3.51 -8.16
C SER B 67 2.37 3.46 -8.99
N ASN B 68 1.97 4.62 -9.53
CA ASN B 68 0.76 4.69 -10.33
C ASN B 68 0.84 3.73 -11.51
N ALA B 69 1.99 3.71 -12.18
CA ALA B 69 2.17 2.81 -13.32
C ALA B 69 2.15 1.36 -12.86
N VAL B 70 2.81 1.08 -11.75
CA VAL B 70 2.86 -0.27 -11.20
C VAL B 70 1.46 -0.72 -10.78
N THR B 71 0.72 0.18 -10.13
CA THR B 71 -0.61 -0.13 -9.67
C THR B 71 -1.50 -0.54 -10.86
N MET B 72 -1.35 0.18 -11.97
CA MET B 72 -2.15 -0.12 -13.15
C MET B 72 -1.91 -1.57 -13.58
N LEU B 73 -0.65 -1.98 -13.59
CA LEU B 73 -0.34 -3.36 -13.97
C LEU B 73 -0.93 -4.34 -12.96
N LEU B 74 -0.82 -3.99 -11.67
CA LEU B 74 -1.34 -4.84 -10.61
C LEU B 74 -2.84 -5.02 -10.74
N ALA B 75 -3.52 -3.99 -11.25
CA ALA B 75 -4.96 -4.04 -11.40
C ALA B 75 -5.39 -5.31 -12.12
N GLY B 76 -4.49 -5.86 -12.94
CA GLY B 76 -4.80 -7.07 -13.67
C GLY B 76 -5.46 -8.11 -12.77
N GLY B 77 -5.02 -8.17 -11.51
CA GLY B 77 -5.59 -9.12 -10.55
C GLY B 77 -7.07 -8.80 -10.30
N ILE B 78 -7.38 -7.51 -10.26
CA ILE B 78 -8.75 -7.08 -10.03
C ILE B 78 -9.64 -7.47 -11.20
N LEU B 79 -9.13 -7.29 -12.41
CA LEU B 79 -9.90 -7.61 -13.61
C LEU B 79 -10.34 -9.07 -13.59
N VAL B 80 -9.42 -9.98 -13.30
CA VAL B 80 -9.73 -11.41 -13.28
C VAL B 80 -10.62 -11.75 -12.07
N MET B 81 -10.34 -11.13 -10.94
CA MET B 81 -11.11 -11.36 -9.72
C MET B 81 -12.56 -10.94 -9.91
N LYS B 82 -12.78 -9.89 -10.69
CA LYS B 82 -14.12 -9.38 -10.90
C LYS B 82 -15.03 -10.47 -11.49
N LEU B 83 -14.44 -11.38 -12.27
CA LEU B 83 -15.22 -12.45 -12.87
C LEU B 83 -15.84 -13.34 -11.78
N ARG B 84 -15.06 -13.67 -10.77
CA ARG B 84 -15.54 -14.52 -9.70
C ARG B 84 -16.62 -13.79 -8.90
N TYR B 85 -16.37 -12.52 -8.61
CA TYR B 85 -17.32 -11.72 -7.85
C TYR B 85 -18.65 -11.60 -8.60
N GLY B 86 -18.58 -11.34 -9.89
CA GLY B 86 -19.78 -11.21 -10.70
C GLY B 86 -20.49 -9.90 -10.40
N MET A 1 4.03 28.63 5.92
CA MET A 1 3.08 29.22 6.90
C MET A 1 2.12 28.14 7.38
N ASP A 2 2.51 27.43 8.44
CA ASP A 2 1.66 26.37 8.98
C ASP A 2 1.33 25.34 7.91
N PRO A 3 2.32 24.91 7.17
CA PRO A 3 2.14 23.90 6.07
C PRO A 3 1.62 22.56 6.59
N PHE A 4 1.61 22.42 7.91
CA PHE A 4 1.15 21.18 8.53
C PHE A 4 -0.29 20.90 8.13
N LEU A 5 -1.10 21.95 8.06
CA LEU A 5 -2.50 21.79 7.69
C LEU A 5 -2.63 21.26 6.25
N ILE A 6 -1.77 21.74 5.37
CA ILE A 6 -1.83 21.31 3.97
C ILE A 6 -1.60 19.81 3.87
N LYS A 7 -0.59 19.32 4.56
CA LYS A 7 -0.29 17.90 4.53
C LYS A 7 -1.45 17.11 5.08
N LEU A 8 -2.14 17.67 6.06
CA LEU A 8 -3.27 16.97 6.67
C LEU A 8 -4.36 16.70 5.63
N ILE A 9 -4.63 17.70 4.80
CA ILE A 9 -5.65 17.55 3.77
C ILE A 9 -5.26 16.44 2.80
N GLY A 10 -3.99 16.42 2.42
CA GLY A 10 -3.50 15.40 1.49
C GLY A 10 -3.72 14.00 2.02
N PHE A 11 -3.48 13.81 3.32
CA PHE A 11 -3.65 12.51 3.95
C PHE A 11 -5.13 12.24 4.23
N ALA A 12 -5.95 13.29 4.19
CA ALA A 12 -7.36 13.13 4.47
C ALA A 12 -7.96 12.03 3.60
N ALA A 13 -7.67 12.05 2.31
CA ALA A 13 -8.18 11.04 1.40
C ALA A 13 -7.52 9.69 1.67
N ALA A 14 -6.23 9.72 1.99
CA ALA A 14 -5.48 8.50 2.26
C ALA A 14 -6.06 7.78 3.48
N THR A 15 -6.85 8.51 4.25
CA THR A 15 -7.46 7.93 5.45
C THR A 15 -8.34 6.74 5.08
N CYS A 16 -8.99 6.82 3.93
CA CYS A 16 -9.87 5.76 3.48
C CYS A 16 -9.10 4.46 3.34
N THR A 17 -7.92 4.54 2.75
CA THR A 17 -7.08 3.36 2.57
C THR A 17 -6.71 2.76 3.92
N THR A 18 -6.30 3.60 4.85
CA THR A 18 -5.90 3.11 6.17
C THR A 18 -7.07 2.45 6.86
N VAL A 19 -8.24 3.09 6.80
CA VAL A 19 -9.44 2.56 7.42
C VAL A 19 -9.81 1.24 6.77
N ALA A 20 -9.62 1.13 5.46
CA ALA A 20 -9.93 -0.09 4.72
C ALA A 20 -8.94 -1.20 5.07
N TYR A 21 -7.70 -0.81 5.33
CA TYR A 21 -6.67 -1.79 5.67
C TYR A 21 -6.96 -2.48 7.00
N ALA A 22 -7.51 -1.73 7.95
CA ALA A 22 -7.78 -2.32 9.27
C ALA A 22 -8.63 -3.61 9.14
N PRO A 23 -9.79 -3.52 8.55
CA PRO A 23 -10.67 -4.71 8.36
C PRO A 23 -10.04 -5.74 7.43
N GLN A 24 -9.28 -5.26 6.44
CA GLN A 24 -8.63 -6.16 5.49
C GLN A 24 -7.64 -7.07 6.20
N PHE A 25 -6.84 -6.49 7.09
CA PHE A 25 -5.86 -7.27 7.82
C PHE A 25 -6.57 -8.33 8.65
N ILE A 26 -7.66 -7.96 9.30
CA ILE A 26 -8.41 -8.91 10.11
C ILE A 26 -9.02 -10.00 9.24
N LYS A 27 -9.57 -9.59 8.11
CA LYS A 27 -10.19 -10.53 7.17
C LYS A 27 -9.17 -11.53 6.66
N VAL A 28 -7.90 -11.16 6.73
CA VAL A 28 -6.85 -12.02 6.22
C VAL A 28 -6.97 -13.41 6.85
N LEU A 29 -7.42 -13.46 8.09
CA LEU A 29 -7.56 -14.73 8.79
C LEU A 29 -8.59 -15.61 8.10
N LYS A 30 -9.73 -15.01 7.76
CA LYS A 30 -10.82 -15.74 7.12
C LYS A 30 -10.66 -15.73 5.61
N THR A 31 -9.59 -15.10 5.14
CA THR A 31 -9.35 -15.02 3.70
C THR A 31 -8.94 -16.38 3.16
N ARG A 32 -8.49 -17.27 4.03
CA ARG A 32 -8.08 -18.61 3.60
C ARG A 32 -6.98 -18.53 2.56
N SER A 33 -5.87 -17.89 2.92
CA SER A 33 -4.76 -17.74 1.99
C SER A 33 -3.94 -19.03 1.93
N ALA A 34 -3.52 -19.39 0.71
CA ALA A 34 -2.75 -20.61 0.53
C ALA A 34 -1.37 -20.49 1.18
N ARG A 35 -0.97 -21.54 1.88
CA ARG A 35 0.33 -21.57 2.55
C ARG A 35 1.46 -21.56 1.51
N ASP A 36 1.15 -22.05 0.32
CA ASP A 36 2.16 -22.12 -0.74
C ASP A 36 2.50 -20.74 -1.26
N ILE A 37 1.96 -19.71 -0.61
CA ILE A 37 2.23 -18.34 -1.01
C ILE A 37 3.53 -17.85 -0.39
N SER A 38 4.36 -17.21 -1.21
CA SER A 38 5.65 -16.71 -0.75
C SER A 38 5.44 -15.51 0.16
N LEU A 39 5.59 -15.72 1.46
CA LEU A 39 5.43 -14.66 2.44
C LEU A 39 6.51 -13.60 2.24
N GLY A 40 7.58 -13.99 1.57
CA GLY A 40 8.68 -13.08 1.35
C GLY A 40 8.21 -11.82 0.61
N MET A 41 7.25 -12.00 -0.30
CA MET A 41 6.72 -10.88 -1.06
C MET A 41 6.08 -9.85 -0.12
N PHE A 42 5.29 -10.33 0.82
CA PHE A 42 4.64 -9.45 1.78
C PHE A 42 5.67 -8.80 2.69
N LEU A 43 6.68 -9.57 3.06
CA LEU A 43 7.73 -9.06 3.95
C LEU A 43 8.46 -7.89 3.29
N VAL A 44 8.75 -8.04 2.01
CA VAL A 44 9.44 -7.00 1.27
C VAL A 44 8.59 -5.73 1.25
N MET A 45 7.29 -5.90 1.05
CA MET A 45 6.38 -4.78 1.00
C MET A 45 6.46 -3.97 2.29
N VAL A 46 6.52 -4.67 3.41
CA VAL A 46 6.60 -4.00 4.71
C VAL A 46 7.86 -3.16 4.79
N LEU A 47 8.96 -3.70 4.31
CA LEU A 47 10.23 -2.99 4.36
C LEU A 47 10.13 -1.67 3.57
N GLY A 48 9.58 -1.76 2.36
CA GLY A 48 9.46 -0.56 1.52
C GLY A 48 8.68 0.53 2.23
N LEU A 49 7.59 0.14 2.88
CA LEU A 49 6.76 1.09 3.61
C LEU A 49 7.55 1.73 4.76
N ALA A 50 8.37 0.92 5.41
CA ALA A 50 9.14 1.42 6.52
C ALA A 50 9.98 2.62 6.08
N LEU A 51 10.63 2.48 4.93
CA LEU A 51 11.43 3.57 4.39
C LEU A 51 10.54 4.74 3.97
N TRP A 52 9.36 4.42 3.47
CA TRP A 52 8.43 5.45 3.03
C TRP A 52 8.13 6.42 4.17
N LEU A 53 8.15 5.92 5.40
CA LEU A 53 7.86 6.77 6.55
C LEU A 53 8.90 7.89 6.66
N ILE A 54 10.16 7.53 6.51
CA ILE A 54 11.24 8.50 6.57
C ILE A 54 11.06 9.53 5.47
N TYR A 55 10.60 9.07 4.31
CA TYR A 55 10.36 9.96 3.18
C TYR A 55 9.29 10.99 3.54
N GLY A 56 8.22 10.52 4.16
CA GLY A 56 7.13 11.41 4.55
C GLY A 56 7.64 12.50 5.49
N LEU A 57 8.53 12.11 6.39
CA LEU A 57 9.10 13.07 7.33
C LEU A 57 9.93 14.11 6.57
N LEU A 58 10.67 13.64 5.58
CA LEU A 58 11.50 14.54 4.78
C LEU A 58 10.66 15.62 4.14
N SER A 59 9.43 15.27 3.79
CA SER A 59 8.52 16.22 3.16
C SER A 59 7.87 17.11 4.22
N GLY A 60 8.13 16.79 5.49
CA GLY A 60 7.56 17.56 6.59
C GLY A 60 6.08 17.25 6.74
N ASP A 61 5.70 16.03 6.38
CA ASP A 61 4.31 15.62 6.49
C ASP A 61 3.86 15.64 7.95
N ALA A 62 2.71 16.27 8.19
CA ALA A 62 2.13 16.34 9.53
C ALA A 62 1.41 15.03 9.88
N PRO A 63 0.56 14.53 9.00
CA PRO A 63 -0.22 13.28 9.22
C PRO A 63 0.68 12.07 9.46
N LEU A 64 1.92 12.19 9.04
CA LEU A 64 2.85 11.08 9.18
C LEU A 64 2.95 10.66 10.65
N ILE A 65 2.92 11.64 11.55
CA ILE A 65 3.01 11.32 12.97
C ILE A 65 1.84 10.45 13.41
N ALA A 66 0.63 10.88 13.07
CA ALA A 66 -0.57 10.12 13.42
C ALA A 66 -0.63 8.81 12.65
N SER A 67 -0.19 8.86 11.40
CA SER A 67 -0.20 7.69 10.53
C SER A 67 0.64 6.57 11.14
N ASN A 68 1.75 6.94 11.77
CA ASN A 68 2.64 5.97 12.37
C ASN A 68 1.90 5.15 13.43
N ALA A 69 1.12 5.82 14.26
CA ALA A 69 0.36 5.14 15.30
C ALA A 69 -0.70 4.22 14.69
N VAL A 70 -1.36 4.72 13.65
CA VAL A 70 -2.40 3.94 12.98
C VAL A 70 -1.80 2.73 12.28
N THR A 71 -0.67 2.94 11.61
CA THR A 71 0.00 1.87 10.89
C THR A 71 0.31 0.71 11.82
N MET A 72 0.73 1.03 13.04
CA MET A 72 1.07 -0.02 13.99
C MET A 72 -0.10 -0.99 14.13
N LEU A 73 -1.31 -0.46 14.23
CA LEU A 73 -2.49 -1.31 14.35
C LEU A 73 -2.74 -2.08 13.07
N LEU A 74 -2.59 -1.40 11.95
CA LEU A 74 -2.80 -2.01 10.64
C LEU A 74 -1.82 -3.14 10.41
N ALA A 75 -0.62 -2.98 10.93
CA ALA A 75 0.41 -3.99 10.77
C ALA A 75 -0.11 -5.36 11.20
N GLY A 76 -0.94 -5.38 12.24
CA GLY A 76 -1.51 -6.63 12.74
C GLY A 76 -0.52 -7.78 12.63
N GLY A 77 -0.79 -8.71 11.72
CA GLY A 77 0.10 -9.84 11.51
C GLY A 77 -0.39 -10.74 10.39
N ILE A 78 0.05 -10.44 9.18
CA ILE A 78 -0.38 -11.23 8.02
C ILE A 78 0.10 -12.67 8.14
N LEU A 79 1.39 -12.83 8.47
CA LEU A 79 1.95 -14.16 8.62
C LEU A 79 1.38 -14.85 9.85
N VAL A 80 1.25 -14.11 10.93
CA VAL A 80 0.72 -14.67 12.18
C VAL A 80 -0.70 -15.17 11.98
N MET A 81 -1.52 -14.35 11.33
CA MET A 81 -2.91 -14.73 11.08
C MET A 81 -3.01 -15.96 10.19
N LYS A 82 -2.15 -16.02 9.18
CA LYS A 82 -2.16 -17.16 8.26
C LYS A 82 -1.90 -18.46 9.01
N LEU A 83 -0.86 -18.47 9.84
CA LEU A 83 -0.52 -19.65 10.62
C LEU A 83 -1.59 -19.93 11.67
N ARG A 84 -2.09 -18.87 12.29
CA ARG A 84 -3.09 -19.01 13.34
C ARG A 84 -4.35 -19.64 12.80
N TYR A 85 -4.54 -19.55 11.48
CA TYR A 85 -5.72 -20.12 10.84
C TYR A 85 -5.85 -21.60 11.21
N GLY A 86 -4.72 -22.30 11.24
CA GLY A 86 -4.74 -23.72 11.57
C GLY A 86 -3.32 -24.21 11.89
N MET B 1 17.21 23.03 -6.71
CA MET B 1 18.30 22.75 -7.69
C MET B 1 18.21 21.29 -8.13
N ASP B 2 17.43 21.03 -9.18
CA ASP B 2 17.27 19.68 -9.68
C ASP B 2 16.80 18.73 -8.57
N PRO B 3 15.80 19.14 -7.84
CA PRO B 3 15.24 18.33 -6.71
C PRO B 3 14.66 17.00 -7.20
N PHE B 4 14.54 16.87 -8.51
CA PHE B 4 13.99 15.64 -9.09
C PHE B 4 14.83 14.44 -8.67
N LEU B 5 16.14 14.61 -8.61
CA LEU B 5 17.03 13.53 -8.22
C LEU B 5 16.76 13.10 -6.78
N ILE B 6 16.50 14.06 -5.91
CA ILE B 6 16.25 13.76 -4.50
C ILE B 6 15.04 12.85 -4.36
N LYS B 7 13.97 13.19 -5.05
CA LYS B 7 12.75 12.41 -4.99
C LYS B 7 13.01 11.00 -5.51
N LEU B 8 13.90 10.89 -6.49
CA LEU B 8 14.20 9.59 -7.07
C LEU B 8 14.79 8.67 -6.01
N ILE B 9 15.70 9.19 -5.21
CA ILE B 9 16.32 8.40 -4.17
C ILE B 9 15.28 7.91 -3.16
N GLY B 10 14.37 8.80 -2.80
CA GLY B 10 13.32 8.44 -1.85
C GLY B 10 12.48 7.27 -2.36
N PHE B 11 12.16 7.29 -3.64
CA PHE B 11 11.36 6.22 -4.23
C PHE B 11 12.21 4.97 -4.50
N ALA B 12 13.53 5.16 -4.47
CA ALA B 12 14.44 4.04 -4.72
C ALA B 12 14.09 2.86 -3.84
N ALA B 13 13.91 3.12 -2.55
CA ALA B 13 13.58 2.06 -1.60
C ALA B 13 12.15 1.56 -1.84
N ALA B 14 11.25 2.48 -2.17
CA ALA B 14 9.85 2.13 -2.42
C ALA B 14 9.74 1.18 -3.62
N THR B 15 10.81 1.12 -4.40
CA THR B 15 10.83 0.25 -5.57
C THR B 15 10.62 -1.21 -5.17
N CYS B 16 11.15 -1.57 -4.01
CA CYS B 16 11.03 -2.94 -3.53
C CYS B 16 9.57 -3.32 -3.36
N THR B 17 8.79 -2.40 -2.78
CA THR B 17 7.38 -2.66 -2.58
C THR B 17 6.67 -2.86 -3.92
N THR B 18 6.96 -1.99 -4.88
CA THR B 18 6.33 -2.09 -6.18
C THR B 18 6.68 -3.41 -6.86
N VAL B 19 7.96 -3.76 -6.78
CA VAL B 19 8.43 -5.01 -7.38
C VAL B 19 7.78 -6.20 -6.70
N ALA B 20 7.58 -6.09 -5.39
CA ALA B 20 6.95 -7.17 -4.61
C ALA B 20 5.45 -7.26 -4.94
N TYR B 21 4.85 -6.12 -5.23
CA TYR B 21 3.43 -6.09 -5.55
C TYR B 21 3.13 -6.83 -6.86
N ALA B 22 4.03 -6.72 -7.83
CA ALA B 22 3.80 -7.35 -9.13
C ALA B 22 3.51 -8.86 -8.95
N PRO B 23 4.39 -9.60 -8.36
CA PRO B 23 4.19 -11.06 -8.12
C PRO B 23 3.01 -11.32 -7.17
N GLN B 24 2.82 -10.42 -6.21
CA GLN B 24 1.75 -10.58 -5.24
C GLN B 24 0.40 -10.55 -5.94
N PHE B 25 0.22 -9.60 -6.85
CA PHE B 25 -1.03 -9.48 -7.58
C PHE B 25 -1.29 -10.76 -8.36
N ILE B 26 -0.25 -11.27 -9.01
CA ILE B 26 -0.39 -12.50 -9.79
C ILE B 26 -0.73 -13.68 -8.88
N LYS B 27 -0.03 -13.76 -7.76
CA LYS B 27 -0.24 -14.82 -6.79
C LYS B 27 -1.66 -14.80 -6.26
N VAL B 28 -2.30 -13.65 -6.35
CA VAL B 28 -3.66 -13.51 -5.83
C VAL B 28 -4.57 -14.59 -6.43
N LEU B 29 -4.27 -14.98 -7.66
CA LEU B 29 -5.08 -16.00 -8.32
C LEU B 29 -4.95 -17.34 -7.60
N LYS B 30 -3.72 -17.70 -7.27
CA LYS B 30 -3.46 -18.97 -6.60
C LYS B 30 -3.54 -18.81 -5.08
N THR B 31 -3.86 -17.60 -4.65
CA THR B 31 -3.97 -17.34 -3.22
C THR B 31 -5.21 -18.00 -2.63
N ARG B 32 -6.16 -18.33 -3.50
CA ARG B 32 -7.37 -18.99 -3.04
C ARG B 32 -8.10 -18.12 -2.00
N SER B 33 -8.43 -16.90 -2.39
CA SER B 33 -9.12 -15.99 -1.48
C SER B 33 -10.60 -16.33 -1.39
N ALA B 34 -11.14 -16.26 -0.18
CA ALA B 34 -12.54 -16.58 0.04
C ALA B 34 -13.45 -15.54 -0.64
N ARG B 35 -14.48 -16.03 -1.31
CA ARG B 35 -15.43 -15.15 -1.98
C ARG B 35 -16.21 -14.32 -0.97
N ASP B 36 -16.33 -14.84 0.24
CA ASP B 36 -17.08 -14.17 1.28
C ASP B 36 -16.34 -12.93 1.77
N ILE B 37 -15.25 -12.60 1.11
CA ILE B 37 -14.46 -11.42 1.47
C ILE B 37 -15.05 -10.18 0.82
N SER B 38 -15.19 -9.13 1.61
CA SER B 38 -15.75 -7.88 1.12
C SER B 38 -14.77 -7.18 0.18
N LEU B 39 -15.05 -7.27 -1.11
CA LEU B 39 -14.20 -6.65 -2.12
C LEU B 39 -14.22 -5.13 -1.96
N GLY B 40 -15.25 -4.63 -1.29
CA GLY B 40 -15.38 -3.20 -1.10
C GLY B 40 -14.15 -2.64 -0.38
N MET B 41 -13.59 -3.41 0.54
CA MET B 41 -12.42 -2.96 1.26
C MET B 41 -11.25 -2.70 0.31
N PHE B 42 -11.03 -3.63 -0.61
CA PHE B 42 -9.95 -3.48 -1.58
C PHE B 42 -10.24 -2.33 -2.53
N LEU B 43 -11.51 -2.17 -2.89
CA LEU B 43 -11.90 -1.10 -3.79
C LEU B 43 -11.59 0.26 -3.17
N VAL B 44 -11.89 0.40 -1.89
CA VAL B 44 -11.63 1.65 -1.19
C VAL B 44 -10.15 1.95 -1.19
N MET B 45 -9.34 0.92 -0.97
CA MET B 45 -7.90 1.08 -0.94
C MET B 45 -7.41 1.67 -2.25
N VAL B 46 -7.96 1.19 -3.36
CA VAL B 46 -7.55 1.68 -4.67
C VAL B 46 -7.86 3.17 -4.79
N LEU B 47 -9.02 3.57 -4.31
CA LEU B 47 -9.41 4.96 -4.39
C LEU B 47 -8.42 5.85 -3.63
N GLY B 48 -8.06 5.44 -2.41
CA GLY B 48 -7.13 6.23 -1.61
C GLY B 48 -5.81 6.43 -2.34
N LEU B 49 -5.32 5.37 -2.96
CA LEU B 49 -4.07 5.45 -3.72
C LEU B 49 -4.20 6.42 -4.88
N ALA B 50 -5.36 6.41 -5.52
CA ALA B 50 -5.56 7.28 -6.66
C ALA B 50 -5.31 8.73 -6.25
N LEU B 51 -5.85 9.12 -5.10
CA LEU B 51 -5.66 10.47 -4.59
C LEU B 51 -4.20 10.69 -4.21
N TRP B 52 -3.57 9.64 -3.68
CA TRP B 52 -2.19 9.73 -3.26
C TRP B 52 -1.30 10.18 -4.42
N LEU B 53 -1.68 9.80 -5.63
CA LEU B 53 -0.89 10.17 -6.80
C LEU B 53 -0.84 11.70 -6.95
N ILE B 54 -2.00 12.33 -6.79
CA ILE B 54 -2.07 13.79 -6.90
C ILE B 54 -1.20 14.41 -5.83
N TYR B 55 -1.20 13.80 -4.66
CA TYR B 55 -0.39 14.29 -3.55
C TYR B 55 1.09 14.25 -3.93
N GLY B 56 1.52 13.15 -4.52
CA GLY B 56 2.92 13.01 -4.92
C GLY B 56 3.30 14.12 -5.89
N LEU B 57 2.39 14.45 -6.79
CA LEU B 57 2.65 15.51 -7.75
C LEU B 57 2.80 16.84 -7.03
N LEU B 58 1.96 17.06 -6.03
CA LEU B 58 2.00 18.30 -5.28
C LEU B 58 3.38 18.49 -4.66
N SER B 59 4.01 17.38 -4.28
CA SER B 59 5.33 17.44 -3.67
C SER B 59 6.41 17.58 -4.74
N GLY B 60 5.99 17.51 -6.01
CA GLY B 60 6.92 17.62 -7.11
C GLY B 60 7.75 16.36 -7.26
N ASP B 61 7.15 15.24 -6.85
CA ASP B 61 7.86 13.97 -6.93
C ASP B 61 8.18 13.63 -8.39
N ALA B 62 9.43 13.26 -8.63
CA ALA B 62 9.88 12.87 -9.97
C ALA B 62 9.47 11.42 -10.28
N PRO B 63 9.73 10.50 -9.37
CA PRO B 63 9.40 9.05 -9.57
C PRO B 63 7.92 8.81 -9.77
N LEU B 64 7.11 9.78 -9.37
CA LEU B 64 5.68 9.65 -9.50
C LEU B 64 5.30 9.38 -10.95
N ILE B 65 5.99 10.03 -11.88
CA ILE B 65 5.69 9.83 -13.29
C ILE B 65 5.90 8.37 -13.69
N ALA B 66 7.07 7.84 -13.36
CA ALA B 66 7.38 6.45 -13.67
C ALA B 66 6.51 5.50 -12.87
N SER B 67 6.25 5.87 -11.62
CA SER B 67 5.44 5.05 -10.73
C SER B 67 4.05 4.84 -11.32
N ASN B 68 3.52 5.87 -11.96
CA ASN B 68 2.18 5.78 -12.55
C ASN B 68 2.12 4.66 -13.58
N ALA B 69 3.15 4.57 -14.42
CA ALA B 69 3.20 3.52 -15.43
C ALA B 69 3.31 2.15 -14.79
N VAL B 70 4.15 2.05 -13.76
CA VAL B 70 4.34 0.78 -13.06
C VAL B 70 3.07 0.37 -12.32
N THR B 71 2.43 1.33 -11.67
CA THR B 71 1.20 1.06 -10.93
C THR B 71 0.16 0.42 -11.84
N MET B 72 0.07 0.91 -13.06
CA MET B 72 -0.92 0.38 -14.00
C MET B 72 -0.78 -1.13 -14.10
N LEU B 73 0.45 -1.61 -14.21
CA LEU B 73 0.70 -3.04 -14.29
C LEU B 73 0.35 -3.73 -12.98
N LEU B 74 0.73 -3.10 -11.88
CA LEU B 74 0.47 -3.67 -10.56
C LEU B 74 -1.02 -3.77 -10.31
N ALA B 75 -1.78 -2.82 -10.85
CA ALA B 75 -3.22 -2.82 -10.66
C ALA B 75 -3.81 -4.16 -11.05
N GLY B 76 -3.24 -4.79 -12.09
CA GLY B 76 -3.73 -6.09 -12.55
C GLY B 76 -5.24 -6.21 -12.42
N GLY B 77 -5.69 -7.03 -11.49
CA GLY B 77 -7.12 -7.20 -11.26
C GLY B 77 -7.38 -8.16 -10.10
N ILE B 78 -7.48 -7.62 -8.90
CA ILE B 78 -7.71 -8.44 -7.72
C ILE B 78 -9.07 -9.13 -7.81
N LEU B 79 -10.10 -8.36 -8.15
CA LEU B 79 -11.44 -8.90 -8.27
C LEU B 79 -11.53 -9.83 -9.47
N VAL B 80 -10.93 -9.42 -10.58
CA VAL B 80 -10.96 -10.21 -11.80
C VAL B 80 -10.29 -11.57 -11.58
N MET B 81 -9.14 -11.55 -10.93
CA MET B 81 -8.40 -12.78 -10.68
C MET B 81 -9.20 -13.71 -9.75
N LYS B 82 -9.84 -13.13 -8.75
CA LYS B 82 -10.62 -13.92 -7.80
C LYS B 82 -11.74 -14.67 -8.51
N LEU B 83 -12.48 -13.96 -9.35
CA LEU B 83 -13.57 -14.60 -10.10
C LEU B 83 -13.01 -15.57 -11.14
N ARG B 84 -11.92 -15.17 -11.79
CA ARG B 84 -11.32 -16.01 -12.82
C ARG B 84 -10.86 -17.34 -12.23
N TYR B 85 -10.64 -17.36 -10.92
CA TYR B 85 -10.20 -18.58 -10.26
C TYR B 85 -11.15 -19.74 -10.58
N GLY B 86 -12.45 -19.44 -10.61
CA GLY B 86 -13.44 -20.46 -10.91
C GLY B 86 -14.80 -19.84 -11.23
N MET A 1 7.15 29.58 6.16
CA MET A 1 7.10 28.12 6.45
C MET A 1 5.66 27.73 6.77
N ASP A 2 5.29 26.50 6.41
CA ASP A 2 3.93 26.02 6.65
C ASP A 2 3.84 24.53 6.31
N PRO A 3 4.71 23.72 6.86
CA PRO A 3 4.72 22.26 6.61
C PRO A 3 3.45 21.57 7.11
N PHE A 4 2.74 22.25 8.01
CA PHE A 4 1.51 21.70 8.56
C PHE A 4 0.48 21.53 7.46
N LEU A 5 0.47 22.44 6.49
CA LEU A 5 -0.48 22.36 5.40
C LEU A 5 -0.27 21.08 4.60
N ILE A 6 0.98 20.75 4.35
CA ILE A 6 1.31 19.55 3.58
C ILE A 6 0.82 18.31 4.29
N LYS A 7 1.02 18.26 5.61
CA LYS A 7 0.57 17.13 6.40
C LYS A 7 -0.92 16.93 6.25
N LEU A 8 -1.65 18.05 6.17
CA LEU A 8 -3.09 18.00 6.07
C LEU A 8 -3.52 17.28 4.82
N ILE A 9 -2.87 17.59 3.71
CA ILE A 9 -3.21 16.96 2.44
C ILE A 9 -2.97 15.46 2.50
N GLY A 10 -1.82 15.07 3.05
CA GLY A 10 -1.47 13.67 3.17
C GLY A 10 -2.44 12.94 4.10
N PHE A 11 -2.87 13.63 5.16
CA PHE A 11 -3.79 13.01 6.11
C PHE A 11 -5.09 12.61 5.43
N ALA A 12 -5.68 13.54 4.69
CA ALA A 12 -6.94 13.27 4.01
C ALA A 12 -6.78 12.18 2.96
N ALA A 13 -5.68 12.20 2.24
CA ALA A 13 -5.42 11.22 1.20
C ALA A 13 -5.20 9.83 1.81
N ALA A 14 -4.45 9.78 2.90
CA ALA A 14 -4.16 8.52 3.56
C ALA A 14 -5.33 8.06 4.42
N THR A 15 -6.23 8.99 4.73
CA THR A 15 -7.39 8.66 5.55
C THR A 15 -8.25 7.60 4.87
N CYS A 16 -8.48 7.78 3.57
CA CYS A 16 -9.31 6.83 2.83
C CYS A 16 -8.64 5.46 2.80
N THR A 17 -7.34 5.44 2.55
CA THR A 17 -6.60 4.19 2.50
C THR A 17 -6.65 3.45 3.83
N THR A 18 -6.35 4.18 4.91
CA THR A 18 -6.37 3.59 6.25
C THR A 18 -7.78 3.17 6.64
N VAL A 19 -8.74 4.04 6.40
CA VAL A 19 -10.13 3.76 6.73
C VAL A 19 -10.64 2.59 5.91
N ALA A 20 -10.25 2.54 4.64
CA ALA A 20 -10.68 1.46 3.77
C ALA A 20 -9.99 0.15 4.13
N TYR A 21 -8.71 0.23 4.49
CA TYR A 21 -7.95 -0.97 4.84
C TYR A 21 -8.28 -1.45 6.26
N ALA A 22 -8.86 -0.56 7.07
CA ALA A 22 -9.21 -0.93 8.44
C ALA A 22 -10.22 -2.11 8.47
N PRO A 23 -11.35 -1.98 7.81
CA PRO A 23 -12.38 -3.05 7.76
C PRO A 23 -11.89 -4.31 7.04
N GLN A 24 -10.92 -4.12 6.16
CA GLN A 24 -10.39 -5.24 5.39
C GLN A 24 -9.78 -6.28 6.33
N PHE A 25 -9.69 -5.95 7.61
CA PHE A 25 -9.13 -6.88 8.56
C PHE A 25 -9.92 -8.18 8.58
N ILE A 26 -11.24 -8.07 8.65
CA ILE A 26 -12.09 -9.26 8.66
C ILE A 26 -12.06 -9.96 7.31
N LYS A 27 -12.07 -9.17 6.24
CA LYS A 27 -12.06 -9.74 4.90
C LYS A 27 -10.78 -10.54 4.66
N VAL A 28 -9.66 -10.03 5.18
CA VAL A 28 -8.39 -10.72 5.01
C VAL A 28 -8.49 -12.12 5.61
N LEU A 29 -9.06 -12.22 6.80
CA LEU A 29 -9.21 -13.53 7.43
C LEU A 29 -10.13 -14.43 6.60
N LYS A 30 -11.20 -13.84 6.08
CA LYS A 30 -12.15 -14.59 5.28
C LYS A 30 -11.52 -14.96 3.93
N THR A 31 -10.35 -14.41 3.65
CA THR A 31 -9.67 -14.69 2.40
C THR A 31 -9.15 -16.12 2.37
N ARG A 32 -9.03 -16.74 3.55
CA ARG A 32 -8.56 -18.12 3.62
C ARG A 32 -7.21 -18.27 2.95
N SER A 33 -6.23 -17.49 3.40
CA SER A 33 -4.89 -17.53 2.81
C SER A 33 -4.13 -18.75 3.33
N ALA A 34 -3.19 -19.23 2.52
CA ALA A 34 -2.40 -20.40 2.88
C ALA A 34 -1.11 -19.99 3.60
N ARG A 35 -0.79 -20.72 4.66
CA ARG A 35 0.42 -20.47 5.44
C ARG A 35 1.65 -20.73 4.60
N ASP A 36 1.49 -21.55 3.56
CA ASP A 36 2.61 -21.93 2.71
C ASP A 36 3.08 -20.74 1.88
N ILE A 37 2.55 -19.55 2.19
CA ILE A 37 2.94 -18.34 1.48
C ILE A 37 4.26 -17.81 2.06
N SER A 38 5.18 -17.45 1.17
CA SER A 38 6.48 -16.95 1.59
C SER A 38 6.37 -15.55 2.17
N LEU A 39 6.52 -15.47 3.49
CA LEU A 39 6.44 -14.19 4.20
C LEU A 39 7.59 -13.29 3.76
N GLY A 40 8.62 -13.88 3.17
CA GLY A 40 9.78 -13.11 2.75
C GLY A 40 9.35 -11.95 1.86
N MET A 41 8.24 -12.12 1.16
CA MET A 41 7.75 -11.05 0.28
C MET A 41 7.43 -9.79 1.10
N PHE A 42 6.79 -10.00 2.24
CA PHE A 42 6.44 -8.89 3.12
C PHE A 42 7.70 -8.27 3.70
N LEU A 43 8.71 -9.10 3.92
CA LEU A 43 9.95 -8.61 4.51
C LEU A 43 10.59 -7.55 3.63
N VAL A 44 10.60 -7.80 2.33
CA VAL A 44 11.18 -6.85 1.39
C VAL A 44 10.32 -5.58 1.34
N MET A 45 9.01 -5.77 1.40
CA MET A 45 8.07 -4.66 1.35
C MET A 45 8.37 -3.65 2.46
N VAL A 46 8.81 -4.16 3.62
CA VAL A 46 9.13 -3.30 4.75
C VAL A 46 10.19 -2.29 4.37
N LEU A 47 11.14 -2.69 3.54
CA LEU A 47 12.20 -1.79 3.13
C LEU A 47 11.61 -0.53 2.50
N GLY A 48 10.58 -0.70 1.69
CA GLY A 48 9.94 0.44 1.05
C GLY A 48 9.27 1.32 2.10
N LEU A 49 8.53 0.71 3.01
CA LEU A 49 7.87 1.47 4.08
C LEU A 49 8.88 2.16 4.97
N ALA A 50 9.97 1.46 5.28
CA ALA A 50 11.00 2.03 6.14
C ALA A 50 11.55 3.31 5.53
N LEU A 51 11.86 3.26 4.24
CA LEU A 51 12.38 4.43 3.54
C LEU A 51 11.32 5.51 3.45
N TRP A 52 10.08 5.09 3.29
CA TRP A 52 8.97 6.03 3.19
C TRP A 52 8.90 6.90 4.43
N LEU A 53 9.26 6.34 5.58
CA LEU A 53 9.21 7.08 6.83
C LEU A 53 10.10 8.32 6.74
N ILE A 54 11.30 8.14 6.22
CA ILE A 54 12.23 9.26 6.09
C ILE A 54 11.65 10.31 5.16
N TYR A 55 11.06 9.85 4.06
CA TYR A 55 10.46 10.75 3.09
C TYR A 55 9.37 11.60 3.76
N GLY A 56 8.61 10.97 4.66
CA GLY A 56 7.55 11.69 5.35
C GLY A 56 8.11 12.87 6.13
N LEU A 57 9.23 12.63 6.81
CA LEU A 57 9.88 13.70 7.57
C LEU A 57 10.32 14.81 6.63
N LEU A 58 10.81 14.43 5.47
CA LEU A 58 11.26 15.41 4.50
C LEU A 58 10.12 16.31 4.06
N SER A 59 8.92 15.75 3.97
CA SER A 59 7.74 16.52 3.57
C SER A 59 7.06 17.12 4.79
N GLY A 60 7.53 16.71 5.97
CA GLY A 60 6.97 17.21 7.21
C GLY A 60 5.59 16.63 7.46
N ASP A 61 5.33 15.48 6.86
CA ASP A 61 4.03 14.84 7.01
C ASP A 61 3.95 14.12 8.37
N ALA A 62 2.90 14.43 9.11
CA ALA A 62 2.64 13.82 10.40
C ALA A 62 1.83 12.50 10.23
N PRO A 63 0.86 12.46 9.31
CA PRO A 63 -0.01 11.24 9.13
C PRO A 63 0.79 10.02 8.69
N LEU A 64 1.82 10.24 7.89
CA LEU A 64 2.63 9.13 7.40
C LEU A 64 3.31 8.42 8.56
N ILE A 65 3.84 9.18 9.50
CA ILE A 65 4.51 8.58 10.65
C ILE A 65 3.53 7.77 11.49
N ALA A 66 2.41 8.40 11.84
CA ALA A 66 1.39 7.72 12.64
C ALA A 66 0.74 6.58 11.87
N SER A 67 0.49 6.83 10.59
CA SER A 67 -0.14 5.82 9.75
C SER A 67 0.75 4.57 9.67
N ASN A 68 2.05 4.78 9.55
CA ASN A 68 2.98 3.66 9.46
C ASN A 68 2.89 2.79 10.71
N ALA A 69 2.93 3.43 11.88
CA ALA A 69 2.85 2.69 13.14
C ALA A 69 1.52 1.95 13.26
N VAL A 70 0.44 2.65 12.96
CA VAL A 70 -0.90 2.07 13.03
C VAL A 70 -1.05 0.97 11.98
N THR A 71 -0.58 1.23 10.78
CA THR A 71 -0.69 0.27 9.69
C THR A 71 0.01 -1.04 10.05
N MET A 72 1.23 -0.93 10.57
CA MET A 72 2.00 -2.10 10.95
C MET A 72 1.28 -2.87 12.06
N LEU A 73 0.74 -2.14 13.03
CA LEU A 73 0.06 -2.79 14.14
C LEU A 73 -1.15 -3.56 13.64
N LEU A 74 -1.99 -2.90 12.86
CA LEU A 74 -3.19 -3.54 12.33
C LEU A 74 -2.80 -4.63 11.33
N ALA A 75 -1.85 -4.31 10.47
CA ALA A 75 -1.40 -5.25 9.44
C ALA A 75 -0.81 -6.50 10.10
N GLY A 76 -0.28 -6.34 11.30
CA GLY A 76 0.31 -7.47 12.01
C GLY A 76 -0.63 -8.68 12.00
N GLY A 77 -1.87 -8.46 11.57
CA GLY A 77 -2.85 -9.54 11.52
C GLY A 77 -2.39 -10.65 10.58
N ILE A 78 -1.27 -10.44 9.93
CA ILE A 78 -0.72 -11.45 9.01
C ILE A 78 -0.36 -12.72 9.78
N LEU A 79 0.26 -12.56 10.94
CA LEU A 79 0.66 -13.71 11.74
C LEU A 79 -0.57 -14.52 12.15
N VAL A 80 -1.63 -13.83 12.52
CA VAL A 80 -2.86 -14.50 12.92
C VAL A 80 -3.45 -15.28 11.75
N MET A 81 -3.40 -14.67 10.57
CA MET A 81 -3.93 -15.33 9.37
C MET A 81 -3.21 -16.63 9.11
N LYS A 82 -1.90 -16.65 9.30
CA LYS A 82 -1.13 -17.87 9.07
C LYS A 82 -1.57 -18.97 10.02
N LEU A 83 -1.77 -18.62 11.29
CA LEU A 83 -2.18 -19.59 12.28
C LEU A 83 -3.55 -20.16 11.94
N ARG A 84 -4.44 -19.28 11.50
CA ARG A 84 -5.79 -19.70 11.15
C ARG A 84 -5.79 -20.45 9.81
N TYR A 85 -5.02 -19.94 8.86
CA TYR A 85 -4.94 -20.54 7.53
C TYR A 85 -6.32 -20.95 7.05
N GLY A 86 -6.37 -21.69 5.95
CA GLY A 86 -7.64 -22.14 5.40
C GLY A 86 -7.50 -22.48 3.92
N MET B 1 15.66 25.87 -6.98
CA MET B 1 14.66 24.78 -7.22
C MET B 1 15.40 23.49 -7.51
N ASP B 2 14.81 22.36 -7.12
CA ASP B 2 15.43 21.06 -7.34
C ASP B 2 14.46 19.94 -6.96
N PRO B 3 13.27 19.97 -7.50
CA PRO B 3 12.22 18.94 -7.20
C PRO B 3 12.65 17.55 -7.68
N PHE B 4 13.61 17.52 -8.59
CA PHE B 4 14.09 16.24 -9.12
C PHE B 4 14.73 15.42 -8.00
N LEU B 5 15.37 16.09 -7.06
CA LEU B 5 16.02 15.38 -5.96
C LEU B 5 14.97 14.64 -5.13
N ILE B 6 13.85 15.29 -4.88
CA ILE B 6 12.78 14.70 -4.08
C ILE B 6 12.24 13.44 -4.76
N LYS B 7 12.07 13.52 -6.07
CA LYS B 7 11.57 12.39 -6.83
C LYS B 7 12.51 11.19 -6.66
N LEU B 8 13.79 11.48 -6.60
CA LEU B 8 14.79 10.44 -6.50
C LEU B 8 14.60 9.65 -5.21
N ILE B 9 14.37 10.36 -4.12
CA ILE B 9 14.19 9.69 -2.84
C ILE B 9 12.96 8.80 -2.86
N GLY B 10 11.87 9.32 -3.42
CA GLY B 10 10.63 8.56 -3.50
C GLY B 10 10.79 7.35 -4.40
N PHE B 11 11.56 7.51 -5.47
CA PHE B 11 11.78 6.41 -6.40
C PHE B 11 12.43 5.22 -5.70
N ALA B 12 13.51 5.48 -4.98
CA ALA B 12 14.22 4.42 -4.28
C ALA B 12 13.35 3.78 -3.20
N ALA B 13 12.59 4.59 -2.50
CA ALA B 13 11.72 4.09 -1.44
C ALA B 13 10.58 3.25 -2.01
N ALA B 14 10.00 3.72 -3.10
CA ALA B 14 8.89 3.01 -3.73
C ALA B 14 9.40 1.84 -4.57
N THR B 15 10.69 1.86 -4.89
CA THR B 15 11.28 0.79 -5.70
C THR B 15 11.15 -0.55 -4.98
N CYS B 16 11.46 -0.56 -3.68
CA CYS B 16 11.38 -1.79 -2.92
C CYS B 16 9.94 -2.30 -2.85
N THR B 17 9.01 -1.38 -2.62
CA THR B 17 7.60 -1.76 -2.54
C THR B 17 7.11 -2.34 -3.86
N THR B 18 7.40 -1.65 -4.95
CA THR B 18 6.98 -2.11 -6.27
C THR B 18 7.68 -3.41 -6.64
N VAL B 19 8.99 -3.45 -6.42
CA VAL B 19 9.77 -4.65 -6.73
C VAL B 19 9.31 -5.82 -5.87
N ALA B 20 9.01 -5.55 -4.61
CA ALA B 20 8.57 -6.60 -3.70
C ALA B 20 7.16 -7.06 -4.04
N TYR B 21 6.30 -6.11 -4.41
CA TYR B 21 4.91 -6.42 -4.74
C TYR B 21 4.80 -7.04 -6.14
N ALA B 22 5.81 -6.83 -6.97
CA ALA B 22 5.79 -7.37 -8.33
C ALA B 22 5.67 -8.92 -8.31
N PRO B 23 6.58 -9.61 -7.65
CA PRO B 23 6.57 -11.10 -7.56
C PRO B 23 5.34 -11.62 -6.82
N GLN B 24 4.79 -10.78 -5.95
CA GLN B 24 3.63 -11.19 -5.16
C GLN B 24 2.45 -11.52 -6.08
N PHE B 25 2.61 -11.25 -7.36
CA PHE B 25 1.54 -11.54 -8.31
C PHE B 25 1.19 -13.03 -8.27
N ILE B 26 2.20 -13.88 -8.34
CA ILE B 26 1.98 -15.32 -8.31
C ILE B 26 1.48 -15.77 -6.94
N LYS B 27 2.05 -15.19 -5.89
CA LYS B 27 1.65 -15.54 -4.53
C LYS B 27 0.19 -15.21 -4.29
N VAL B 28 -0.25 -14.08 -4.83
CA VAL B 28 -1.64 -13.66 -4.67
C VAL B 28 -2.56 -14.74 -5.22
N LEU B 29 -2.24 -15.24 -6.40
CA LEU B 29 -3.06 -16.29 -7.00
C LEU B 29 -3.03 -17.56 -6.14
N LYS B 30 -1.85 -17.88 -5.63
CA LYS B 30 -1.70 -19.06 -4.79
C LYS B 30 -2.38 -18.86 -3.45
N THR B 31 -2.83 -17.63 -3.19
CA THR B 31 -3.49 -17.32 -1.93
C THR B 31 -4.87 -17.98 -1.88
N ARG B 32 -5.40 -18.36 -3.04
CA ARG B 32 -6.72 -19.00 -3.09
C ARG B 32 -7.77 -18.14 -2.42
N SER B 33 -7.92 -16.90 -2.90
CA SER B 33 -8.89 -15.99 -2.32
C SER B 33 -10.29 -16.32 -2.82
N ALA B 34 -11.30 -15.99 -2.00
CA ALA B 34 -12.68 -16.27 -2.35
C ALA B 34 -13.33 -15.09 -3.09
N ARG B 35 -14.07 -15.41 -4.13
CA ARG B 35 -14.76 -14.40 -4.92
C ARG B 35 -15.82 -13.70 -4.09
N ASP B 36 -16.27 -14.37 -3.03
CA ASP B 36 -17.32 -13.84 -2.17
C ASP B 36 -16.80 -12.63 -1.38
N ILE B 37 -15.60 -12.17 -1.72
CA ILE B 37 -15.02 -11.02 -1.04
C ILE B 37 -15.58 -9.73 -1.65
N SER B 38 -15.98 -8.80 -0.78
CA SER B 38 -16.55 -7.55 -1.22
C SER B 38 -15.50 -6.65 -1.84
N LEU B 39 -15.56 -6.51 -3.17
CA LEU B 39 -14.61 -5.68 -3.90
C LEU B 39 -14.79 -4.21 -3.49
N GLY B 40 -15.93 -3.89 -2.90
CA GLY B 40 -16.21 -2.52 -2.52
C GLY B 40 -15.08 -1.97 -1.65
N MET B 41 -14.40 -2.86 -0.93
CA MET B 41 -13.28 -2.43 -0.08
C MET B 41 -12.19 -1.78 -0.92
N PHE B 42 -11.89 -2.41 -2.06
CA PHE B 42 -10.87 -1.88 -2.95
C PHE B 42 -11.33 -0.59 -3.57
N LEU B 43 -12.63 -0.46 -3.77
CA LEU B 43 -13.18 0.75 -4.39
C LEU B 43 -12.88 1.98 -3.53
N VAL B 44 -13.04 1.83 -2.23
CA VAL B 44 -12.78 2.94 -1.31
C VAL B 44 -11.28 3.24 -1.29
N MET B 45 -10.49 2.18 -1.34
CA MET B 45 -9.03 2.32 -1.32
C MET B 45 -8.55 3.22 -2.45
N VAL B 46 -9.23 3.13 -3.59
CA VAL B 46 -8.86 3.94 -4.75
C VAL B 46 -8.90 5.42 -4.41
N LEU B 47 -9.85 5.82 -3.57
CA LEU B 47 -9.97 7.21 -3.19
C LEU B 47 -8.65 7.70 -2.59
N GLY B 48 -8.04 6.88 -1.76
CA GLY B 48 -6.77 7.25 -1.15
C GLY B 48 -5.68 7.39 -2.21
N LEU B 49 -5.60 6.41 -3.11
CA LEU B 49 -4.61 6.45 -4.18
C LEU B 49 -4.85 7.64 -5.10
N ALA B 50 -6.11 7.89 -5.42
CA ALA B 50 -6.46 9.00 -6.29
C ALA B 50 -5.95 10.31 -5.72
N LEU B 51 -6.18 10.53 -4.43
CA LEU B 51 -5.73 11.74 -3.76
C LEU B 51 -4.21 11.77 -3.69
N TRP B 52 -3.62 10.60 -3.50
CA TRP B 52 -2.17 10.49 -3.41
C TRP B 52 -1.52 11.03 -4.68
N LEU B 53 -2.19 10.86 -5.82
CA LEU B 53 -1.65 11.32 -7.08
C LEU B 53 -1.40 12.82 -7.03
N ILE B 54 -2.38 13.56 -6.52
CA ILE B 54 -2.24 15.01 -6.44
C ILE B 54 -1.08 15.37 -5.52
N TYR B 55 -0.97 14.65 -4.41
CA TYR B 55 0.09 14.90 -3.46
C TYR B 55 1.45 14.71 -4.13
N GLY B 56 1.54 13.70 -5.02
CA GLY B 56 2.79 13.45 -5.72
C GLY B 56 3.22 14.68 -6.52
N LEU B 57 2.25 15.27 -7.22
CA LEU B 57 2.53 16.47 -8.00
C LEU B 57 3.01 17.59 -7.09
N LEU B 58 2.41 17.70 -5.92
CA LEU B 58 2.79 18.73 -4.99
C LEU B 58 4.24 18.58 -4.57
N SER B 59 4.69 17.34 -4.45
CA SER B 59 6.07 17.06 -4.05
C SER B 59 6.97 16.99 -5.30
N GLY B 60 6.34 17.00 -6.46
CA GLY B 60 7.07 16.92 -7.71
C GLY B 60 7.65 15.53 -7.92
N ASP B 61 7.02 14.54 -7.28
CA ASP B 61 7.50 13.18 -7.43
C ASP B 61 7.04 12.59 -8.76
N ALA B 62 7.99 12.04 -9.50
CA ALA B 62 7.73 11.39 -10.76
C ALA B 62 7.38 9.90 -10.55
N PRO B 63 8.05 9.20 -9.63
CA PRO B 63 7.81 7.73 -9.41
C PRO B 63 6.39 7.43 -8.94
N LEU B 64 5.82 8.34 -8.17
CA LEU B 64 4.47 8.14 -7.65
C LEU B 64 3.47 8.07 -8.79
N ILE B 65 3.62 8.97 -9.77
CA ILE B 65 2.71 8.98 -10.90
C ILE B 65 2.83 7.70 -11.72
N ALA B 66 4.06 7.34 -12.07
CA ALA B 66 4.30 6.12 -12.85
C ALA B 66 3.96 4.89 -12.04
N SER B 67 4.33 4.91 -10.76
CA SER B 67 4.07 3.77 -9.88
C SER B 67 2.58 3.51 -9.78
N ASN B 68 1.80 4.58 -9.69
CA ASN B 68 0.35 4.43 -9.58
C ASN B 68 -0.21 3.73 -10.81
N ALA B 69 0.19 4.18 -11.99
CA ALA B 69 -0.29 3.57 -13.22
C ALA B 69 0.14 2.11 -13.31
N VAL B 70 1.41 1.85 -13.02
CA VAL B 70 1.93 0.49 -13.07
C VAL B 70 1.30 -0.38 -11.99
N THR B 71 1.15 0.18 -10.79
CA THR B 71 0.56 -0.56 -9.68
C THR B 71 -0.85 -1.00 -10.02
N MET B 72 -1.64 -0.07 -10.55
CA MET B 72 -3.02 -0.38 -10.90
C MET B 72 -3.07 -1.45 -11.99
N LEU B 73 -2.19 -1.34 -12.98
CA LEU B 73 -2.17 -2.31 -14.07
C LEU B 73 -1.84 -3.70 -13.53
N LEU B 74 -0.77 -3.80 -12.76
CA LEU B 74 -0.37 -5.08 -12.20
C LEU B 74 -1.38 -5.56 -11.18
N ALA B 75 -1.84 -4.64 -10.34
CA ALA B 75 -2.80 -4.96 -9.31
C ALA B 75 -4.10 -5.46 -9.92
N GLY B 76 -4.39 -5.00 -11.13
CA GLY B 76 -5.61 -5.40 -11.82
C GLY B 76 -5.79 -6.92 -11.77
N GLY B 77 -4.75 -7.63 -11.33
CA GLY B 77 -4.81 -9.08 -11.24
C GLY B 77 -5.91 -9.53 -10.29
N ILE B 78 -6.57 -8.57 -9.64
CA ILE B 78 -7.65 -8.88 -8.71
C ILE B 78 -8.80 -9.55 -9.44
N LEU B 79 -9.14 -9.03 -10.62
CA LEU B 79 -10.25 -9.58 -11.40
C LEU B 79 -9.95 -11.04 -11.77
N VAL B 80 -8.71 -11.30 -12.16
CA VAL B 80 -8.31 -12.65 -12.53
C VAL B 80 -8.44 -13.59 -11.34
N MET B 81 -8.03 -13.11 -10.17
CA MET B 81 -8.09 -13.90 -8.95
C MET B 81 -9.53 -14.33 -8.66
N LYS B 82 -10.47 -13.42 -8.85
CA LYS B 82 -11.87 -13.73 -8.60
C LYS B 82 -12.35 -14.86 -9.53
N LEU B 83 -11.97 -14.76 -10.79
CA LEU B 83 -12.38 -15.77 -11.77
C LEU B 83 -11.79 -17.13 -11.40
N ARG B 84 -10.54 -17.12 -10.98
CA ARG B 84 -9.87 -18.36 -10.60
C ARG B 84 -10.38 -18.87 -9.24
N TYR B 85 -10.56 -17.93 -8.31
CA TYR B 85 -11.03 -18.28 -6.97
C TYR B 85 -10.33 -19.53 -6.45
N GLY B 86 -10.81 -20.05 -5.34
CA GLY B 86 -10.21 -21.26 -4.77
C GLY B 86 -10.54 -21.36 -3.28
N MET A 1 -0.14 29.42 8.97
CA MET A 1 0.35 28.34 8.07
C MET A 1 -0.26 27.01 8.50
N ASP A 2 0.09 26.57 9.70
CA ASP A 2 -0.42 25.30 10.22
C ASP A 2 -0.08 24.16 9.27
N PRO A 3 1.16 23.77 9.22
CA PRO A 3 1.63 22.66 8.33
C PRO A 3 0.86 21.36 8.57
N PHE A 4 0.49 21.13 9.83
CA PHE A 4 -0.23 19.92 10.18
C PHE A 4 -1.55 19.83 9.41
N LEU A 5 -2.28 20.92 9.41
CA LEU A 5 -3.56 20.98 8.71
C LEU A 5 -3.35 20.84 7.21
N ILE A 6 -2.29 21.45 6.71
CA ILE A 6 -2.00 21.40 5.28
C ILE A 6 -1.82 19.97 4.81
N LYS A 7 -1.03 19.21 5.53
CA LYS A 7 -0.81 17.82 5.19
C LYS A 7 -2.05 16.98 5.48
N LEU A 8 -2.83 17.43 6.45
CA LEU A 8 -4.03 16.70 6.86
C LEU A 8 -5.01 16.58 5.70
N ILE A 9 -5.25 17.69 5.04
CA ILE A 9 -6.19 17.71 3.91
C ILE A 9 -5.68 16.82 2.78
N GLY A 10 -4.38 16.87 2.53
CA GLY A 10 -3.79 16.08 1.47
C GLY A 10 -3.96 14.59 1.74
N PHE A 11 -3.93 14.20 3.02
CA PHE A 11 -4.08 12.79 3.40
C PHE A 11 -5.53 12.49 3.78
N ALA A 12 -6.37 13.52 3.75
CA ALA A 12 -7.77 13.33 4.10
C ALA A 12 -8.40 12.22 3.28
N ALA A 13 -8.10 12.22 1.98
CA ALA A 13 -8.65 11.19 1.08
C ALA A 13 -8.01 9.83 1.37
N ALA A 14 -6.70 9.84 1.62
CA ALA A 14 -5.97 8.60 1.89
C ALA A 14 -6.45 7.96 3.19
N THR A 15 -7.16 8.73 4.00
CA THR A 15 -7.67 8.24 5.26
C THR A 15 -8.59 7.05 5.05
N CYS A 16 -9.36 7.08 3.96
CA CYS A 16 -10.29 6.01 3.66
C CYS A 16 -9.56 4.68 3.56
N THR A 17 -8.42 4.68 2.88
CA THR A 17 -7.63 3.47 2.73
C THR A 17 -7.13 2.96 4.08
N THR A 18 -6.51 3.85 4.84
CA THR A 18 -5.98 3.48 6.15
C THR A 18 -7.11 3.06 7.08
N VAL A 19 -8.18 3.84 7.09
CA VAL A 19 -9.34 3.54 7.93
C VAL A 19 -9.98 2.23 7.53
N ALA A 20 -10.05 1.98 6.22
CA ALA A 20 -10.64 0.75 5.70
C ALA A 20 -9.70 -0.45 5.89
N TYR A 21 -8.41 -0.18 5.80
CA TYR A 21 -7.41 -1.24 5.95
C TYR A 21 -7.42 -1.82 7.37
N ALA A 22 -7.61 -0.96 8.35
CA ALA A 22 -7.62 -1.41 9.75
C ALA A 22 -8.66 -2.53 9.97
N PRO A 23 -9.90 -2.27 9.68
CA PRO A 23 -10.99 -3.27 9.84
C PRO A 23 -10.79 -4.46 8.90
N GLN A 24 -10.00 -4.27 7.85
CA GLN A 24 -9.76 -5.33 6.88
C GLN A 24 -9.11 -6.52 7.58
N PHE A 25 -8.74 -6.35 8.83
CA PHE A 25 -8.11 -7.44 9.58
C PHE A 25 -9.02 -8.67 9.59
N ILE A 26 -10.30 -8.44 9.79
CA ILE A 26 -11.25 -9.55 9.83
C ILE A 26 -11.28 -10.25 8.48
N LYS A 27 -11.28 -9.46 7.42
CA LYS A 27 -11.31 -10.02 6.07
C LYS A 27 -10.04 -10.82 5.80
N VAL A 28 -8.92 -10.36 6.34
CA VAL A 28 -7.65 -11.04 6.14
C VAL A 28 -7.76 -12.48 6.62
N LEU A 29 -8.35 -12.66 7.79
CA LEU A 29 -8.50 -14.00 8.33
C LEU A 29 -9.45 -14.82 7.47
N LYS A 30 -10.54 -14.19 7.04
CA LYS A 30 -11.53 -14.87 6.22
C LYS A 30 -11.00 -15.04 4.78
N THR A 31 -9.83 -14.49 4.52
CA THR A 31 -9.25 -14.59 3.18
C THR A 31 -8.79 -16.01 2.92
N ARG A 32 -8.59 -16.80 3.97
CA ARG A 32 -8.17 -18.18 3.80
C ARG A 32 -6.89 -18.24 2.96
N SER A 33 -5.85 -17.57 3.42
CA SER A 33 -4.59 -17.55 2.68
C SER A 33 -3.84 -18.86 2.87
N ALA A 34 -3.25 -19.36 1.79
CA ALA A 34 -2.52 -20.61 1.82
C ALA A 34 -1.10 -20.41 2.34
N ARG A 35 -0.59 -21.43 3.01
CA ARG A 35 0.77 -21.39 3.56
C ARG A 35 1.79 -21.33 2.43
N ASP A 36 1.40 -21.83 1.26
CA ASP A 36 2.30 -21.86 0.11
C ASP A 36 2.52 -20.45 -0.43
N ILE A 37 2.04 -19.46 0.29
CA ILE A 37 2.20 -18.07 -0.12
C ILE A 37 3.57 -17.55 0.31
N SER A 38 4.27 -16.90 -0.61
CA SER A 38 5.60 -16.36 -0.31
C SER A 38 5.50 -15.16 0.62
N LEU A 39 5.73 -15.40 1.91
CA LEU A 39 5.68 -14.34 2.90
C LEU A 39 6.80 -13.33 2.66
N GLY A 40 7.82 -13.75 1.94
CA GLY A 40 8.95 -12.88 1.65
C GLY A 40 8.50 -11.61 0.95
N MET A 41 7.52 -11.74 0.06
CA MET A 41 7.02 -10.58 -0.67
C MET A 41 6.37 -9.59 0.28
N PHE A 42 5.60 -10.10 1.24
CA PHE A 42 4.93 -9.25 2.20
C PHE A 42 5.95 -8.54 3.09
N LEU A 43 7.02 -9.25 3.43
CA LEU A 43 8.05 -8.69 4.29
C LEU A 43 8.70 -7.48 3.60
N VAL A 44 8.96 -7.61 2.31
CA VAL A 44 9.57 -6.54 1.55
C VAL A 44 8.67 -5.31 1.54
N MET A 45 7.37 -5.54 1.39
CA MET A 45 6.41 -4.44 1.37
C MET A 45 6.49 -3.63 2.65
N VAL A 46 6.59 -4.33 3.78
CA VAL A 46 6.68 -3.66 5.07
C VAL A 46 7.91 -2.77 5.13
N LEU A 47 9.03 -3.28 4.63
CA LEU A 47 10.27 -2.52 4.63
C LEU A 47 10.12 -1.24 3.83
N GLY A 48 9.46 -1.34 2.68
CA GLY A 48 9.26 -0.17 1.83
C GLY A 48 8.52 0.93 2.60
N LEU A 49 7.42 0.56 3.22
CA LEU A 49 6.63 1.52 3.99
C LEU A 49 7.42 2.01 5.20
N ALA A 50 8.14 1.10 5.84
CA ALA A 50 8.91 1.46 7.02
C ALA A 50 9.90 2.57 6.69
N LEU A 51 10.60 2.41 5.59
CA LEU A 51 11.56 3.42 5.14
C LEU A 51 10.84 4.68 4.69
N TRP A 52 9.68 4.50 4.10
CA TRP A 52 8.91 5.63 3.59
C TRP A 52 8.70 6.67 4.68
N LEU A 53 8.83 6.26 5.93
CA LEU A 53 8.64 7.19 7.04
C LEU A 53 9.63 8.36 6.95
N ILE A 54 10.83 8.07 6.49
CA ILE A 54 11.84 9.11 6.37
C ILE A 54 11.38 10.18 5.36
N TYR A 55 10.79 9.71 4.26
CA TYR A 55 10.30 10.62 3.24
C TYR A 55 9.23 11.53 3.79
N GLY A 56 8.32 10.97 4.57
CA GLY A 56 7.24 11.75 5.17
C GLY A 56 7.79 12.87 6.02
N LEU A 57 8.82 12.56 6.79
CA LEU A 57 9.45 13.56 7.65
C LEU A 57 10.08 14.67 6.82
N LEU A 58 10.70 14.28 5.72
CA LEU A 58 11.33 15.25 4.86
C LEU A 58 10.31 16.22 4.28
N SER A 59 9.11 15.73 4.02
CA SER A 59 8.04 16.56 3.47
C SER A 59 7.25 17.21 4.60
N GLY A 60 7.56 16.83 5.83
CA GLY A 60 6.87 17.38 7.00
C GLY A 60 5.43 16.86 7.06
N ASP A 61 5.20 15.68 6.52
CA ASP A 61 3.87 15.11 6.53
C ASP A 61 3.47 14.75 7.94
N ALA A 62 2.30 15.21 8.35
CA ALA A 62 1.77 14.93 9.68
C ALA A 62 0.99 13.60 9.73
N PRO A 63 -0.03 13.47 8.92
CA PRO A 63 -0.90 12.26 8.90
C PRO A 63 -0.13 10.99 8.59
N LEU A 64 0.94 11.12 7.85
CA LEU A 64 1.75 9.97 7.49
C LEU A 64 2.32 9.31 8.73
N ILE A 65 2.75 10.12 9.69
CA ILE A 65 3.33 9.58 10.90
C ILE A 65 2.30 8.74 11.65
N ALA A 66 1.13 9.31 11.87
CA ALA A 66 0.06 8.60 12.57
C ALA A 66 -0.45 7.43 11.74
N SER A 67 -0.59 7.65 10.44
CA SER A 67 -1.07 6.62 9.54
C SER A 67 -0.12 5.42 9.52
N ASN A 68 1.17 5.70 9.52
CA ASN A 68 2.17 4.65 9.49
C ASN A 68 2.09 3.81 10.76
N ALA A 69 1.90 4.46 11.90
CA ALA A 69 1.84 3.74 13.17
C ALA A 69 0.71 2.70 13.17
N VAL A 70 -0.48 3.13 12.77
CA VAL A 70 -1.62 2.23 12.73
C VAL A 70 -1.47 1.20 11.61
N THR A 71 -0.92 1.65 10.48
CA THR A 71 -0.73 0.79 9.33
C THR A 71 0.24 -0.35 9.67
N MET A 72 1.33 0.00 10.33
CA MET A 72 2.33 -0.99 10.71
C MET A 72 1.72 -2.01 11.66
N LEU A 73 0.90 -1.54 12.59
CA LEU A 73 0.30 -2.45 13.54
C LEU A 73 -0.52 -3.52 12.82
N LEU A 74 -1.36 -3.08 11.90
CA LEU A 74 -2.20 -4.01 11.17
C LEU A 74 -1.35 -4.93 10.29
N ALA A 75 -0.35 -4.35 9.66
CA ALA A 75 0.52 -5.11 8.79
C ALA A 75 1.11 -6.30 9.53
N GLY A 76 1.41 -6.10 10.81
CA GLY A 76 1.97 -7.16 11.63
C GLY A 76 0.91 -8.21 11.96
N GLY A 77 -0.36 -7.80 11.93
CA GLY A 77 -1.47 -8.70 12.23
C GLY A 77 -1.64 -9.75 11.13
N ILE A 78 -1.54 -9.32 9.90
CA ILE A 78 -1.67 -10.23 8.77
C ILE A 78 -0.48 -11.17 8.69
N LEU A 79 0.70 -10.64 8.97
CA LEU A 79 1.92 -11.44 8.90
C LEU A 79 1.89 -12.60 9.89
N VAL A 80 1.50 -12.30 11.12
CA VAL A 80 1.44 -13.32 12.16
C VAL A 80 0.30 -14.29 11.87
N MET A 81 -0.79 -13.78 11.30
CA MET A 81 -1.94 -14.61 11.01
C MET A 81 -1.57 -15.72 10.03
N LYS A 82 -0.80 -15.36 9.00
CA LYS A 82 -0.38 -16.35 8.02
C LYS A 82 0.55 -17.38 8.65
N LEU A 83 1.50 -16.90 9.44
CA LEU A 83 2.45 -17.79 10.10
C LEU A 83 1.74 -18.67 11.11
N ARG A 84 0.80 -18.08 11.84
CA ARG A 84 0.05 -18.82 12.84
C ARG A 84 -0.73 -19.95 12.20
N TYR A 85 -1.36 -19.66 11.06
CA TYR A 85 -2.15 -20.66 10.34
C TYR A 85 -1.31 -21.31 9.24
N GLY A 86 -0.03 -20.98 9.21
CA GLY A 86 0.86 -21.55 8.20
C GLY A 86 2.28 -21.02 8.38
N MET B 1 20.69 20.55 -9.70
CA MET B 1 19.60 20.15 -8.77
C MET B 1 19.09 18.77 -9.17
N ASP B 2 18.51 18.68 -10.36
CA ASP B 2 17.98 17.40 -10.85
C ASP B 2 16.95 16.85 -9.87
N PRO B 3 15.79 17.45 -9.83
CA PRO B 3 14.70 17.01 -8.92
C PRO B 3 14.33 15.55 -9.12
N PHE B 4 14.41 15.09 -10.36
CA PHE B 4 14.06 13.71 -10.68
C PHE B 4 14.94 12.75 -9.90
N LEU B 5 16.24 13.00 -9.91
CA LEU B 5 17.18 12.16 -9.20
C LEU B 5 16.96 12.25 -7.70
N ILE B 6 16.64 13.44 -7.23
CA ILE B 6 16.42 13.64 -5.79
C ILE B 6 15.29 12.76 -5.29
N LYS B 7 14.19 12.75 -6.01
CA LYS B 7 13.04 11.94 -5.63
C LYS B 7 13.34 10.47 -5.89
N LEU B 8 14.20 10.21 -6.87
CA LEU B 8 14.53 8.85 -7.24
C LEU B 8 15.16 8.09 -6.07
N ILE B 9 16.13 8.73 -5.43
CA ILE B 9 16.81 8.11 -4.30
C ILE B 9 15.84 7.87 -3.15
N GLY B 10 14.95 8.81 -2.92
CA GLY B 10 13.97 8.69 -1.84
C GLY B 10 13.05 7.51 -2.07
N PHE B 11 12.75 7.23 -3.33
CA PHE B 11 11.87 6.12 -3.67
C PHE B 11 12.66 4.87 -4.05
N ALA B 12 13.99 5.00 -4.03
CA ALA B 12 14.85 3.87 -4.36
C ALA B 12 14.52 2.67 -3.50
N ALA B 13 14.32 2.90 -2.21
CA ALA B 13 14.00 1.82 -1.28
C ALA B 13 12.59 1.29 -1.53
N ALA B 14 11.66 2.21 -1.80
CA ALA B 14 10.27 1.85 -2.05
C ALA B 14 10.15 1.02 -3.33
N THR B 15 11.19 1.05 -4.15
CA THR B 15 11.19 0.31 -5.40
C THR B 15 11.00 -1.19 -5.14
N CYS B 16 11.58 -1.68 -4.04
CA CYS B 16 11.50 -3.09 -3.72
C CYS B 16 10.03 -3.51 -3.58
N THR B 17 9.25 -2.69 -2.91
CA THR B 17 7.83 -2.99 -2.74
C THR B 17 7.11 -3.03 -4.08
N THR B 18 7.28 -1.98 -4.87
CA THR B 18 6.63 -1.91 -6.18
C THR B 18 7.12 -3.03 -7.09
N VAL B 19 8.43 -3.23 -7.11
CA VAL B 19 9.03 -4.27 -7.93
C VAL B 19 8.57 -5.64 -7.49
N ALA B 20 8.46 -5.83 -6.17
CA ALA B 20 8.03 -7.12 -5.62
C ALA B 20 6.51 -7.30 -5.78
N TYR B 21 5.78 -6.21 -5.72
CA TYR B 21 4.33 -6.26 -5.84
C TYR B 21 3.91 -6.71 -7.24
N ALA B 22 4.64 -6.26 -8.26
CA ALA B 22 4.31 -6.61 -9.64
C ALA B 22 4.26 -8.15 -9.82
N PRO B 23 5.34 -8.84 -9.53
CA PRO B 23 5.40 -10.32 -9.64
C PRO B 23 4.43 -11.00 -8.68
N GLN B 24 4.01 -10.28 -7.64
CA GLN B 24 3.11 -10.85 -6.66
C GLN B 24 1.80 -11.24 -7.32
N PHE B 25 1.64 -10.89 -8.59
CA PHE B 25 0.43 -11.24 -9.31
C PHE B 25 0.20 -12.75 -9.28
N ILE B 26 1.27 -13.50 -9.47
CA ILE B 26 1.17 -14.96 -9.48
C ILE B 26 0.71 -15.45 -8.11
N LYS B 27 1.27 -14.86 -7.07
CA LYS B 27 0.92 -15.24 -5.71
C LYS B 27 -0.54 -14.91 -5.43
N VAL B 28 -1.02 -13.81 -6.00
CA VAL B 28 -2.40 -13.40 -5.79
C VAL B 28 -3.34 -14.50 -6.23
N LEU B 29 -3.07 -15.07 -7.40
CA LEU B 29 -3.90 -16.15 -7.90
C LEU B 29 -3.80 -17.38 -6.99
N LYS B 30 -2.58 -17.69 -6.57
CA LYS B 30 -2.34 -18.85 -5.72
C LYS B 30 -2.82 -18.56 -4.30
N THR B 31 -3.26 -17.34 -4.06
CA THR B 31 -3.73 -16.97 -2.74
C THR B 31 -5.05 -17.65 -2.42
N ARG B 32 -5.75 -18.08 -3.47
CA ARG B 32 -7.03 -18.77 -3.27
C ARG B 32 -7.97 -17.90 -2.44
N SER B 33 -8.25 -16.70 -2.93
CA SER B 33 -9.12 -15.78 -2.19
C SER B 33 -10.57 -16.19 -2.35
N ALA B 34 -11.33 -16.09 -1.26
CA ALA B 34 -12.74 -16.48 -1.27
C ALA B 34 -13.61 -15.35 -1.81
N ARG B 35 -14.70 -15.73 -2.46
CA ARG B 35 -15.63 -14.75 -3.02
C ARG B 35 -16.31 -13.97 -1.90
N ASP B 36 -16.36 -14.56 -0.72
CA ASP B 36 -17.01 -13.93 0.42
C ASP B 36 -16.19 -12.76 0.93
N ILE B 37 -15.14 -12.42 0.18
CA ILE B 37 -14.28 -11.31 0.56
C ILE B 37 -14.89 -9.99 0.10
N SER B 38 -14.91 -9.01 0.99
CA SER B 38 -15.49 -7.70 0.66
C SER B 38 -14.58 -6.92 -0.29
N LEU B 39 -14.93 -6.98 -1.58
CA LEU B 39 -14.17 -6.27 -2.59
C LEU B 39 -14.24 -4.77 -2.39
N GLY B 40 -15.25 -4.33 -1.67
CA GLY B 40 -15.44 -2.91 -1.42
C GLY B 40 -14.22 -2.30 -0.74
N MET B 41 -13.61 -3.07 0.17
CA MET B 41 -12.43 -2.58 0.87
C MET B 41 -11.27 -2.36 -0.10
N PHE B 42 -11.10 -3.28 -1.03
CA PHE B 42 -10.03 -3.18 -2.01
C PHE B 42 -10.27 -1.97 -2.92
N LEU B 43 -11.54 -1.73 -3.26
CA LEU B 43 -11.89 -0.63 -4.14
C LEU B 43 -11.48 0.70 -3.49
N VAL B 44 -11.74 0.82 -2.20
CA VAL B 44 -11.41 2.03 -1.47
C VAL B 44 -9.91 2.27 -1.49
N MET B 45 -9.15 1.19 -1.31
CA MET B 45 -7.69 1.30 -1.31
C MET B 45 -7.20 1.90 -2.63
N VAL B 46 -7.78 1.46 -3.73
CA VAL B 46 -7.38 1.95 -5.04
C VAL B 46 -7.64 3.46 -5.13
N LEU B 47 -8.78 3.89 -4.62
CA LEU B 47 -9.12 5.30 -4.67
C LEU B 47 -8.11 6.12 -3.89
N GLY B 48 -7.69 5.62 -2.74
CA GLY B 48 -6.72 6.33 -1.92
C GLY B 48 -5.44 6.58 -2.71
N LEU B 49 -4.91 5.52 -3.30
CA LEU B 49 -3.69 5.63 -4.09
C LEU B 49 -3.92 6.50 -5.32
N ALA B 50 -5.08 6.34 -5.94
CA ALA B 50 -5.39 7.11 -7.14
C ALA B 50 -5.30 8.60 -6.84
N LEU B 51 -5.90 9.01 -5.74
CA LEU B 51 -5.87 10.42 -5.34
C LEU B 51 -4.47 10.82 -4.91
N TRP B 52 -3.76 9.89 -4.30
CA TRP B 52 -2.41 10.16 -3.81
C TRP B 52 -1.54 10.72 -4.94
N LEU B 53 -1.94 10.49 -6.17
CA LEU B 53 -1.17 11.00 -7.31
C LEU B 53 -1.04 12.51 -7.24
N ILE B 54 -2.10 13.18 -6.79
CA ILE B 54 -2.07 14.62 -6.71
C ILE B 54 -0.99 15.09 -5.73
N TYR B 55 -0.88 14.36 -4.62
CA TYR B 55 0.11 14.69 -3.59
C TYR B 55 1.52 14.57 -4.17
N GLY B 56 1.75 13.51 -4.92
CA GLY B 56 3.06 13.29 -5.52
C GLY B 56 3.45 14.46 -6.42
N LEU B 57 2.49 14.95 -7.20
CA LEU B 57 2.74 16.08 -8.08
C LEU B 57 3.08 17.32 -7.28
N LEU B 58 2.37 17.51 -6.18
CA LEU B 58 2.62 18.67 -5.35
C LEU B 58 4.04 18.64 -4.79
N SER B 59 4.54 17.45 -4.51
CA SER B 59 5.90 17.31 -3.97
C SER B 59 6.90 17.19 -5.10
N GLY B 60 6.40 17.10 -6.33
CA GLY B 60 7.26 16.98 -7.50
C GLY B 60 7.93 15.61 -7.53
N ASP B 61 7.25 14.62 -6.96
CA ASP B 61 7.81 13.28 -6.95
C ASP B 61 7.83 12.70 -8.35
N ALA B 62 8.97 12.19 -8.75
CA ALA B 62 9.13 11.59 -10.07
C ALA B 62 8.76 10.09 -10.09
N PRO B 63 9.40 9.30 -9.25
CA PRO B 63 9.17 7.83 -9.19
C PRO B 63 7.73 7.48 -8.87
N LEU B 64 7.07 8.35 -8.14
CA LEU B 64 5.69 8.11 -7.76
C LEU B 64 4.81 8.01 -8.99
N ILE B 65 5.06 8.87 -9.96
CA ILE B 65 4.25 8.86 -11.17
C ILE B 65 4.38 7.52 -11.89
N ALA B 66 5.61 7.09 -12.11
CA ALA B 66 5.86 5.82 -12.79
C ALA B 66 5.41 4.64 -11.92
N SER B 67 5.68 4.74 -10.62
CA SER B 67 5.31 3.69 -9.68
C SER B 67 3.79 3.51 -9.65
N ASN B 68 3.07 4.62 -9.66
CA ASN B 68 1.62 4.57 -9.63
C ASN B 68 1.07 3.89 -10.88
N ALA B 69 1.65 4.19 -12.03
CA ALA B 69 1.18 3.61 -13.28
C ALA B 69 1.24 2.08 -13.25
N VAL B 70 2.39 1.55 -12.84
CA VAL B 70 2.57 0.11 -12.77
C VAL B 70 1.75 -0.48 -11.62
N THR B 71 1.70 0.25 -10.50
CA THR B 71 0.97 -0.21 -9.34
C THR B 71 -0.52 -0.34 -9.66
N MET B 72 -1.06 0.67 -10.34
CA MET B 72 -2.47 0.65 -10.70
C MET B 72 -2.77 -0.52 -11.61
N LEU B 73 -1.87 -0.79 -12.55
CA LEU B 73 -2.08 -1.88 -13.48
C LEU B 73 -2.24 -3.19 -12.72
N LEU B 74 -1.33 -3.46 -11.81
CA LEU B 74 -1.38 -4.70 -11.05
C LEU B 74 -2.63 -4.72 -10.16
N ALA B 75 -2.92 -3.59 -9.55
CA ALA B 75 -4.06 -3.50 -8.66
C ALA B 75 -5.33 -3.95 -9.39
N GLY B 76 -5.41 -3.63 -10.66
CA GLY B 76 -6.57 -4.01 -11.45
C GLY B 76 -6.55 -5.50 -11.75
N GLY B 77 -5.36 -6.10 -11.72
CA GLY B 77 -5.22 -7.53 -12.00
C GLY B 77 -5.81 -8.37 -10.87
N ILE B 78 -5.57 -7.96 -9.65
CA ILE B 78 -6.10 -8.68 -8.49
C ILE B 78 -7.62 -8.51 -8.40
N LEU B 79 -8.09 -7.31 -8.72
CA LEU B 79 -9.51 -7.02 -8.62
C LEU B 79 -10.32 -7.88 -9.59
N VAL B 80 -9.84 -7.97 -10.82
CA VAL B 80 -10.53 -8.77 -11.83
C VAL B 80 -10.40 -10.25 -11.52
N MET B 81 -9.26 -10.64 -10.94
CA MET B 81 -9.02 -12.04 -10.62
C MET B 81 -10.06 -12.53 -9.62
N LYS B 82 -10.34 -11.72 -8.60
CA LYS B 82 -11.32 -12.09 -7.59
C LYS B 82 -12.72 -12.19 -8.21
N LEU B 83 -13.06 -11.20 -9.03
CA LEU B 83 -14.37 -11.18 -9.67
C LEU B 83 -14.49 -12.34 -10.65
N ARG B 84 -13.42 -12.59 -11.39
CA ARG B 84 -13.42 -13.67 -12.37
C ARG B 84 -13.65 -15.00 -11.68
N TYR B 85 -12.99 -15.21 -10.54
CA TYR B 85 -13.13 -16.47 -9.79
C TYR B 85 -14.17 -16.31 -8.68
N GLY B 86 -14.84 -15.16 -8.67
CA GLY B 86 -15.86 -14.92 -7.66
C GLY B 86 -16.50 -13.55 -7.87
N MET A 1 5.66 27.23 2.48
CA MET A 1 5.42 26.55 3.80
C MET A 1 3.94 26.21 3.93
N ASP A 2 3.63 24.91 3.83
CA ASP A 2 2.26 24.44 3.95
C ASP A 2 2.22 23.01 4.51
N PRO A 3 2.99 22.73 5.52
CA PRO A 3 3.07 21.37 6.15
C PRO A 3 1.73 20.95 6.78
N PHE A 4 1.21 21.80 7.66
CA PHE A 4 -0.05 21.50 8.33
C PHE A 4 -1.21 21.42 7.34
N LEU A 5 -1.17 22.28 6.33
CA LEU A 5 -2.24 22.31 5.33
C LEU A 5 -2.31 20.97 4.59
N ILE A 6 -1.14 20.43 4.24
CA ILE A 6 -1.08 19.15 3.55
C ILE A 6 -1.62 18.05 4.45
N LYS A 7 -1.27 18.13 5.73
CA LYS A 7 -1.73 17.13 6.69
C LYS A 7 -3.25 17.06 6.69
N LEU A 8 -3.90 18.20 6.70
CA LEU A 8 -5.34 18.20 6.73
C LEU A 8 -5.91 17.52 5.49
N ILE A 9 -5.35 17.85 4.33
CA ILE A 9 -5.80 17.25 3.08
C ILE A 9 -5.45 15.76 3.04
N GLY A 10 -4.23 15.44 3.46
CA GLY A 10 -3.77 14.05 3.45
C GLY A 10 -4.65 13.18 4.34
N PHE A 11 -5.00 13.70 5.50
CA PHE A 11 -5.83 12.94 6.44
C PHE A 11 -7.18 12.62 5.80
N ALA A 12 -7.79 13.63 5.20
CA ALA A 12 -9.09 13.45 4.58
C ALA A 12 -9.02 12.44 3.44
N ALA A 13 -7.96 12.48 2.66
CA ALA A 13 -7.81 11.54 1.55
C ALA A 13 -7.52 10.12 2.03
N ALA A 14 -6.55 10.00 2.93
CA ALA A 14 -6.16 8.70 3.47
C ALA A 14 -7.29 8.07 4.28
N THR A 15 -8.26 8.88 4.66
CA THR A 15 -9.37 8.40 5.46
C THR A 15 -10.12 7.29 4.71
N CYS A 16 -10.21 7.44 3.39
CA CYS A 16 -10.93 6.46 2.58
C CYS A 16 -10.24 5.11 2.62
N THR A 17 -8.95 5.09 2.33
CA THR A 17 -8.19 3.85 2.33
C THR A 17 -7.89 3.38 3.75
N THR A 18 -7.62 4.32 4.64
CA THR A 18 -7.29 3.97 6.03
C THR A 18 -8.42 3.20 6.69
N VAL A 19 -9.64 3.73 6.58
CA VAL A 19 -10.80 3.09 7.19
C VAL A 19 -11.17 1.81 6.42
N ALA A 20 -11.04 1.87 5.10
CA ALA A 20 -11.36 0.73 4.25
C ALA A 20 -10.33 -0.39 4.43
N TYR A 21 -9.07 -0.01 4.64
CA TYR A 21 -7.99 -0.97 4.82
C TYR A 21 -7.96 -1.52 6.25
N ALA A 22 -8.56 -0.79 7.19
CA ALA A 22 -8.59 -1.23 8.58
C ALA A 22 -9.21 -2.65 8.70
N PRO A 23 -10.41 -2.85 8.20
CA PRO A 23 -11.11 -4.18 8.25
C PRO A 23 -10.37 -5.25 7.45
N GLN A 24 -9.47 -4.81 6.57
CA GLN A 24 -8.73 -5.74 5.74
C GLN A 24 -7.89 -6.67 6.60
N PHE A 25 -7.45 -6.18 7.76
CA PHE A 25 -6.63 -7.00 8.64
C PHE A 25 -7.37 -8.28 9.02
N ILE A 26 -8.63 -8.15 9.43
CA ILE A 26 -9.43 -9.30 9.82
C ILE A 26 -9.60 -10.23 8.62
N LYS A 27 -9.88 -9.65 7.46
CA LYS A 27 -10.07 -10.43 6.25
C LYS A 27 -8.81 -11.22 5.91
N VAL A 28 -7.64 -10.61 6.14
CA VAL A 28 -6.38 -11.28 5.84
C VAL A 28 -6.28 -12.59 6.63
N LEU A 29 -6.63 -12.54 7.91
CA LEU A 29 -6.57 -13.76 8.72
C LEU A 29 -7.57 -14.80 8.19
N LYS A 30 -8.75 -14.34 7.80
CA LYS A 30 -9.78 -15.25 7.28
C LYS A 30 -9.62 -15.47 5.78
N THR A 31 -8.55 -14.92 5.20
CA THR A 31 -8.30 -15.08 3.77
C THR A 31 -7.85 -16.51 3.47
N ARG A 32 -7.39 -17.22 4.49
CA ARG A 32 -6.95 -18.60 4.30
C ARG A 32 -5.85 -18.66 3.25
N SER A 33 -4.77 -17.93 3.49
CA SER A 33 -3.66 -17.90 2.54
C SER A 33 -2.81 -19.16 2.69
N ALA A 34 -2.36 -19.69 1.55
CA ALA A 34 -1.54 -20.89 1.54
C ALA A 34 -0.05 -20.56 1.67
N ARG A 35 0.74 -21.59 1.96
CA ARG A 35 2.18 -21.44 2.09
C ARG A 35 2.78 -20.87 0.81
N ASP A 36 2.10 -21.08 -0.31
CA ASP A 36 2.59 -20.62 -1.61
C ASP A 36 2.51 -19.10 -1.70
N ILE A 37 2.20 -18.45 -0.58
CA ILE A 37 2.12 -17.01 -0.55
C ILE A 37 3.52 -16.41 -0.33
N SER A 38 3.81 -15.31 -1.03
CA SER A 38 5.13 -14.68 -0.90
C SER A 38 5.26 -13.98 0.44
N LEU A 39 5.90 -14.66 1.38
CA LEU A 39 6.13 -14.12 2.71
C LEU A 39 7.06 -12.92 2.64
N GLY A 40 8.03 -12.99 1.75
CA GLY A 40 8.99 -11.93 1.57
C GLY A 40 8.29 -10.61 1.25
N MET A 41 7.11 -10.70 0.64
CA MET A 41 6.38 -9.48 0.29
C MET A 41 6.05 -8.68 1.53
N PHE A 42 5.51 -9.35 2.54
CA PHE A 42 5.14 -8.67 3.78
C PHE A 42 6.39 -8.11 4.47
N LEU A 43 7.43 -8.93 4.57
CA LEU A 43 8.66 -8.52 5.23
C LEU A 43 9.30 -7.35 4.48
N VAL A 44 9.31 -7.43 3.16
CA VAL A 44 9.88 -6.37 2.33
C VAL A 44 8.99 -5.13 2.38
N MET A 45 7.68 -5.36 2.45
CA MET A 45 6.72 -4.26 2.49
C MET A 45 7.01 -3.35 3.67
N VAL A 46 7.41 -3.93 4.80
CA VAL A 46 7.71 -3.16 5.99
C VAL A 46 8.83 -2.15 5.71
N LEU A 47 9.85 -2.60 4.99
CA LEU A 47 10.98 -1.73 4.67
C LEU A 47 10.52 -0.56 3.80
N GLY A 48 9.64 -0.84 2.85
CA GLY A 48 9.14 0.20 1.97
C GLY A 48 8.48 1.32 2.76
N LEU A 49 7.68 0.95 3.76
CA LEU A 49 7.00 1.95 4.60
C LEU A 49 8.01 2.81 5.34
N ALA A 50 9.03 2.17 5.91
CA ALA A 50 10.04 2.89 6.67
C ALA A 50 10.72 3.94 5.79
N LEU A 51 11.11 3.55 4.60
CA LEU A 51 11.77 4.46 3.68
C LEU A 51 10.78 5.51 3.17
N TRP A 52 9.56 5.07 2.88
CA TRP A 52 8.52 5.97 2.37
C TRP A 52 8.24 7.09 3.36
N LEU A 53 8.58 6.85 4.63
CA LEU A 53 8.36 7.83 5.67
C LEU A 53 9.04 9.15 5.32
N ILE A 54 10.13 9.07 4.57
CA ILE A 54 10.85 10.27 4.18
C ILE A 54 9.92 11.25 3.48
N TYR A 55 8.98 10.71 2.70
CA TYR A 55 8.02 11.57 2.00
C TYR A 55 7.21 12.39 2.97
N GLY A 56 6.75 11.75 4.03
CA GLY A 56 5.94 12.43 5.03
C GLY A 56 6.69 13.61 5.62
N LEU A 57 7.97 13.39 5.90
CA LEU A 57 8.80 14.45 6.49
C LEU A 57 8.94 15.61 5.50
N LEU A 58 9.24 15.28 4.25
CA LEU A 58 9.42 16.31 3.23
C LEU A 58 8.10 17.06 3.01
N SER A 59 6.99 16.36 3.13
CA SER A 59 5.67 16.98 2.94
C SER A 59 5.20 17.62 4.25
N GLY A 60 5.86 17.25 5.36
CA GLY A 60 5.51 17.80 6.66
C GLY A 60 4.11 17.34 7.07
N ASP A 61 3.63 16.31 6.41
CA ASP A 61 2.31 15.75 6.71
C ASP A 61 2.42 14.67 7.79
N ALA A 62 1.57 14.76 8.80
CA ALA A 62 1.57 13.78 9.89
C ALA A 62 0.77 12.52 9.51
N PRO A 63 -0.29 12.65 8.73
CA PRO A 63 -1.15 11.49 8.33
C PRO A 63 -0.35 10.39 7.66
N LEU A 64 0.56 10.76 6.77
CA LEU A 64 1.37 9.79 6.06
C LEU A 64 2.25 9.02 7.04
N ILE A 65 2.87 9.75 7.97
CA ILE A 65 3.75 9.13 8.95
C ILE A 65 2.95 8.19 9.85
N ALA A 66 1.80 8.68 10.33
CA ALA A 66 0.96 7.88 11.20
C ALA A 66 0.37 6.69 10.44
N SER A 67 -0.02 6.93 9.20
CA SER A 67 -0.60 5.86 8.38
C SER A 67 0.40 4.74 8.19
N ASN A 68 1.66 5.10 7.96
CA ASN A 68 2.69 4.10 7.77
C ASN A 68 2.86 3.26 9.03
N ALA A 69 2.87 3.91 10.19
CA ALA A 69 3.02 3.19 11.44
C ALA A 69 1.79 2.31 11.71
N VAL A 70 0.61 2.88 11.51
CA VAL A 70 -0.64 2.14 11.74
C VAL A 70 -0.75 0.98 10.75
N THR A 71 -0.48 1.26 9.48
CA THR A 71 -0.58 0.21 8.46
C THR A 71 0.39 -0.92 8.78
N MET A 72 1.60 -0.58 9.18
CA MET A 72 2.59 -1.60 9.50
C MET A 72 2.10 -2.49 10.64
N LEU A 73 1.54 -1.88 11.68
CA LEU A 73 1.04 -2.66 12.82
C LEU A 73 -0.13 -3.54 12.41
N LEU A 74 -1.11 -2.94 11.74
CA LEU A 74 -2.28 -3.70 11.29
C LEU A 74 -1.88 -4.74 10.25
N ALA A 75 -1.04 -4.33 9.31
CA ALA A 75 -0.58 -5.22 8.26
C ALA A 75 0.24 -6.37 8.86
N GLY A 76 1.21 -6.01 9.71
CA GLY A 76 2.06 -7.01 10.35
C GLY A 76 2.44 -8.11 9.37
N GLY A 77 1.63 -9.16 9.31
CA GLY A 77 1.88 -10.29 8.41
C GLY A 77 2.72 -11.34 9.10
N ILE A 78 3.28 -10.98 10.25
CA ILE A 78 4.12 -11.91 11.00
C ILE A 78 3.28 -13.10 11.47
N LEU A 79 2.07 -12.82 11.96
CA LEU A 79 1.19 -13.86 12.44
C LEU A 79 0.82 -14.82 11.30
N VAL A 80 0.58 -14.26 10.13
CA VAL A 80 0.21 -15.06 8.97
C VAL A 80 1.35 -16.01 8.61
N MET A 81 2.58 -15.50 8.62
CA MET A 81 3.74 -16.32 8.31
C MET A 81 3.86 -17.50 9.26
N LYS A 82 3.60 -17.25 10.53
CA LYS A 82 3.67 -18.30 11.53
C LYS A 82 2.67 -19.41 11.23
N LEU A 83 1.46 -19.02 10.86
CA LEU A 83 0.41 -19.98 10.56
C LEU A 83 0.80 -20.84 9.35
N ARG A 84 1.34 -20.20 8.32
CA ARG A 84 1.75 -20.91 7.12
C ARG A 84 3.02 -21.72 7.40
N TYR A 85 3.94 -21.13 8.13
CA TYR A 85 5.19 -21.81 8.47
C TYR A 85 4.94 -22.93 9.46
N GLY A 86 5.46 -24.11 9.16
CA GLY A 86 5.29 -25.26 10.03
C GLY A 86 5.72 -26.54 9.34
N MET B 1 15.10 23.25 -3.25
CA MET B 1 14.79 22.58 -4.54
C MET B 1 15.59 21.28 -4.65
N ASP B 2 14.91 20.15 -4.50
CA ASP B 2 15.55 18.85 -4.59
C ASP B 2 14.57 17.79 -5.11
N PRO B 3 13.80 18.12 -6.14
CA PRO B 3 12.80 17.18 -6.72
C PRO B 3 13.44 15.93 -7.33
N PHE B 4 14.39 16.14 -8.23
CA PHE B 4 15.07 15.02 -8.88
C PHE B 4 15.85 14.18 -7.87
N LEU B 5 16.45 14.84 -6.88
CA LEU B 5 17.23 14.14 -5.86
C LEU B 5 16.34 13.15 -5.10
N ILE B 6 15.15 13.61 -4.75
CA ILE B 6 14.21 12.76 -4.02
C ILE B 6 13.80 11.57 -4.89
N LYS B 7 13.60 11.83 -6.18
CA LYS B 7 13.21 10.78 -7.11
C LYS B 7 14.24 9.66 -7.08
N LEU B 8 15.50 10.01 -7.12
CA LEU B 8 16.53 9.00 -7.13
C LEU B 8 16.46 8.15 -5.87
N ILE B 9 16.31 8.81 -4.73
CA ILE B 9 16.22 8.10 -3.45
C ILE B 9 14.93 7.29 -3.37
N GLY B 10 13.83 7.90 -3.80
CA GLY B 10 12.53 7.25 -3.76
C GLY B 10 12.52 5.99 -4.62
N PHE B 11 13.13 6.07 -5.81
CA PHE B 11 13.18 4.93 -6.70
C PHE B 11 13.93 3.77 -6.05
N ALA B 12 15.07 4.08 -5.46
CA ALA B 12 15.87 3.05 -4.83
C ALA B 12 15.13 2.40 -3.66
N ALA B 13 14.40 3.20 -2.90
CA ALA B 13 13.66 2.67 -1.76
C ALA B 13 12.45 1.85 -2.21
N ALA B 14 11.66 2.42 -3.12
CA ALA B 14 10.46 1.76 -3.62
C ALA B 14 10.81 0.50 -4.41
N THR B 15 12.07 0.38 -4.80
CA THR B 15 12.51 -0.77 -5.56
C THR B 15 12.27 -2.05 -4.79
N CYS B 16 12.46 -1.98 -3.48
CA CYS B 16 12.29 -3.15 -2.63
C CYS B 16 10.85 -3.65 -2.64
N THR B 17 9.92 -2.74 -2.36
CA THR B 17 8.51 -3.08 -2.34
C THR B 17 7.94 -3.25 -3.75
N THR B 18 8.40 -2.41 -4.67
CA THR B 18 7.91 -2.46 -6.04
C THR B 18 8.18 -3.82 -6.68
N VAL B 19 9.41 -4.30 -6.57
CA VAL B 19 9.77 -5.59 -7.14
C VAL B 19 9.15 -6.73 -6.35
N ALA B 20 9.11 -6.56 -5.02
CA ALA B 20 8.54 -7.58 -4.15
C ALA B 20 7.02 -7.66 -4.31
N TYR B 21 6.40 -6.50 -4.54
CA TYR B 21 4.95 -6.43 -4.71
C TYR B 21 4.53 -6.84 -6.12
N ALA B 22 5.46 -6.77 -7.07
CA ALA B 22 5.15 -7.14 -8.45
C ALA B 22 4.60 -8.58 -8.53
N PRO B 23 5.31 -9.56 -8.01
CA PRO B 23 4.86 -10.99 -8.02
C PRO B 23 3.60 -11.21 -7.19
N GLN B 24 3.29 -10.25 -6.34
CA GLN B 24 2.10 -10.36 -5.50
C GLN B 24 0.85 -10.44 -6.34
N PHE B 25 0.87 -9.84 -7.52
CA PHE B 25 -0.30 -9.86 -8.39
C PHE B 25 -0.68 -11.30 -8.74
N ILE B 26 0.31 -12.10 -9.13
CA ILE B 26 0.06 -13.49 -9.47
C ILE B 26 -0.46 -14.24 -8.25
N LYS B 27 0.16 -13.99 -7.10
CA LYS B 27 -0.25 -14.65 -5.87
C LYS B 27 -1.69 -14.31 -5.52
N VAL B 28 -2.10 -13.07 -5.78
CA VAL B 28 -3.47 -12.64 -5.49
C VAL B 28 -4.46 -13.53 -6.24
N LEU B 29 -4.20 -13.77 -7.51
CA LEU B 29 -5.10 -14.62 -8.30
C LEU B 29 -5.12 -16.05 -7.73
N LYS B 30 -3.95 -16.54 -7.33
CA LYS B 30 -3.85 -17.89 -6.78
C LYS B 30 -4.11 -17.90 -5.27
N THR B 31 -4.47 -16.75 -4.72
CA THR B 31 -4.75 -16.64 -3.29
C THR B 31 -6.07 -17.34 -2.95
N ARG B 32 -6.91 -17.54 -3.97
CA ARG B 32 -8.19 -18.21 -3.75
C ARG B 32 -9.00 -17.45 -2.70
N SER B 33 -9.25 -16.17 -2.97
CA SER B 33 -10.02 -15.35 -2.04
C SER B 33 -11.51 -15.65 -2.17
N ALA B 34 -12.19 -15.68 -1.03
CA ALA B 34 -13.62 -15.96 -0.99
C ALA B 34 -14.44 -14.68 -1.14
N ARG B 35 -15.73 -14.86 -1.41
CA ARG B 35 -16.65 -13.74 -1.56
C ARG B 35 -16.67 -12.88 -0.30
N ASP B 36 -16.32 -13.49 0.82
CA ASP B 36 -16.33 -12.79 2.11
C ASP B 36 -15.21 -11.75 2.17
N ILE B 37 -14.55 -11.55 1.03
CA ILE B 37 -13.46 -10.57 0.95
C ILE B 37 -14.04 -9.17 0.72
N SER B 38 -13.47 -8.16 1.38
CA SER B 38 -13.96 -6.80 1.22
C SER B 38 -13.58 -6.24 -0.14
N LEU B 39 -14.52 -6.29 -1.07
CA LEU B 39 -14.31 -5.78 -2.42
C LEU B 39 -14.13 -4.26 -2.39
N GLY B 40 -14.87 -3.62 -1.50
CA GLY B 40 -14.80 -2.18 -1.37
C GLY B 40 -13.37 -1.72 -1.07
N MET B 41 -12.58 -2.60 -0.44
CA MET B 41 -11.21 -2.25 -0.11
C MET B 41 -10.42 -1.95 -1.37
N PHE B 42 -10.51 -2.83 -2.36
CA PHE B 42 -9.79 -2.63 -3.60
C PHE B 42 -10.29 -1.38 -4.34
N LEU B 43 -11.61 -1.24 -4.41
CA LEU B 43 -12.20 -0.09 -5.10
C LEU B 43 -11.82 1.21 -4.39
N VAL B 44 -11.88 1.20 -3.07
CA VAL B 44 -11.52 2.37 -2.28
C VAL B 44 -10.02 2.63 -2.36
N MET B 45 -9.25 1.54 -2.40
CA MET B 45 -7.80 1.65 -2.46
C MET B 45 -7.37 2.47 -3.67
N VAL B 46 -8.08 2.30 -4.77
CA VAL B 46 -7.75 3.03 -5.99
C VAL B 46 -7.85 4.54 -5.74
N LEU B 47 -8.88 4.96 -5.03
CA LEU B 47 -9.07 6.37 -4.74
C LEU B 47 -7.91 6.91 -3.90
N GLY B 48 -7.46 6.11 -2.93
CA GLY B 48 -6.37 6.52 -2.07
C GLY B 48 -5.12 6.83 -2.89
N LEU B 49 -4.83 5.98 -3.87
CA LEU B 49 -3.65 6.19 -4.72
C LEU B 49 -3.77 7.50 -5.51
N ALA B 50 -4.95 7.74 -6.07
CA ALA B 50 -5.17 8.95 -6.85
C ALA B 50 -4.90 10.19 -6.01
N LEU B 51 -5.45 10.21 -4.81
CA LEU B 51 -5.27 11.36 -3.92
C LEU B 51 -3.82 11.42 -3.43
N TRP B 52 -3.26 10.25 -3.12
CA TRP B 52 -1.89 10.18 -2.62
C TRP B 52 -0.91 10.75 -3.64
N LEU B 53 -1.33 10.78 -4.89
CA LEU B 53 -0.49 11.30 -5.96
C LEU B 53 -0.04 12.73 -5.65
N ILE B 54 -0.87 13.45 -4.91
CA ILE B 54 -0.53 14.82 -4.56
C ILE B 54 0.83 14.89 -3.88
N TYR B 55 1.14 13.86 -3.08
CA TYR B 55 2.41 13.81 -2.37
C TYR B 55 3.56 13.80 -3.36
N GLY B 56 3.42 12.98 -4.41
CA GLY B 56 4.47 12.88 -5.40
C GLY B 56 4.76 14.24 -6.04
N LEU B 57 3.70 14.97 -6.33
CA LEU B 57 3.84 16.28 -6.95
C LEU B 57 4.57 17.24 -6.00
N LEU B 58 4.15 17.25 -4.74
CA LEU B 58 4.75 18.13 -3.75
C LEU B 58 6.22 17.75 -3.54
N SER B 59 6.51 16.46 -3.62
CA SER B 59 7.88 15.98 -3.45
C SER B 59 8.65 16.08 -4.76
N GLY B 60 7.93 16.25 -5.86
CA GLY B 60 8.54 16.35 -7.17
C GLY B 60 9.20 15.03 -7.56
N ASP B 61 8.82 13.97 -6.86
CA ASP B 61 9.37 12.64 -7.13
C ASP B 61 8.52 11.93 -8.19
N ALA B 62 9.17 11.37 -9.19
CA ALA B 62 8.47 10.64 -10.25
C ALA B 62 8.16 9.19 -9.84
N PRO B 63 9.01 8.56 -9.05
CA PRO B 63 8.81 7.14 -8.60
C PRO B 63 7.47 6.94 -7.92
N LEU B 64 7.10 7.87 -7.05
CA LEU B 64 5.85 7.76 -6.32
C LEU B 64 4.68 7.82 -7.29
N ILE B 65 4.74 8.74 -8.25
CA ILE B 65 3.67 8.89 -9.22
C ILE B 65 3.57 7.65 -10.09
N ALA B 66 4.72 7.17 -10.57
CA ALA B 66 4.75 5.98 -11.40
C ALA B 66 4.34 4.75 -10.62
N SER B 67 4.79 4.67 -9.38
CA SER B 67 4.47 3.53 -8.52
C SER B 67 2.97 3.44 -8.32
N ASN B 68 2.33 4.58 -8.12
CA ASN B 68 0.89 4.60 -7.90
C ASN B 68 0.17 4.09 -9.13
N ALA B 69 0.61 4.53 -10.31
CA ALA B 69 -0.01 4.09 -11.55
C ALA B 69 0.24 2.60 -11.78
N VAL B 70 1.48 2.18 -11.59
CA VAL B 70 1.84 0.78 -11.78
C VAL B 70 1.11 -0.11 -10.76
N THR B 71 1.13 0.30 -9.51
CA THR B 71 0.47 -0.46 -8.46
C THR B 71 -1.01 -0.61 -8.76
N MET B 72 -1.64 0.48 -9.18
CA MET B 72 -3.06 0.44 -9.49
C MET B 72 -3.35 -0.57 -10.59
N LEU B 73 -2.54 -0.56 -11.65
CA LEU B 73 -2.74 -1.47 -12.75
C LEU B 73 -2.52 -2.92 -12.31
N LEU B 74 -1.41 -3.17 -11.65
CA LEU B 74 -1.10 -4.52 -11.17
C LEU B 74 -2.10 -4.94 -10.11
N ALA B 75 -2.40 -4.03 -9.18
CA ALA B 75 -3.35 -4.33 -8.11
C ALA B 75 -4.74 -4.57 -8.69
N GLY B 76 -5.18 -3.68 -9.56
CA GLY B 76 -6.50 -3.79 -10.19
C GLY B 76 -7.53 -4.28 -9.18
N GLY B 77 -7.69 -5.59 -9.10
CA GLY B 77 -8.66 -6.20 -8.16
C GLY B 77 -10.01 -6.37 -8.84
N ILE B 78 -10.16 -5.75 -10.00
CA ILE B 78 -11.41 -5.85 -10.74
C ILE B 78 -11.67 -7.29 -11.17
N LEU B 79 -10.62 -7.95 -11.65
CA LEU B 79 -10.73 -9.33 -12.09
C LEU B 79 -11.12 -10.23 -10.92
N VAL B 80 -10.54 -9.97 -9.76
CA VAL B 80 -10.84 -10.77 -8.58
C VAL B 80 -12.32 -10.64 -8.22
N MET B 81 -12.83 -9.42 -8.25
CA MET B 81 -14.23 -9.17 -7.92
C MET B 81 -15.15 -9.95 -8.85
N LYS B 82 -14.80 -9.99 -10.13
CA LYS B 82 -15.61 -10.71 -11.10
C LYS B 82 -15.66 -12.19 -10.76
N LEU B 83 -14.52 -12.76 -10.38
CA LEU B 83 -14.46 -14.17 -10.05
C LEU B 83 -15.32 -14.47 -8.83
N ARG B 84 -15.24 -13.62 -7.81
CA ARG B 84 -16.03 -13.80 -6.60
C ARG B 84 -17.50 -13.49 -6.88
N TYR B 85 -17.75 -12.44 -7.63
CA TYR B 85 -19.11 -12.05 -7.96
C TYR B 85 -19.74 -13.05 -8.93
N GLY B 86 -20.93 -13.51 -8.60
CA GLY B 86 -21.63 -14.48 -9.45
C GLY B 86 -22.84 -15.06 -8.72
N MET A 1 0.36 28.54 6.86
CA MET A 1 -1.07 28.36 6.48
C MET A 1 -1.52 26.93 6.83
N ASP A 2 -1.34 26.56 8.10
CA ASP A 2 -1.71 25.21 8.58
C ASP A 2 -1.13 24.10 7.66
N PRO A 3 0.17 24.07 7.49
CA PRO A 3 0.87 23.06 6.60
C PRO A 3 0.55 21.62 6.94
N PHE A 4 0.33 21.32 8.20
CA PHE A 4 -0.02 19.97 8.57
C PHE A 4 -1.37 19.58 7.95
N LEU A 5 -2.31 20.52 7.99
CA LEU A 5 -3.65 20.28 7.44
C LEU A 5 -3.60 20.06 5.94
N ILE A 6 -2.73 20.81 5.26
CA ILE A 6 -2.62 20.68 3.81
C ILE A 6 -2.24 19.24 3.42
N LYS A 7 -1.20 18.73 4.04
CA LYS A 7 -0.76 17.37 3.74
C LYS A 7 -1.83 16.36 4.13
N LEU A 8 -2.56 16.66 5.20
CA LEU A 8 -3.60 15.74 5.66
C LEU A 8 -4.62 15.50 4.54
N ILE A 9 -4.99 16.56 3.85
CA ILE A 9 -5.94 16.44 2.75
C ILE A 9 -5.35 15.59 1.62
N GLY A 10 -4.08 15.81 1.31
CA GLY A 10 -3.43 15.06 0.23
C GLY A 10 -3.48 13.55 0.48
N PHE A 11 -3.45 13.15 1.74
CA PHE A 11 -3.49 11.74 2.12
C PHE A 11 -4.90 11.32 2.51
N ALA A 12 -5.87 12.21 2.31
CA ALA A 12 -7.24 11.89 2.72
C ALA A 12 -7.65 10.52 2.20
N ALA A 13 -7.45 10.28 0.92
CA ALA A 13 -7.80 8.97 0.35
C ALA A 13 -6.86 7.89 0.90
N ALA A 14 -5.59 8.25 1.06
CA ALA A 14 -4.60 7.30 1.57
C ALA A 14 -4.95 6.89 3.00
N THR A 15 -5.44 7.84 3.79
CA THR A 15 -5.82 7.56 5.17
C THR A 15 -7.00 6.61 5.20
N CYS A 16 -7.91 6.77 4.25
CA CYS A 16 -9.08 5.91 4.19
C CYS A 16 -8.65 4.45 3.99
N THR A 17 -7.68 4.24 3.12
CA THR A 17 -7.17 2.89 2.86
C THR A 17 -6.55 2.30 4.12
N THR A 18 -5.71 3.08 4.77
CA THR A 18 -5.04 2.62 5.99
C THR A 18 -6.06 2.30 7.07
N VAL A 19 -7.04 3.18 7.23
CA VAL A 19 -8.08 2.99 8.23
C VAL A 19 -8.86 1.71 7.94
N ALA A 20 -9.17 1.47 6.67
CA ALA A 20 -9.91 0.27 6.27
C ALA A 20 -9.04 -0.99 6.36
N TYR A 21 -7.75 -0.84 6.11
CA TYR A 21 -6.81 -1.96 6.13
C TYR A 21 -6.69 -2.61 7.53
N ALA A 22 -6.56 -1.81 8.57
CA ALA A 22 -6.40 -2.36 9.92
C ALA A 22 -7.59 -3.29 10.29
N PRO A 23 -8.82 -2.83 10.17
CA PRO A 23 -10.02 -3.66 10.45
C PRO A 23 -9.98 -4.98 9.66
N GLN A 24 -9.53 -4.92 8.41
CA GLN A 24 -9.47 -6.12 7.58
C GLN A 24 -8.52 -7.15 8.19
N PHE A 25 -7.96 -6.80 9.35
CA PHE A 25 -7.06 -7.72 10.03
C PHE A 25 -7.77 -9.04 10.31
N ILE A 26 -9.01 -8.95 10.78
CA ILE A 26 -9.78 -10.16 11.06
C ILE A 26 -10.09 -10.91 9.77
N LYS A 27 -10.45 -10.16 8.74
CA LYS A 27 -10.79 -10.72 7.42
C LYS A 27 -9.65 -11.56 6.88
N VAL A 28 -8.42 -11.28 7.34
CA VAL A 28 -7.26 -12.03 6.86
C VAL A 28 -7.47 -13.53 7.08
N LEU A 29 -8.00 -13.88 8.25
CA LEU A 29 -8.22 -15.30 8.55
C LEU A 29 -9.23 -15.90 7.56
N LYS A 30 -10.30 -15.16 7.27
CA LYS A 30 -11.33 -15.63 6.35
C LYS A 30 -10.83 -15.57 4.92
N THR A 31 -9.68 -14.94 4.72
CA THR A 31 -9.10 -14.82 3.38
C THR A 31 -8.56 -16.18 2.93
N ARG A 32 -8.37 -17.08 3.89
CA ARG A 32 -7.86 -18.41 3.58
C ARG A 32 -6.51 -18.33 2.88
N SER A 33 -5.57 -17.62 3.50
CA SER A 33 -4.24 -17.48 2.91
C SER A 33 -3.39 -18.71 3.20
N ALA A 34 -2.64 -19.15 2.18
CA ALA A 34 -1.78 -20.33 2.32
C ALA A 34 -0.33 -19.94 2.57
N ARG A 35 0.40 -20.82 3.24
CA ARG A 35 1.80 -20.60 3.53
C ARG A 35 2.62 -20.52 2.25
N ASP A 36 2.10 -21.13 1.20
CA ASP A 36 2.77 -21.16 -0.09
C ASP A 36 2.76 -19.79 -0.75
N ILE A 37 2.33 -18.78 0.00
CA ILE A 37 2.27 -17.42 -0.51
C ILE A 37 3.65 -16.77 -0.41
N SER A 38 3.99 -15.93 -1.38
CA SER A 38 5.29 -15.28 -1.39
C SER A 38 5.37 -14.20 -0.31
N LEU A 39 5.99 -14.57 0.81
CA LEU A 39 6.16 -13.64 1.93
C LEU A 39 7.08 -12.50 1.54
N GLY A 40 7.85 -12.72 0.48
CA GLY A 40 8.78 -11.70 0.02
C GLY A 40 8.04 -10.40 -0.30
N MET A 41 6.85 -10.51 -0.88
CA MET A 41 6.06 -9.34 -1.21
C MET A 41 5.66 -8.56 0.05
N PHE A 42 5.29 -9.30 1.08
CA PHE A 42 4.90 -8.68 2.34
C PHE A 42 6.10 -8.05 3.03
N LEU A 43 7.27 -8.70 2.91
CA LEU A 43 8.48 -8.19 3.55
C LEU A 43 8.85 -6.82 3.01
N VAL A 44 8.77 -6.65 1.70
CA VAL A 44 9.10 -5.37 1.10
C VAL A 44 8.04 -4.33 1.47
N MET A 45 6.79 -4.78 1.56
CA MET A 45 5.70 -3.87 1.89
C MET A 45 5.96 -3.22 3.24
N VAL A 46 6.41 -4.00 4.21
CA VAL A 46 6.70 -3.46 5.54
C VAL A 46 7.83 -2.45 5.44
N LEU A 47 8.89 -2.80 4.72
CA LEU A 47 10.03 -1.92 4.54
C LEU A 47 9.62 -0.66 3.79
N GLY A 48 8.80 -0.83 2.75
CA GLY A 48 8.33 0.30 1.96
C GLY A 48 7.53 1.27 2.81
N LEU A 49 6.65 0.74 3.64
CA LEU A 49 5.82 1.57 4.51
C LEU A 49 6.68 2.33 5.51
N ALA A 50 7.65 1.63 6.10
CA ALA A 50 8.54 2.24 7.08
C ALA A 50 9.26 3.43 6.47
N LEU A 51 9.79 3.24 5.27
CA LEU A 51 10.50 4.31 4.59
C LEU A 51 9.55 5.49 4.36
N TRP A 52 8.30 5.18 4.08
CA TRP A 52 7.31 6.23 3.85
C TRP A 52 7.21 7.14 5.07
N LEU A 53 7.26 6.55 6.27
CA LEU A 53 7.17 7.35 7.48
C LEU A 53 8.36 8.31 7.57
N ILE A 54 9.54 7.81 7.25
CA ILE A 54 10.74 8.65 7.28
C ILE A 54 10.62 9.78 6.26
N TYR A 55 10.17 9.43 5.07
CA TYR A 55 10.00 10.41 4.01
C TYR A 55 9.00 11.48 4.47
N GLY A 56 7.98 11.04 5.19
CA GLY A 56 6.97 11.95 5.68
C GLY A 56 7.60 13.06 6.53
N LEU A 57 8.55 12.66 7.38
CA LEU A 57 9.21 13.65 8.24
C LEU A 57 9.98 14.64 7.36
N LEU A 58 10.62 14.15 6.32
CA LEU A 58 11.39 15.02 5.43
C LEU A 58 10.48 16.06 4.78
N SER A 59 9.24 15.66 4.47
CA SER A 59 8.28 16.58 3.86
C SER A 59 7.41 17.21 4.93
N GLY A 60 7.57 16.77 6.17
CA GLY A 60 6.79 17.30 7.28
C GLY A 60 5.34 16.88 7.15
N ASP A 61 5.13 15.72 6.53
CA ASP A 61 3.77 15.22 6.34
C ASP A 61 3.10 14.95 7.69
N ALA A 62 1.87 15.41 7.83
CA ALA A 62 1.08 15.19 9.04
C ALA A 62 0.35 13.82 9.03
N PRO A 63 -0.26 13.45 7.93
CA PRO A 63 -1.05 12.19 7.84
C PRO A 63 -0.20 10.93 8.06
N LEU A 64 1.03 10.95 7.57
CA LEU A 64 1.90 9.80 7.72
C LEU A 64 2.18 9.53 9.21
N ILE A 65 2.38 10.59 9.98
CA ILE A 65 2.64 10.43 11.40
C ILE A 65 1.43 9.80 12.10
N ALA A 66 0.25 10.31 11.81
CA ALA A 66 -0.97 9.77 12.42
C ALA A 66 -1.24 8.35 11.93
N SER A 67 -0.94 8.10 10.65
CA SER A 67 -1.14 6.79 10.05
C SER A 67 -0.32 5.74 10.78
N ASN A 68 0.87 6.13 11.23
CA ASN A 68 1.75 5.21 11.92
C ASN A 68 1.00 4.50 13.05
N ALA A 69 0.04 5.19 13.65
CA ALA A 69 -0.74 4.60 14.73
C ALA A 69 -1.47 3.35 14.24
N VAL A 70 -2.12 3.47 13.08
CA VAL A 70 -2.85 2.34 12.50
C VAL A 70 -1.88 1.28 12.01
N THR A 71 -0.72 1.72 11.52
CA THR A 71 0.29 0.82 11.00
C THR A 71 0.68 -0.21 12.07
N MET A 72 0.84 0.24 13.30
CA MET A 72 1.24 -0.65 14.38
C MET A 72 0.27 -1.84 14.46
N LEU A 73 -1.01 -1.56 14.34
CA LEU A 73 -2.03 -2.61 14.38
C LEU A 73 -1.89 -3.53 13.16
N LEU A 74 -1.58 -2.92 12.02
CA LEU A 74 -1.42 -3.67 10.77
C LEU A 74 -0.28 -4.69 10.89
N ALA A 75 0.74 -4.34 11.66
CA ALA A 75 1.89 -5.22 11.83
C ALA A 75 1.44 -6.62 12.25
N GLY A 76 0.29 -6.69 12.91
CA GLY A 76 -0.24 -7.97 13.35
C GLY A 76 -0.38 -8.93 12.17
N GLY A 77 -0.68 -8.39 10.99
CA GLY A 77 -0.83 -9.20 9.80
C GLY A 77 0.49 -9.88 9.43
N ILE A 78 1.59 -9.18 9.66
CA ILE A 78 2.91 -9.72 9.36
C ILE A 78 3.19 -10.94 10.23
N LEU A 79 2.85 -10.84 11.51
CA LEU A 79 3.06 -11.95 12.43
C LEU A 79 2.28 -13.19 12.00
N VAL A 80 1.04 -12.97 11.55
CA VAL A 80 0.19 -14.06 11.11
C VAL A 80 0.82 -14.77 9.91
N MET A 81 1.36 -13.99 8.98
CA MET A 81 1.99 -14.55 7.79
C MET A 81 3.12 -15.49 8.19
N LYS A 82 3.90 -15.09 9.19
CA LYS A 82 5.01 -15.92 9.65
C LYS A 82 4.49 -17.24 10.20
N LEU A 83 3.34 -17.19 10.85
CA LEU A 83 2.77 -18.39 11.44
C LEU A 83 2.47 -19.42 10.35
N ARG A 84 1.91 -18.97 9.23
CA ARG A 84 1.58 -19.88 8.14
C ARG A 84 2.85 -20.52 7.57
N TYR A 85 3.88 -19.70 7.37
CA TYR A 85 5.16 -20.19 6.82
C TYR A 85 6.22 -20.24 7.92
N GLY A 86 6.71 -19.07 8.30
CA GLY A 86 7.74 -18.99 9.34
C GLY A 86 8.93 -19.86 9.00
N MET B 1 19.75 20.36 -7.59
CA MET B 1 20.64 19.23 -7.20
C MET B 1 19.96 17.89 -7.50
N ASP B 2 19.54 17.72 -8.77
CA ASP B 2 18.86 16.49 -9.20
C ASP B 2 17.69 16.14 -8.27
N PRO B 3 16.73 17.03 -8.10
CA PRO B 3 15.53 16.84 -7.20
C PRO B 3 14.74 15.57 -7.49
N PHE B 4 14.68 15.18 -8.75
CA PHE B 4 13.98 13.96 -9.09
C PHE B 4 14.67 12.75 -8.44
N LEU B 5 16.00 12.75 -8.49
CA LEU B 5 16.78 11.65 -7.93
C LEU B 5 16.61 11.57 -6.41
N ILE B 6 16.52 12.73 -5.77
CA ILE B 6 16.36 12.75 -4.32
C ILE B 6 15.09 12.01 -3.89
N LYS B 7 13.98 12.36 -4.51
CA LYS B 7 12.72 11.71 -4.18
C LYS B 7 12.77 10.24 -4.53
N LEU B 8 13.48 9.89 -5.60
CA LEU B 8 13.57 8.50 -6.02
C LEU B 8 14.14 7.65 -4.89
N ILE B 9 15.16 8.16 -4.22
CA ILE B 9 15.76 7.44 -3.11
C ILE B 9 14.75 7.27 -1.96
N GLY B 10 14.00 8.33 -1.67
CA GLY B 10 13.02 8.29 -0.59
C GLY B 10 12.00 7.17 -0.78
N PHE B 11 11.68 6.88 -2.04
CA PHE B 11 10.72 5.83 -2.37
C PHE B 11 11.43 4.53 -2.75
N ALA B 12 12.73 4.48 -2.57
CA ALA B 12 13.48 3.29 -2.95
C ALA B 12 12.82 2.04 -2.40
N ALA B 13 12.51 2.04 -1.10
CA ALA B 13 11.85 0.88 -0.50
C ALA B 13 10.42 0.76 -1.02
N ALA B 14 9.76 1.91 -1.22
CA ALA B 14 8.39 1.92 -1.71
C ALA B 14 8.33 1.35 -3.12
N THR B 15 9.35 1.65 -3.93
CA THR B 15 9.40 1.15 -5.29
C THR B 15 9.56 -0.36 -5.30
N CYS B 16 10.35 -0.86 -4.34
CA CYS B 16 10.56 -2.30 -4.24
C CYS B 16 9.24 -3.02 -4.01
N THR B 17 8.40 -2.46 -3.14
CA THR B 17 7.10 -3.06 -2.85
C THR B 17 6.24 -3.08 -4.11
N THR B 18 6.17 -1.94 -4.79
CA THR B 18 5.36 -1.83 -6.00
C THR B 18 5.85 -2.80 -7.07
N VAL B 19 7.17 -2.87 -7.24
CA VAL B 19 7.75 -3.76 -8.22
C VAL B 19 7.41 -5.21 -7.89
N ALA B 20 7.48 -5.57 -6.61
CA ALA B 20 7.17 -6.94 -6.17
C ALA B 20 5.66 -7.22 -6.23
N TYR B 21 4.86 -6.19 -5.99
CA TYR B 21 3.40 -6.33 -6.00
C TYR B 21 2.84 -6.75 -7.38
N ALA B 22 3.30 -6.11 -8.46
CA ALA B 22 2.78 -6.44 -9.79
C ALA B 22 2.98 -7.93 -10.12
N PRO B 23 4.17 -8.47 -10.00
CA PRO B 23 4.44 -9.91 -10.24
C PRO B 23 3.49 -10.81 -9.42
N GLN B 24 3.23 -10.41 -8.18
CA GLN B 24 2.35 -11.20 -7.31
C GLN B 24 0.95 -11.28 -7.92
N PHE B 25 0.77 -10.67 -9.08
CA PHE B 25 -0.52 -10.70 -9.75
C PHE B 25 -0.94 -12.15 -9.99
N ILE B 26 -0.01 -12.97 -10.45
CA ILE B 26 -0.32 -14.38 -10.69
C ILE B 26 -0.62 -15.09 -9.37
N LYS B 27 0.19 -14.79 -8.36
CA LYS B 27 0.05 -15.39 -7.03
C LYS B 27 -1.35 -15.17 -6.48
N VAL B 28 -2.03 -14.12 -6.95
CA VAL B 28 -3.37 -13.83 -6.46
C VAL B 28 -4.28 -15.03 -6.66
N LEU B 29 -4.17 -15.69 -7.80
CA LEU B 29 -5.00 -16.87 -8.05
C LEU B 29 -4.70 -17.98 -7.05
N LYS B 30 -3.41 -18.20 -6.78
CA LYS B 30 -3.01 -19.23 -5.83
C LYS B 30 -3.31 -18.80 -4.40
N THR B 31 -3.68 -17.53 -4.23
CA THR B 31 -4.00 -17.01 -2.90
C THR B 31 -5.32 -17.58 -2.42
N ARG B 32 -6.11 -18.11 -3.36
CA ARG B 32 -7.40 -18.70 -3.02
C ARG B 32 -8.29 -17.67 -2.34
N SER B 33 -8.48 -16.51 -2.98
CA SER B 33 -9.31 -15.46 -2.42
C SER B 33 -10.78 -15.76 -2.68
N ALA B 34 -11.61 -15.50 -1.67
CA ALA B 34 -13.05 -15.75 -1.78
C ALA B 34 -13.81 -14.45 -2.06
N ARG B 35 -14.96 -14.59 -2.70
CA ARG B 35 -15.81 -13.45 -3.02
C ARG B 35 -16.32 -12.78 -1.75
N ASP B 36 -16.36 -13.56 -0.68
CA ASP B 36 -16.86 -13.07 0.61
C ASP B 36 -15.88 -12.09 1.23
N ILE B 37 -14.86 -11.70 0.46
CA ILE B 37 -13.86 -10.75 0.93
C ILE B 37 -14.38 -9.33 0.79
N SER B 38 -14.03 -8.47 1.75
CA SER B 38 -14.49 -7.09 1.73
C SER B 38 -13.81 -6.29 0.62
N LEU B 39 -14.50 -6.15 -0.50
CA LEU B 39 -13.99 -5.40 -1.64
C LEU B 39 -13.84 -3.93 -1.29
N GLY B 40 -14.53 -3.52 -0.24
CA GLY B 40 -14.46 -2.12 0.19
C GLY B 40 -13.03 -1.72 0.48
N MET B 41 -12.25 -2.63 1.07
CA MET B 41 -10.86 -2.33 1.39
C MET B 41 -10.05 -2.10 0.12
N PHE B 42 -10.31 -2.91 -0.90
CA PHE B 42 -9.61 -2.77 -2.16
C PHE B 42 -10.04 -1.50 -2.90
N LEU B 43 -11.32 -1.14 -2.76
CA LEU B 43 -11.83 0.06 -3.43
C LEU B 43 -11.11 1.32 -2.93
N VAL B 44 -10.93 1.41 -1.63
CA VAL B 44 -10.25 2.58 -1.06
C VAL B 44 -8.78 2.55 -1.44
N MET B 45 -8.20 1.35 -1.50
CA MET B 45 -6.80 1.22 -1.85
C MET B 45 -6.52 1.83 -3.22
N VAL B 46 -7.41 1.56 -4.18
CA VAL B 46 -7.25 2.12 -5.52
C VAL B 46 -7.34 3.64 -5.46
N LEU B 47 -8.33 4.15 -4.73
CA LEU B 47 -8.53 5.58 -4.60
C LEU B 47 -7.34 6.21 -3.87
N GLY B 48 -6.86 5.53 -2.83
CA GLY B 48 -5.73 6.03 -2.05
C GLY B 48 -4.48 6.13 -2.92
N LEU B 49 -4.24 5.11 -3.73
CA LEU B 49 -3.08 5.10 -4.61
C LEU B 49 -3.17 6.22 -5.64
N ALA B 50 -4.35 6.38 -6.22
CA ALA B 50 -4.57 7.42 -7.23
C ALA B 50 -4.23 8.79 -6.66
N LEU B 51 -4.73 9.06 -5.45
CA LEU B 51 -4.47 10.33 -4.81
C LEU B 51 -2.98 10.52 -4.60
N TRP B 52 -2.30 9.42 -4.30
CA TRP B 52 -0.85 9.47 -4.08
C TRP B 52 -0.16 10.01 -5.33
N LEU B 53 -0.62 9.60 -6.51
CA LEU B 53 0.00 10.08 -7.75
C LEU B 53 -0.17 11.60 -7.87
N ILE B 54 -1.36 12.09 -7.54
CA ILE B 54 -1.62 13.53 -7.62
C ILE B 54 -0.73 14.26 -6.63
N TYR B 55 -0.65 13.73 -5.42
CA TYR B 55 0.18 14.33 -4.39
C TYR B 55 1.63 14.38 -4.86
N GLY B 56 2.04 13.33 -5.56
CA GLY B 56 3.40 13.26 -6.06
C GLY B 56 3.71 14.46 -6.94
N LEU B 57 2.77 14.82 -7.80
CA LEU B 57 2.96 15.96 -8.68
C LEU B 57 3.13 17.24 -7.85
N LEU B 58 2.33 17.37 -6.79
CA LEU B 58 2.42 18.55 -5.93
C LEU B 58 3.81 18.66 -5.30
N SER B 59 4.39 17.52 -4.97
CA SER B 59 5.73 17.50 -4.37
C SER B 59 6.79 17.32 -5.45
N GLY B 60 6.35 17.09 -6.68
CA GLY B 60 7.27 16.89 -7.79
C GLY B 60 8.01 15.57 -7.64
N ASP B 61 7.35 14.60 -6.99
CA ASP B 61 7.97 13.30 -6.78
C ASP B 61 8.23 12.60 -8.10
N ALA B 62 9.43 12.06 -8.24
CA ALA B 62 9.83 11.33 -9.44
C ALA B 62 9.38 9.84 -9.38
N PRO B 63 9.56 9.18 -8.26
CA PRO B 63 9.23 7.72 -8.14
C PRO B 63 7.75 7.42 -8.33
N LEU B 64 6.90 8.31 -7.86
CA LEU B 64 5.46 8.11 -8.00
C LEU B 64 5.07 8.07 -9.47
N ILE B 65 5.65 8.94 -10.27
CA ILE B 65 5.34 8.98 -11.69
C ILE B 65 5.75 7.66 -12.36
N ALA B 66 6.97 7.19 -12.07
CA ALA B 66 7.44 5.93 -12.65
C ALA B 66 6.62 4.75 -12.12
N SER B 67 6.26 4.83 -10.84
CA SER B 67 5.49 3.76 -10.21
C SER B 67 4.15 3.58 -10.92
N ASN B 68 3.57 4.68 -11.39
CA ASN B 68 2.30 4.63 -12.07
C ASN B 68 2.32 3.56 -13.17
N ALA B 69 3.48 3.37 -13.79
CA ALA B 69 3.61 2.37 -14.84
C ALA B 69 3.25 0.98 -14.31
N VAL B 70 3.81 0.64 -13.15
CA VAL B 70 3.55 -0.66 -12.53
C VAL B 70 2.11 -0.72 -12.01
N THR B 71 1.61 0.42 -11.56
CA THR B 71 0.25 0.50 -11.02
C THR B 71 -0.76 0.02 -12.06
N MET B 72 -0.57 0.43 -13.31
CA MET B 72 -1.49 0.04 -14.37
C MET B 72 -1.64 -1.49 -14.41
N LEU B 73 -0.52 -2.19 -14.28
CA LEU B 73 -0.55 -3.65 -14.28
C LEU B 73 -1.28 -4.17 -13.04
N LEU B 74 -1.06 -3.49 -11.92
CA LEU B 74 -1.69 -3.88 -10.66
C LEU B 74 -3.21 -3.81 -10.75
N ALA B 75 -3.70 -2.86 -11.55
CA ALA B 75 -5.14 -2.68 -11.71
C ALA B 75 -5.80 -4.00 -12.09
N GLY B 76 -5.04 -4.88 -12.73
CA GLY B 76 -5.57 -6.18 -13.14
C GLY B 76 -6.13 -6.92 -11.93
N GLY B 77 -5.53 -6.71 -10.77
CA GLY B 77 -5.98 -7.37 -9.54
C GLY B 77 -7.39 -6.92 -9.18
N ILE B 78 -7.69 -5.64 -9.44
CA ILE B 78 -9.01 -5.09 -9.14
C ILE B 78 -10.07 -5.79 -9.98
N LEU B 79 -9.77 -5.98 -11.26
CA LEU B 79 -10.72 -6.64 -12.15
C LEU B 79 -11.02 -8.07 -11.67
N VAL B 80 -9.98 -8.77 -11.22
CA VAL B 80 -10.15 -10.14 -10.75
C VAL B 80 -11.07 -10.17 -9.53
N MET B 81 -10.89 -9.20 -8.63
CA MET B 81 -11.72 -9.13 -7.43
C MET B 81 -13.20 -9.01 -7.81
N LYS B 82 -13.48 -8.20 -8.83
CA LYS B 82 -14.86 -8.03 -9.29
C LYS B 82 -15.43 -9.34 -9.80
N LEU B 83 -14.58 -10.13 -10.44
CA LEU B 83 -15.02 -11.41 -10.99
C LEU B 83 -15.53 -12.32 -9.86
N ARG B 84 -14.79 -12.36 -8.76
CA ARG B 84 -15.19 -13.21 -7.64
C ARG B 84 -16.53 -12.76 -7.07
N TYR B 85 -16.69 -11.45 -6.89
CA TYR B 85 -17.94 -10.88 -6.36
C TYR B 85 -18.73 -10.20 -7.47
N GLY B 86 -18.27 -9.03 -7.88
CA GLY B 86 -18.95 -8.28 -8.94
C GLY B 86 -20.42 -8.04 -8.59
N MET A 1 4.96 26.49 5.53
CA MET A 1 4.66 27.52 4.48
C MET A 1 4.10 26.83 3.24
N ASP A 2 3.92 25.53 3.32
CA ASP A 2 3.41 24.75 2.20
C ASP A 2 3.35 23.27 2.55
N PRO A 3 4.40 22.75 3.13
CA PRO A 3 4.49 21.31 3.50
C PRO A 3 3.34 20.89 4.42
N PHE A 4 2.98 21.78 5.35
CA PHE A 4 1.91 21.48 6.29
C PHE A 4 0.56 21.39 5.56
N LEU A 5 0.39 22.22 4.55
CA LEU A 5 -0.84 22.22 3.77
C LEU A 5 -0.96 20.93 2.97
N ILE A 6 0.16 20.47 2.44
CA ILE A 6 0.16 19.25 1.63
C ILE A 6 -0.18 18.02 2.47
N LYS A 7 0.54 17.87 3.58
CA LYS A 7 0.33 16.73 4.44
C LYS A 7 -1.03 16.79 5.11
N LEU A 8 -1.45 17.99 5.49
CA LEU A 8 -2.74 18.14 6.14
C LEU A 8 -3.88 17.76 5.19
N ILE A 9 -3.84 18.32 3.98
CA ILE A 9 -4.86 18.02 2.98
C ILE A 9 -4.75 16.56 2.51
N GLY A 10 -3.51 16.13 2.24
CA GLY A 10 -3.26 14.79 1.76
C GLY A 10 -3.79 13.75 2.75
N PHE A 11 -3.60 14.03 4.04
CA PHE A 11 -4.07 13.11 5.07
C PHE A 11 -5.58 12.96 5.00
N ALA A 12 -6.27 14.09 4.88
CA ALA A 12 -7.73 14.06 4.82
C ALA A 12 -8.20 13.09 3.75
N ALA A 13 -7.63 13.21 2.56
CA ALA A 13 -8.01 12.33 1.45
C ALA A 13 -7.48 10.91 1.67
N ALA A 14 -6.22 10.82 2.05
CA ALA A 14 -5.57 9.53 2.29
C ALA A 14 -6.22 8.79 3.46
N THR A 15 -7.00 9.51 4.24
CA THR A 15 -7.66 8.92 5.39
C THR A 15 -8.54 7.76 4.96
N CYS A 16 -9.17 7.91 3.79
CA CYS A 16 -10.06 6.90 3.28
C CYS A 16 -9.33 5.56 3.12
N THR A 17 -8.20 5.60 2.45
CA THR A 17 -7.44 4.39 2.22
C THR A 17 -6.93 3.80 3.54
N THR A 18 -6.25 4.62 4.34
CA THR A 18 -5.70 4.16 5.60
C THR A 18 -6.80 3.56 6.48
N VAL A 19 -7.91 4.27 6.59
CA VAL A 19 -9.02 3.80 7.40
C VAL A 19 -9.61 2.54 6.81
N ALA A 20 -9.64 2.46 5.48
CA ALA A 20 -10.17 1.29 4.78
C ALA A 20 -9.22 0.12 4.87
N TYR A 21 -7.93 0.42 4.94
CA TYR A 21 -6.91 -0.63 4.98
C TYR A 21 -6.95 -1.45 6.28
N ALA A 22 -6.99 -0.77 7.40
CA ALA A 22 -6.98 -1.43 8.70
C ALA A 22 -8.09 -2.49 8.81
N PRO A 23 -9.30 -2.12 8.53
CA PRO A 23 -10.45 -3.05 8.61
C PRO A 23 -10.22 -4.36 7.84
N GLN A 24 -9.49 -4.27 6.73
CA GLN A 24 -9.23 -5.46 5.92
C GLN A 24 -8.45 -6.49 6.72
N PHE A 25 -8.03 -6.12 7.92
CA PHE A 25 -7.28 -7.03 8.77
C PHE A 25 -8.10 -8.29 9.06
N ILE A 26 -9.36 -8.11 9.40
CA ILE A 26 -10.22 -9.24 9.70
C ILE A 26 -10.44 -10.11 8.45
N LYS A 27 -10.66 -9.44 7.34
CA LYS A 27 -10.89 -10.15 6.07
C LYS A 27 -9.65 -10.92 5.65
N VAL A 28 -8.48 -10.30 5.82
CA VAL A 28 -7.22 -10.93 5.45
C VAL A 28 -7.06 -12.23 6.22
N LEU A 29 -7.38 -12.20 7.50
CA LEU A 29 -7.26 -13.38 8.32
C LEU A 29 -8.19 -14.49 7.85
N LYS A 30 -9.42 -14.12 7.49
CA LYS A 30 -10.41 -15.08 7.03
C LYS A 30 -10.31 -15.28 5.52
N THR A 31 -9.31 -14.67 4.91
CA THR A 31 -9.14 -14.78 3.46
C THR A 31 -8.66 -16.17 3.09
N ARG A 32 -8.35 -16.98 4.10
CA ARG A 32 -7.89 -18.34 3.84
C ARG A 32 -6.70 -18.34 2.89
N SER A 33 -5.62 -17.65 3.28
CA SER A 33 -4.44 -17.57 2.42
C SER A 33 -3.64 -18.86 2.49
N ALA A 34 -3.03 -19.22 1.38
CA ALA A 34 -2.25 -20.44 1.30
C ALA A 34 -0.91 -20.28 2.03
N ARG A 35 -0.53 -21.31 2.79
CA ARG A 35 0.73 -21.28 3.51
C ARG A 35 1.91 -21.29 2.54
N ASP A 36 1.69 -21.83 1.35
CA ASP A 36 2.74 -21.92 0.35
C ASP A 36 3.10 -20.55 -0.21
N ILE A 37 2.51 -19.51 0.37
CA ILE A 37 2.79 -18.14 -0.06
C ILE A 37 4.06 -17.63 0.62
N SER A 38 4.99 -17.13 -0.16
CA SER A 38 6.25 -16.61 0.37
C SER A 38 6.03 -15.29 1.11
N LEU A 39 6.10 -15.36 2.43
CA LEU A 39 5.93 -14.17 3.26
C LEU A 39 7.06 -13.18 3.01
N GLY A 40 8.13 -13.67 2.38
CA GLY A 40 9.28 -12.82 2.10
C GLY A 40 8.87 -11.58 1.32
N MET A 41 7.85 -11.73 0.48
CA MET A 41 7.37 -10.60 -0.32
C MET A 41 6.87 -9.48 0.59
N PHE A 42 6.10 -9.85 1.62
CA PHE A 42 5.59 -8.86 2.56
C PHE A 42 6.73 -8.25 3.37
N LEU A 43 7.74 -9.06 3.64
CA LEU A 43 8.89 -8.58 4.40
C LEU A 43 9.59 -7.45 3.65
N VAL A 44 9.72 -7.62 2.35
CA VAL A 44 10.38 -6.61 1.51
C VAL A 44 9.57 -5.32 1.56
N MET A 45 8.25 -5.43 1.47
CA MET A 45 7.39 -4.25 1.50
C MET A 45 7.57 -3.49 2.81
N VAL A 46 7.71 -4.22 3.91
CA VAL A 46 7.89 -3.59 5.21
C VAL A 46 9.19 -2.78 5.23
N LEU A 47 10.25 -3.33 4.66
CA LEU A 47 11.53 -2.63 4.65
C LEU A 47 11.41 -1.31 3.90
N GLY A 48 10.73 -1.35 2.76
CA GLY A 48 10.54 -0.15 1.96
C GLY A 48 9.75 0.90 2.74
N LEU A 49 8.72 0.43 3.44
CA LEU A 49 7.90 1.33 4.25
C LEU A 49 8.72 1.96 5.36
N ALA A 50 9.59 1.16 5.98
CA ALA A 50 10.42 1.64 7.08
C ALA A 50 11.25 2.83 6.61
N LEU A 51 11.79 2.75 5.41
CA LEU A 51 12.59 3.83 4.85
C LEU A 51 11.71 5.04 4.57
N TRP A 52 10.48 4.79 4.13
CA TRP A 52 9.54 5.86 3.81
C TRP A 52 9.32 6.74 5.04
N LEU A 53 9.31 6.13 6.21
CA LEU A 53 9.09 6.86 7.45
C LEU A 53 10.19 7.91 7.63
N ILE A 54 11.42 7.54 7.33
CA ILE A 54 12.53 8.48 7.47
C ILE A 54 12.34 9.67 6.55
N TYR A 55 12.01 9.39 5.28
CA TYR A 55 11.80 10.44 4.30
C TYR A 55 10.56 11.27 4.67
N GLY A 56 9.52 10.59 5.09
CA GLY A 56 8.29 11.26 5.48
C GLY A 56 8.50 12.10 6.73
N LEU A 57 9.35 11.61 7.63
CA LEU A 57 9.61 12.32 8.88
C LEU A 57 10.21 13.69 8.62
N LEU A 58 11.25 13.73 7.81
CA LEU A 58 11.92 14.99 7.49
C LEU A 58 11.05 15.83 6.56
N SER A 59 10.07 15.18 5.91
CA SER A 59 9.18 15.87 4.99
C SER A 59 8.00 16.47 5.75
N GLY A 60 7.83 16.05 7.01
CA GLY A 60 6.74 16.55 7.82
C GLY A 60 5.40 16.00 7.34
N ASP A 61 5.43 14.81 6.76
CA ASP A 61 4.21 14.18 6.26
C ASP A 61 3.28 13.82 7.42
N ALA A 62 1.99 13.96 7.18
CA ALA A 62 0.97 13.65 8.18
C ALA A 62 0.69 12.13 8.23
N PRO A 63 0.38 11.55 7.11
CA PRO A 63 0.05 10.09 7.01
C PRO A 63 1.09 9.24 7.73
N LEU A 64 2.29 9.78 7.90
CA LEU A 64 3.35 9.04 8.53
C LEU A 64 2.94 8.62 9.95
N ILE A 65 2.36 9.55 10.70
CA ILE A 65 1.93 9.23 12.07
C ILE A 65 0.75 8.25 12.07
N ALA A 66 -0.25 8.55 11.25
CA ALA A 66 -1.43 7.69 11.16
C ALA A 66 -1.07 6.33 10.58
N SER A 67 -0.15 6.34 9.61
CA SER A 67 0.28 5.10 8.98
C SER A 67 0.92 4.17 10.00
N ASN A 68 1.69 4.75 10.93
CA ASN A 68 2.36 3.94 11.94
C ASN A 68 1.33 3.19 12.78
N ALA A 69 0.29 3.89 13.23
CA ALA A 69 -0.75 3.24 14.04
C ALA A 69 -1.49 2.19 13.22
N VAL A 70 -1.88 2.56 12.00
CA VAL A 70 -2.59 1.63 11.13
C VAL A 70 -1.71 0.45 10.77
N THR A 71 -0.44 0.73 10.49
CA THR A 71 0.51 -0.31 10.11
C THR A 71 0.60 -1.37 11.22
N MET A 72 0.65 -0.90 12.47
CA MET A 72 0.75 -1.83 13.60
C MET A 72 -0.44 -2.78 13.61
N LEU A 73 -1.64 -2.24 13.42
CA LEU A 73 -2.84 -3.07 13.41
C LEU A 73 -2.88 -3.94 12.15
N LEU A 74 -2.59 -3.32 11.01
CA LEU A 74 -2.59 -4.04 9.75
C LEU A 74 -1.48 -5.10 9.73
N ALA A 75 -0.37 -4.78 10.38
CA ALA A 75 0.76 -5.69 10.42
C ALA A 75 0.33 -7.07 10.90
N GLY A 76 -0.75 -7.10 11.67
CA GLY A 76 -1.26 -8.37 12.20
C GLY A 76 -1.30 -9.44 11.10
N GLY A 77 -1.43 -9.00 9.86
CA GLY A 77 -1.48 -9.92 8.73
C GLY A 77 -0.18 -10.71 8.62
N ILE A 78 0.93 -10.07 9.01
CA ILE A 78 2.23 -10.72 8.95
C ILE A 78 2.27 -11.93 9.88
N LEU A 79 1.74 -11.76 11.09
CA LEU A 79 1.72 -12.86 12.06
C LEU A 79 0.89 -14.02 11.52
N VAL A 80 -0.23 -13.70 10.89
CA VAL A 80 -1.10 -14.72 10.33
C VAL A 80 -0.36 -15.52 9.26
N MET A 81 0.34 -14.82 8.39
CA MET A 81 1.09 -15.48 7.31
C MET A 81 2.19 -16.36 7.89
N LYS A 82 2.85 -15.87 8.93
CA LYS A 82 3.93 -16.62 9.56
C LYS A 82 3.39 -17.93 10.12
N LEU A 83 2.23 -17.87 10.76
CA LEU A 83 1.61 -19.06 11.34
C LEU A 83 1.26 -20.07 10.25
N ARG A 84 0.72 -19.56 9.15
CA ARG A 84 0.34 -20.44 8.04
C ARG A 84 1.56 -21.14 7.47
N TYR A 85 2.64 -20.40 7.32
CA TYR A 85 3.87 -20.98 6.78
C TYR A 85 4.38 -22.08 7.69
N GLY A 86 4.70 -23.23 7.09
CA GLY A 86 5.21 -24.37 7.86
C GLY A 86 6.71 -24.26 8.08
N MET B 1 15.06 22.17 -6.26
CA MET B 1 16.00 22.72 -5.25
C MET B 1 15.93 21.87 -3.98
N ASP B 2 15.13 20.81 -4.03
CA ASP B 2 14.97 19.93 -2.87
C ASP B 2 13.96 18.82 -3.19
N PRO B 3 12.85 19.18 -3.77
CA PRO B 3 11.77 18.20 -4.10
C PRO B 3 12.29 17.07 -4.99
N PHE B 4 13.14 17.43 -5.95
CA PHE B 4 13.69 16.45 -6.87
C PHE B 4 14.59 15.46 -6.12
N LEU B 5 15.31 15.95 -5.13
CA LEU B 5 16.19 15.10 -4.34
C LEU B 5 15.38 14.13 -3.50
N ILE B 6 14.26 14.59 -2.97
CA ILE B 6 13.41 13.76 -2.13
C ILE B 6 12.78 12.63 -2.93
N LYS B 7 12.15 12.99 -4.04
CA LYS B 7 11.49 12.01 -4.88
C LYS B 7 12.50 11.08 -5.52
N LEU B 8 13.63 11.62 -5.94
CA LEU B 8 14.66 10.80 -6.58
C LEU B 8 15.19 9.76 -5.61
N ILE B 9 15.57 10.21 -4.41
CA ILE B 9 16.10 9.31 -3.40
C ILE B 9 15.01 8.37 -2.89
N GLY B 10 13.83 8.94 -2.62
CA GLY B 10 12.71 8.17 -2.11
C GLY B 10 12.35 7.04 -3.07
N PHE B 11 12.38 7.34 -4.36
CA PHE B 11 12.06 6.33 -5.37
C PHE B 11 13.03 5.17 -5.28
N ALA B 12 14.32 5.47 -5.18
CA ALA B 12 15.33 4.43 -5.10
C ALA B 12 15.00 3.44 -3.99
N ALA B 13 14.69 3.96 -2.82
CA ALA B 13 14.36 3.09 -1.68
C ALA B 13 12.97 2.45 -1.87
N ALA B 14 12.01 3.26 -2.26
CA ALA B 14 10.64 2.80 -2.48
C ALA B 14 10.57 1.80 -3.62
N THR B 15 11.63 1.73 -4.41
CA THR B 15 11.65 0.82 -5.54
C THR B 15 11.48 -0.62 -5.07
N CYS B 16 12.05 -0.92 -3.90
CA CYS B 16 11.97 -2.26 -3.35
C CYS B 16 10.52 -2.69 -3.16
N THR B 17 9.74 -1.85 -2.50
CA THR B 17 8.34 -2.17 -2.26
C THR B 17 7.57 -2.26 -3.56
N THR B 18 7.65 -1.22 -4.38
CA THR B 18 6.92 -1.20 -5.64
C THR B 18 7.26 -2.41 -6.50
N VAL B 19 8.55 -2.69 -6.61
CA VAL B 19 9.01 -3.83 -7.40
C VAL B 19 8.55 -5.13 -6.77
N ALA B 20 8.53 -5.17 -5.45
CA ALA B 20 8.09 -6.35 -4.71
C ALA B 20 6.59 -6.52 -4.77
N TYR B 21 5.88 -5.39 -4.87
CA TYR B 21 4.42 -5.44 -4.90
C TYR B 21 3.86 -6.06 -6.16
N ALA B 22 4.36 -5.64 -7.31
CA ALA B 22 3.85 -6.14 -8.59
C ALA B 22 3.90 -7.67 -8.66
N PRO B 23 5.04 -8.26 -8.37
CA PRO B 23 5.20 -9.74 -8.41
C PRO B 23 4.12 -10.47 -7.61
N GLN B 24 3.68 -9.87 -6.51
CA GLN B 24 2.66 -10.51 -5.68
C GLN B 24 1.36 -10.72 -6.47
N PHE B 25 1.32 -10.18 -7.67
CA PHE B 25 0.14 -10.33 -8.51
C PHE B 25 -0.16 -11.81 -8.75
N ILE B 26 0.85 -12.58 -9.08
CA ILE B 26 0.66 -14.00 -9.36
C ILE B 26 0.22 -14.74 -8.09
N LYS B 27 0.85 -14.39 -6.97
CA LYS B 27 0.55 -15.02 -5.69
C LYS B 27 -0.88 -14.68 -5.26
N VAL B 28 -1.27 -13.43 -5.46
CA VAL B 28 -2.61 -12.97 -5.09
C VAL B 28 -3.65 -13.80 -5.83
N LEU B 29 -3.41 -14.05 -7.10
CA LEU B 29 -4.34 -14.81 -7.91
C LEU B 29 -4.45 -16.25 -7.39
N LYS B 30 -3.31 -16.83 -7.03
CA LYS B 30 -3.28 -18.21 -6.52
C LYS B 30 -3.47 -18.24 -5.01
N THR B 31 -3.74 -17.08 -4.42
CA THR B 31 -3.94 -17.00 -2.98
C THR B 31 -5.26 -17.64 -2.59
N ARG B 32 -6.06 -18.03 -3.57
CA ARG B 32 -7.33 -18.67 -3.28
C ARG B 32 -8.17 -17.81 -2.35
N SER B 33 -8.45 -16.58 -2.76
CA SER B 33 -9.21 -15.66 -1.92
C SER B 33 -10.70 -16.01 -1.97
N ALA B 34 -11.38 -15.81 -0.84
CA ALA B 34 -12.80 -16.13 -0.76
C ALA B 34 -13.64 -15.09 -1.49
N ARG B 35 -14.63 -15.56 -2.22
CA ARG B 35 -15.53 -14.68 -2.96
C ARG B 35 -16.37 -13.84 -2.01
N ASP B 36 -16.56 -14.35 -0.80
CA ASP B 36 -17.37 -13.65 0.19
C ASP B 36 -16.65 -12.41 0.71
N ILE B 37 -15.51 -12.09 0.11
CA ILE B 37 -14.74 -10.91 0.50
C ILE B 37 -15.28 -9.68 -0.22
N SER B 38 -15.59 -8.64 0.55
CA SER B 38 -16.13 -7.41 -0.01
C SER B 38 -15.05 -6.65 -0.78
N LEU B 39 -15.16 -6.67 -2.10
CA LEU B 39 -14.21 -5.97 -2.97
C LEU B 39 -14.32 -4.47 -2.74
N GLY B 40 -15.42 -4.04 -2.11
CA GLY B 40 -15.64 -2.62 -1.87
C GLY B 40 -14.47 -2.01 -1.10
N MET B 41 -13.83 -2.82 -0.25
CA MET B 41 -12.68 -2.33 0.51
C MET B 41 -11.54 -1.91 -0.42
N PHE B 42 -11.28 -2.73 -1.42
CA PHE B 42 -10.23 -2.42 -2.39
C PHE B 42 -10.62 -1.21 -3.22
N LEU B 43 -11.91 -1.07 -3.49
CA LEU B 43 -12.40 0.05 -4.27
C LEU B 43 -12.09 1.37 -3.55
N VAL B 44 -12.29 1.38 -2.25
CA VAL B 44 -12.04 2.57 -1.46
C VAL B 44 -10.56 2.94 -1.52
N MET B 45 -9.70 1.92 -1.42
CA MET B 45 -8.25 2.15 -1.47
C MET B 45 -7.87 2.79 -2.80
N VAL B 46 -8.48 2.34 -3.88
CA VAL B 46 -8.19 2.88 -5.19
C VAL B 46 -8.53 4.36 -5.26
N LEU B 47 -9.67 4.74 -4.69
CA LEU B 47 -10.09 6.13 -4.70
C LEU B 47 -9.07 7.00 -3.97
N GLY B 48 -8.60 6.53 -2.83
CA GLY B 48 -7.61 7.27 -2.07
C GLY B 48 -6.33 7.43 -2.86
N LEU B 49 -5.92 6.36 -3.54
CA LEU B 49 -4.72 6.40 -4.36
C LEU B 49 -4.88 7.39 -5.50
N ALA B 50 -6.06 7.41 -6.11
CA ALA B 50 -6.32 8.32 -7.23
C ALA B 50 -6.08 9.76 -6.80
N LEU B 51 -6.51 10.10 -5.60
CA LEU B 51 -6.31 11.46 -5.08
C LEU B 51 -4.82 11.72 -4.81
N TRP B 52 -4.12 10.68 -4.36
CA TRP B 52 -2.70 10.79 -4.06
C TRP B 52 -1.94 11.22 -5.31
N LEU B 53 -2.38 10.74 -6.47
CA LEU B 53 -1.71 11.09 -7.72
C LEU B 53 -1.75 12.59 -7.95
N ILE B 54 -2.89 13.21 -7.64
CA ILE B 54 -3.02 14.64 -7.82
C ILE B 54 -2.03 15.38 -6.92
N TYR B 55 -1.99 14.99 -5.65
CA TYR B 55 -1.08 15.61 -4.70
C TYR B 55 0.37 15.32 -5.07
N GLY B 56 0.63 14.09 -5.47
CA GLY B 56 1.97 13.69 -5.86
C GLY B 56 2.41 14.41 -7.14
N LEU B 57 1.44 14.64 -8.03
CA LEU B 57 1.74 15.30 -9.30
C LEU B 57 2.29 16.70 -9.08
N LEU B 58 1.59 17.47 -8.29
CA LEU B 58 2.01 18.84 -8.00
C LEU B 58 3.22 18.85 -7.08
N SER B 59 3.46 17.73 -6.41
CA SER B 59 4.59 17.61 -5.50
C SER B 59 5.84 17.19 -6.26
N GLY B 60 5.65 16.74 -7.49
CA GLY B 60 6.78 16.30 -8.31
C GLY B 60 7.34 14.98 -7.81
N ASP B 61 6.48 14.17 -7.20
CA ASP B 61 6.91 12.88 -6.67
C ASP B 61 7.31 11.94 -7.81
N ALA B 62 8.33 11.13 -7.56
CA ALA B 62 8.82 10.18 -8.54
C ALA B 62 7.98 8.90 -8.55
N PRO B 63 7.77 8.29 -7.40
CA PRO B 63 7.00 7.02 -7.29
C PRO B 63 5.64 7.15 -7.97
N LEU B 64 5.18 8.36 -8.18
CA LEU B 64 3.89 8.56 -8.80
C LEU B 64 3.86 7.94 -10.20
N ILE B 65 4.92 8.17 -10.97
CA ILE B 65 5.00 7.61 -12.32
C ILE B 65 5.14 6.08 -12.28
N ALA B 66 6.07 5.61 -11.46
CA ALA B 66 6.32 4.18 -11.34
C ALA B 66 5.10 3.48 -10.73
N SER B 67 4.48 4.15 -9.77
CA SER B 67 3.30 3.59 -9.11
C SER B 67 2.18 3.37 -10.12
N ASN B 68 2.03 4.29 -11.06
CA ASN B 68 0.98 4.16 -12.06
C ASN B 68 1.16 2.88 -12.88
N ALA B 69 2.38 2.64 -13.33
CA ALA B 69 2.67 1.43 -14.11
C ALA B 69 2.45 0.18 -13.25
N VAL B 70 3.00 0.19 -12.05
CA VAL B 70 2.88 -0.94 -11.13
C VAL B 70 1.42 -1.15 -10.75
N THR B 71 0.72 -0.06 -10.50
CA THR B 71 -0.68 -0.12 -10.10
C THR B 71 -1.50 -0.83 -11.19
N MET B 72 -1.23 -0.51 -12.46
CA MET B 72 -1.97 -1.11 -13.56
C MET B 72 -1.78 -2.63 -13.54
N LEU B 73 -0.55 -3.08 -13.34
CA LEU B 73 -0.28 -4.52 -13.29
C LEU B 73 -0.85 -5.13 -12.01
N LEU B 74 -0.62 -4.46 -10.89
CA LEU B 74 -1.11 -4.94 -9.61
C LEU B 74 -2.63 -4.91 -9.58
N ALA B 75 -3.20 -3.92 -10.25
CA ALA B 75 -4.65 -3.76 -10.28
C ALA B 75 -5.32 -5.07 -10.72
N GLY B 76 -4.59 -5.88 -11.48
CA GLY B 76 -5.12 -7.14 -11.97
C GLY B 76 -5.83 -7.90 -10.84
N GLY B 77 -5.41 -7.65 -9.61
CA GLY B 77 -6.02 -8.30 -8.46
C GLY B 77 -7.50 -7.94 -8.35
N ILE B 78 -7.84 -6.72 -8.76
CA ILE B 78 -9.22 -6.26 -8.69
C ILE B 78 -10.11 -7.13 -9.58
N LEU B 79 -9.63 -7.41 -10.80
CA LEU B 79 -10.39 -8.23 -11.73
C LEU B 79 -10.62 -9.61 -11.16
N VAL B 80 -9.58 -10.16 -10.52
CA VAL B 80 -9.68 -11.49 -9.93
C VAL B 80 -10.76 -11.52 -8.85
N MET B 81 -10.75 -10.49 -8.00
CA MET B 81 -11.74 -10.40 -6.92
C MET B 81 -13.14 -10.27 -7.48
N LYS B 82 -13.28 -9.49 -8.55
CA LYS B 82 -14.59 -9.28 -9.17
C LYS B 82 -15.13 -10.61 -9.69
N LEU B 83 -14.27 -11.40 -10.32
CA LEU B 83 -14.67 -12.69 -10.86
C LEU B 83 -15.12 -13.63 -9.74
N ARG B 84 -14.37 -13.62 -8.64
CA ARG B 84 -14.70 -14.48 -7.52
C ARG B 84 -16.06 -14.11 -6.94
N TYR B 85 -16.31 -12.82 -6.81
CA TYR B 85 -17.58 -12.34 -6.28
C TYR B 85 -18.73 -12.80 -7.17
N GLY B 86 -19.76 -13.36 -6.54
CA GLY B 86 -20.92 -13.84 -7.28
C GLY B 86 -21.92 -12.71 -7.52
#